data_1Z2Q
#
_entry.id   1Z2Q
#
_entity_poly.entity_id   1
_entity_poly.type   'polypeptide(L)'
_entity_poly.pdbx_seq_one_letter_code
;GPLGSMGEKQSKGYWQEDEDAPACNGCGCVFTTTVRRHHCRNCGYVLCGDCSRHRAAIPMRGITEPERVCDACYLALRSS
NMAG
;
_entity_poly.pdbx_strand_id   A
#
# COMPACT_ATOMS: atom_id res chain seq x y z
N GLY A 1 -5.48 20.08 -28.46
CA GLY A 1 -5.92 18.79 -29.07
C GLY A 1 -6.12 17.70 -28.04
N PRO A 2 -7.18 16.88 -28.20
CA PRO A 2 -7.47 15.78 -27.27
C PRO A 2 -6.32 14.78 -27.19
N LEU A 3 -6.17 14.17 -26.01
CA LEU A 3 -5.12 13.19 -25.80
C LEU A 3 -5.27 12.01 -26.75
N GLY A 4 -6.51 11.68 -27.09
CA GLY A 4 -6.76 10.57 -27.98
C GLY A 4 -6.95 9.25 -27.24
N SER A 5 -6.70 8.15 -27.94
CA SER A 5 -6.83 6.82 -27.35
C SER A 5 -5.92 6.66 -26.13
N MET A 6 -4.76 7.30 -26.17
CA MET A 6 -3.80 7.21 -25.08
C MET A 6 -3.75 8.52 -24.28
N GLY A 7 -3.55 8.39 -22.98
CA GLY A 7 -3.47 9.57 -22.12
C GLY A 7 -2.68 9.31 -20.86
N GLU A 8 -1.79 10.23 -20.51
CA GLU A 8 -0.96 10.11 -19.33
C GLU A 8 -1.64 10.71 -18.10
N LYS A 9 -2.93 11.01 -18.23
CA LYS A 9 -3.68 11.57 -17.11
C LYS A 9 -3.94 10.49 -16.08
N GLN A 10 -3.50 9.27 -16.41
CA GLN A 10 -3.66 8.12 -15.52
C GLN A 10 -2.83 8.29 -14.25
N SER A 11 -3.38 7.84 -13.13
CA SER A 11 -2.69 7.93 -11.85
C SER A 11 -2.46 6.55 -11.26
N LYS A 12 -1.40 6.42 -10.46
CA LYS A 12 -1.07 5.15 -9.83
C LYS A 12 -0.95 5.30 -8.32
N GLY A 13 -1.37 4.26 -7.59
CA GLY A 13 -1.30 4.29 -6.15
C GLY A 13 -2.16 5.39 -5.55
N TYR A 14 -3.44 5.12 -5.40
CA TYR A 14 -4.36 6.10 -4.83
C TYR A 14 -4.21 6.17 -3.32
N TRP A 15 -3.90 7.36 -2.82
CA TRP A 15 -3.73 7.57 -1.39
C TRP A 15 -5.05 8.03 -0.76
N GLN A 16 -5.57 7.23 0.17
CA GLN A 16 -6.80 7.55 0.86
C GLN A 16 -6.52 8.53 2.00
N GLU A 17 -7.25 9.63 2.01
CA GLU A 17 -7.08 10.68 3.01
C GLU A 17 -7.23 10.17 4.43
N ASP A 18 -6.56 10.85 5.35
CA ASP A 18 -6.60 10.52 6.76
C ASP A 18 -8.03 10.46 7.28
N GLU A 19 -8.81 11.47 6.90
CA GLU A 19 -10.20 11.56 7.34
C GLU A 19 -11.06 10.44 6.77
N ASP A 20 -10.86 10.13 5.49
CA ASP A 20 -11.62 9.07 4.84
C ASP A 20 -11.25 7.71 5.41
N ALA A 21 -9.98 7.57 5.79
CA ALA A 21 -9.48 6.32 6.36
C ALA A 21 -9.10 6.51 7.83
N PRO A 22 -10.10 6.61 8.71
CA PRO A 22 -9.88 6.79 10.15
C PRO A 22 -9.45 5.52 10.85
N ALA A 23 -9.57 4.41 10.15
CA ALA A 23 -9.19 3.10 10.68
C ALA A 23 -8.37 2.32 9.66
N CYS A 24 -7.56 1.39 10.13
CA CYS A 24 -6.72 0.60 9.24
C CYS A 24 -7.53 -0.22 8.26
N ASN A 25 -7.26 0.01 6.97
CA ASN A 25 -7.94 -0.71 5.91
C ASN A 25 -7.69 -2.21 5.99
N GLY A 26 -6.56 -2.58 6.58
CA GLY A 26 -6.20 -3.98 6.69
C GLY A 26 -6.76 -4.67 7.92
N CYS A 27 -6.45 -4.14 9.10
CA CYS A 27 -6.90 -4.76 10.35
C CYS A 27 -8.06 -4.01 11.00
N GLY A 28 -8.45 -2.87 10.41
CA GLY A 28 -9.56 -2.11 10.96
C GLY A 28 -9.25 -1.42 12.27
N CYS A 29 -7.97 -1.39 12.66
CA CYS A 29 -7.58 -0.74 13.91
C CYS A 29 -7.69 0.77 13.77
N VAL A 30 -8.11 1.43 14.84
CA VAL A 30 -8.28 2.87 14.84
C VAL A 30 -6.96 3.60 15.06
N PHE A 31 -6.75 4.67 14.30
CA PHE A 31 -5.54 5.45 14.41
C PHE A 31 -5.67 6.46 15.55
N THR A 32 -4.63 6.55 16.35
CA THR A 32 -4.58 7.45 17.50
C THR A 32 -3.35 8.35 17.45
N THR A 33 -3.31 9.31 18.37
CA THR A 33 -2.19 10.25 18.46
C THR A 33 -0.84 9.53 18.47
N THR A 34 -0.75 8.43 19.21
CA THR A 34 0.50 7.69 19.30
C THR A 34 0.77 6.89 18.03
N VAL A 35 -0.29 6.52 17.31
CA VAL A 35 -0.12 5.76 16.08
C VAL A 35 -0.06 6.67 14.87
N ARG A 36 1.10 6.70 14.25
CA ARG A 36 1.31 7.51 13.05
C ARG A 36 0.61 6.86 11.85
N ARG A 37 0.08 7.70 10.98
CA ARG A 37 -0.62 7.23 9.79
C ARG A 37 0.35 6.99 8.65
N HIS A 38 0.11 5.94 7.88
CA HIS A 38 0.99 5.61 6.76
C HIS A 38 0.20 5.05 5.58
N HIS A 39 0.88 4.93 4.44
CA HIS A 39 0.24 4.42 3.23
C HIS A 39 1.05 3.29 2.60
N CYS A 40 0.36 2.34 1.98
CA CYS A 40 0.99 1.21 1.31
C CYS A 40 1.24 1.60 -0.16
N ARG A 41 2.42 1.23 -0.67
CA ARG A 41 2.81 1.57 -2.03
C ARG A 41 2.06 0.76 -3.09
N ASN A 42 1.28 -0.21 -2.65
CA ASN A 42 0.52 -1.05 -3.56
C ASN A 42 -0.95 -0.63 -3.64
N CYS A 43 -1.69 -0.86 -2.57
CA CYS A 43 -3.10 -0.52 -2.54
C CYS A 43 -3.34 0.97 -2.35
N GLY A 44 -2.36 1.65 -1.77
CA GLY A 44 -2.48 3.08 -1.56
C GLY A 44 -3.45 3.42 -0.45
N TYR A 45 -3.69 2.46 0.44
CA TYR A 45 -4.59 2.66 1.56
C TYR A 45 -3.81 3.00 2.81
N VAL A 46 -4.50 3.58 3.77
CA VAL A 46 -3.86 3.97 5.02
C VAL A 46 -3.60 2.76 5.91
N LEU A 47 -2.36 2.64 6.38
CA LEU A 47 -1.98 1.53 7.25
C LEU A 47 -1.18 2.04 8.44
N CYS A 48 -1.46 1.49 9.62
CA CYS A 48 -0.73 1.86 10.82
C CYS A 48 0.62 1.16 10.80
N GLY A 49 1.47 1.44 11.79
CA GLY A 49 2.76 0.80 11.82
C GLY A 49 2.67 -0.71 11.73
N ASP A 50 1.87 -1.28 12.63
CA ASP A 50 1.69 -2.74 12.69
C ASP A 50 1.22 -3.33 11.36
N CYS A 51 0.38 -2.58 10.66
CA CYS A 51 -0.15 -3.04 9.37
C CYS A 51 0.77 -2.66 8.22
N SER A 52 1.86 -1.96 8.55
CA SER A 52 2.82 -1.54 7.54
C SER A 52 4.23 -1.87 8.03
N ARG A 53 4.33 -2.93 8.84
CA ARG A 53 5.62 -3.36 9.35
C ARG A 53 6.33 -4.28 8.37
N HIS A 54 5.59 -4.82 7.39
CA HIS A 54 6.19 -5.71 6.40
C HIS A 54 6.89 -4.91 5.32
N ARG A 55 7.73 -5.60 4.54
CA ARG A 55 8.44 -4.95 3.45
C ARG A 55 8.51 -5.88 2.24
N ALA A 56 8.27 -5.32 1.06
CA ALA A 56 8.29 -6.10 -0.17
C ALA A 56 8.50 -5.22 -1.39
N ALA A 57 9.06 -5.79 -2.46
CA ALA A 57 9.29 -5.07 -3.70
C ALA A 57 8.06 -5.22 -4.59
N ILE A 58 7.85 -4.24 -5.47
CA ILE A 58 6.70 -4.28 -6.37
C ILE A 58 7.13 -4.03 -7.81
N PRO A 59 7.66 -5.07 -8.48
CA PRO A 59 8.14 -4.99 -9.86
C PRO A 59 7.05 -4.69 -10.88
N MET A 60 5.79 -4.72 -10.47
CA MET A 60 4.70 -4.42 -11.39
C MET A 60 4.42 -2.93 -11.35
N ARG A 61 4.52 -2.37 -10.15
CA ARG A 61 4.30 -0.95 -9.94
C ARG A 61 5.54 -0.15 -10.27
N GLY A 62 6.58 -0.86 -10.70
CA GLY A 62 7.83 -0.22 -11.04
C GLY A 62 8.81 -0.21 -9.89
N ILE A 63 8.46 -0.90 -8.82
CA ILE A 63 9.32 -0.97 -7.64
C ILE A 63 10.14 -2.25 -7.68
N THR A 64 11.41 -2.12 -8.04
CA THR A 64 12.31 -3.27 -8.13
C THR A 64 12.99 -3.54 -6.79
N GLU A 65 13.00 -2.54 -5.91
CA GLU A 65 13.60 -2.70 -4.60
C GLU A 65 12.50 -2.88 -3.56
N PRO A 66 12.73 -3.74 -2.55
CA PRO A 66 11.72 -3.98 -1.53
C PRO A 66 11.28 -2.69 -0.83
N GLU A 67 9.98 -2.44 -0.85
CA GLU A 67 9.42 -1.25 -0.24
C GLU A 67 8.34 -1.62 0.76
N ARG A 68 7.93 -0.65 1.57
CA ARG A 68 6.90 -0.87 2.59
C ARG A 68 5.53 -1.06 1.96
N VAL A 69 4.82 -2.05 2.49
CA VAL A 69 3.47 -2.38 2.04
C VAL A 69 2.63 -2.85 3.22
N CYS A 70 1.38 -3.20 2.96
CA CYS A 70 0.49 -3.70 4.00
C CYS A 70 0.48 -5.21 3.95
N ASP A 71 -0.45 -5.82 4.68
CA ASP A 71 -0.54 -7.28 4.72
C ASP A 71 -1.15 -7.88 3.45
N ALA A 72 -2.22 -7.29 2.95
CA ALA A 72 -2.87 -7.80 1.74
C ALA A 72 -2.01 -7.63 0.50
N CYS A 73 -1.43 -6.45 0.33
CA CYS A 73 -0.57 -6.18 -0.81
C CYS A 73 0.66 -7.07 -0.77
N TYR A 74 1.22 -7.25 0.41
CA TYR A 74 2.38 -8.10 0.56
C TYR A 74 2.07 -9.49 0.03
N LEU A 75 0.85 -9.95 0.32
CA LEU A 75 0.39 -11.27 -0.11
C LEU A 75 0.10 -11.33 -1.61
N ALA A 76 -0.71 -10.39 -2.11
CA ALA A 76 -1.07 -10.37 -3.52
C ALA A 76 0.18 -10.46 -4.38
N LEU A 77 1.18 -9.65 -4.08
CA LEU A 77 2.43 -9.70 -4.82
C LEU A 77 3.09 -11.04 -4.57
N ARG A 78 3.02 -11.48 -3.31
CA ARG A 78 3.57 -12.75 -2.88
C ARG A 78 3.00 -13.92 -3.67
N SER A 79 1.85 -13.70 -4.31
CA SER A 79 1.21 -14.74 -5.10
C SER A 79 2.11 -15.19 -6.25
N SER A 80 2.95 -14.28 -6.72
CA SER A 80 3.87 -14.58 -7.82
C SER A 80 4.85 -15.68 -7.43
N ASN A 81 5.35 -16.39 -8.44
CA ASN A 81 6.30 -17.47 -8.19
C ASN A 81 7.73 -16.96 -8.25
N MET A 82 8.55 -17.40 -7.31
CA MET A 82 9.94 -16.98 -7.24
C MET A 82 10.80 -17.80 -8.21
N ALA A 83 11.60 -17.10 -9.03
CA ALA A 83 12.46 -17.75 -9.99
C ALA A 83 13.52 -18.61 -9.30
N GLY A 84 13.86 -19.73 -9.92
CA GLY A 84 14.85 -20.62 -9.35
C GLY A 84 15.18 -21.79 -10.26
N GLY A 1 -8.48 -9.45 -25.21
CA GLY A 1 -9.91 -9.03 -25.15
C GLY A 1 -10.06 -7.62 -24.60
N PRO A 2 -9.71 -6.59 -25.40
CA PRO A 2 -9.80 -5.20 -25.00
C PRO A 2 -11.18 -4.84 -24.46
N LEU A 3 -11.23 -3.88 -23.54
CA LEU A 3 -12.49 -3.43 -22.96
C LEU A 3 -13.10 -2.31 -23.80
N GLY A 4 -14.41 -2.37 -23.99
CA GLY A 4 -15.09 -1.36 -24.78
C GLY A 4 -14.78 0.05 -24.29
N SER A 5 -14.59 0.21 -22.99
CA SER A 5 -14.28 1.51 -22.42
C SER A 5 -12.93 1.49 -21.71
N MET A 6 -12.23 2.63 -21.74
CA MET A 6 -10.93 2.73 -21.10
C MET A 6 -10.92 3.87 -20.09
N GLY A 7 -10.05 3.75 -19.09
CA GLY A 7 -9.94 4.78 -18.07
C GLY A 7 -8.53 4.91 -17.53
N GLU A 8 -7.55 4.93 -18.43
CA GLU A 8 -6.16 5.05 -18.03
C GLU A 8 -5.86 6.42 -17.41
N LYS A 9 -6.81 7.34 -17.53
CA LYS A 9 -6.65 8.66 -16.95
C LYS A 9 -6.51 8.53 -15.44
N GLN A 10 -6.71 7.31 -14.95
CA GLN A 10 -6.60 7.00 -13.54
C GLN A 10 -5.16 7.12 -13.07
N SER A 11 -4.99 7.49 -11.80
CA SER A 11 -3.65 7.65 -11.23
C SER A 11 -3.30 6.47 -10.33
N LYS A 12 -2.01 6.15 -10.25
CA LYS A 12 -1.54 5.05 -9.42
C LYS A 12 -1.06 5.55 -8.06
N GLY A 13 -1.26 4.74 -7.03
CA GLY A 13 -0.83 5.12 -5.70
C GLY A 13 -1.72 6.18 -5.08
N TYR A 14 -3.01 5.88 -4.95
CA TYR A 14 -3.96 6.82 -4.37
C TYR A 14 -3.81 6.86 -2.85
N TRP A 15 -3.55 8.04 -2.31
CA TRP A 15 -3.40 8.21 -0.87
C TRP A 15 -4.73 8.60 -0.22
N GLN A 16 -5.21 7.74 0.68
CA GLN A 16 -6.46 8.01 1.39
C GLN A 16 -6.18 8.91 2.59
N GLU A 17 -6.99 9.96 2.72
CA GLU A 17 -6.84 10.94 3.78
C GLU A 17 -7.03 10.35 5.18
N ASP A 18 -6.41 11.01 6.15
CA ASP A 18 -6.50 10.60 7.55
C ASP A 18 -7.96 10.53 8.00
N GLU A 19 -8.74 11.52 7.62
CA GLU A 19 -10.14 11.58 8.00
C GLU A 19 -10.97 10.46 7.37
N ASP A 20 -10.73 10.18 6.09
CA ASP A 20 -11.46 9.13 5.41
C ASP A 20 -11.03 7.76 5.92
N ALA A 21 -9.78 7.67 6.34
CA ALA A 21 -9.24 6.43 6.88
C ALA A 21 -8.97 6.56 8.37
N PRO A 22 -10.05 6.61 9.18
CA PRO A 22 -9.94 6.72 10.64
C PRO A 22 -9.47 5.43 11.29
N ALA A 23 -9.55 4.35 10.52
CA ALA A 23 -9.14 3.04 11.00
C ALA A 23 -8.33 2.31 9.93
N CYS A 24 -7.52 1.36 10.35
CA CYS A 24 -6.67 0.62 9.42
C CYS A 24 -7.50 -0.20 8.44
N ASN A 25 -7.25 0.03 7.15
CA ASN A 25 -7.94 -0.67 6.08
C ASN A 25 -7.70 -2.18 6.19
N GLY A 26 -6.58 -2.57 6.77
CA GLY A 26 -6.25 -3.98 6.88
C GLY A 26 -6.84 -4.66 8.11
N CYS A 27 -6.54 -4.13 9.29
CA CYS A 27 -7.02 -4.74 10.53
C CYS A 27 -8.18 -3.96 11.16
N GLY A 28 -8.57 -2.86 10.54
CA GLY A 28 -9.68 -2.07 11.07
C GLY A 28 -9.35 -1.37 12.38
N CYS A 29 -8.08 -1.40 12.78
CA CYS A 29 -7.68 -0.74 14.03
C CYS A 29 -7.77 0.77 13.88
N VAL A 30 -8.18 1.45 14.95
CA VAL A 30 -8.34 2.90 14.92
C VAL A 30 -7.02 3.63 15.13
N PHE A 31 -6.83 4.69 14.36
CA PHE A 31 -5.63 5.51 14.46
C PHE A 31 -5.76 6.54 15.57
N THR A 32 -4.69 6.67 16.35
CA THR A 32 -4.67 7.60 17.47
C THR A 32 -3.44 8.50 17.40
N THR A 33 -3.41 9.50 18.27
CA THR A 33 -2.31 10.46 18.31
C THR A 33 -0.95 9.76 18.29
N THR A 34 -0.83 8.66 19.02
CA THR A 34 0.43 7.94 19.07
C THR A 34 0.70 7.18 17.77
N VAL A 35 -0.35 6.83 17.03
CA VAL A 35 -0.16 6.10 15.78
C VAL A 35 -0.20 7.03 14.58
N ARG A 36 0.95 7.16 13.92
CA ARG A 36 1.08 7.99 12.75
C ARG A 36 0.45 7.32 11.53
N ARG A 37 -0.05 8.11 10.60
CA ARG A 37 -0.67 7.58 9.40
C ARG A 37 0.38 7.18 8.38
N HIS A 38 0.14 6.06 7.70
CA HIS A 38 1.06 5.56 6.70
C HIS A 38 0.30 5.03 5.48
N HIS A 39 0.99 4.91 4.37
CA HIS A 39 0.37 4.42 3.14
C HIS A 39 1.16 3.28 2.52
N CYS A 40 0.45 2.34 1.91
CA CYS A 40 1.08 1.21 1.23
C CYS A 40 1.31 1.59 -0.23
N ARG A 41 2.49 1.28 -0.75
CA ARG A 41 2.84 1.62 -2.12
C ARG A 41 2.09 0.79 -3.16
N ASN A 42 1.32 -0.17 -2.70
CA ASN A 42 0.56 -1.03 -3.61
C ASN A 42 -0.91 -0.63 -3.69
N CYS A 43 -1.65 -0.89 -2.63
CA CYS A 43 -3.08 -0.57 -2.59
C CYS A 43 -3.34 0.92 -2.38
N GLY A 44 -2.37 1.61 -1.78
CA GLY A 44 -2.53 3.04 -1.56
C GLY A 44 -3.50 3.35 -0.44
N TYR A 45 -3.71 2.38 0.45
CA TYR A 45 -4.61 2.57 1.58
C TYR A 45 -3.81 2.90 2.84
N VAL A 46 -4.50 3.47 3.81
CA VAL A 46 -3.85 3.84 5.07
C VAL A 46 -3.64 2.63 5.96
N LEU A 47 -2.41 2.44 6.43
CA LEU A 47 -2.08 1.32 7.31
C LEU A 47 -1.31 1.82 8.53
N CYS A 48 -1.59 1.23 9.68
CA CYS A 48 -0.88 1.59 10.90
C CYS A 48 0.46 0.88 10.89
N GLY A 49 1.30 1.10 11.91
CA GLY A 49 2.58 0.44 11.93
C GLY A 49 2.45 -1.07 11.82
N ASP A 50 1.62 -1.64 12.68
CA ASP A 50 1.40 -3.08 12.70
C ASP A 50 0.96 -3.63 11.35
N CYS A 51 0.19 -2.84 10.61
CA CYS A 51 -0.31 -3.25 9.30
C CYS A 51 0.62 -2.81 8.18
N SER A 52 1.69 -2.10 8.53
CA SER A 52 2.67 -1.63 7.55
C SER A 52 4.08 -1.96 8.02
N ARG A 53 4.20 -3.02 8.81
CA ARG A 53 5.51 -3.44 9.32
C ARG A 53 6.26 -4.30 8.31
N HIS A 54 5.53 -4.86 7.34
CA HIS A 54 6.15 -5.72 6.33
C HIS A 54 6.85 -4.90 5.26
N ARG A 55 7.68 -5.58 4.49
CA ARG A 55 8.42 -4.95 3.41
C ARG A 55 8.49 -5.87 2.20
N ALA A 56 8.24 -5.32 1.02
CA ALA A 56 8.27 -6.10 -0.20
C ALA A 56 8.49 -5.23 -1.42
N ALA A 57 9.06 -5.80 -2.47
CA ALA A 57 9.29 -5.07 -3.72
C ALA A 57 8.05 -5.17 -4.59
N ILE A 58 7.90 -4.23 -5.51
CA ILE A 58 6.74 -4.22 -6.39
C ILE A 58 7.18 -3.98 -7.84
N PRO A 59 7.69 -5.03 -8.50
CA PRO A 59 8.17 -4.95 -9.89
C PRO A 59 7.09 -4.64 -10.91
N MET A 60 5.82 -4.71 -10.52
CA MET A 60 4.73 -4.39 -11.43
C MET A 60 4.49 -2.89 -11.40
N ARG A 61 4.60 -2.32 -10.21
CA ARG A 61 4.41 -0.89 -10.00
C ARG A 61 5.70 -0.13 -10.31
N GLY A 62 6.72 -0.87 -10.74
CA GLY A 62 8.00 -0.26 -11.07
C GLY A 62 8.96 -0.25 -9.92
N ILE A 63 8.61 -0.96 -8.84
CA ILE A 63 9.46 -1.03 -7.67
C ILE A 63 10.23 -2.35 -7.65
N THR A 64 11.49 -2.30 -8.08
CA THR A 64 12.35 -3.48 -8.13
C THR A 64 13.02 -3.76 -6.79
N GLU A 65 13.04 -2.75 -5.92
CA GLU A 65 13.63 -2.90 -4.60
C GLU A 65 12.53 -3.08 -3.57
N PRO A 66 12.77 -3.89 -2.53
CA PRO A 66 11.75 -4.11 -1.50
C PRO A 66 11.34 -2.81 -0.84
N GLU A 67 10.03 -2.54 -0.86
CA GLU A 67 9.48 -1.33 -0.27
C GLU A 67 8.38 -1.67 0.73
N ARG A 68 7.98 -0.68 1.52
CA ARG A 68 6.94 -0.87 2.53
C ARG A 68 5.56 -1.05 1.91
N VAL A 69 4.83 -2.01 2.45
CA VAL A 69 3.47 -2.32 2.01
C VAL A 69 2.64 -2.79 3.19
N CYS A 70 1.38 -3.15 2.92
CA CYS A 70 0.49 -3.65 3.96
C CYS A 70 0.51 -5.18 3.93
N ASP A 71 -0.49 -5.80 4.55
CA ASP A 71 -0.54 -7.26 4.60
C ASP A 71 -1.14 -7.87 3.33
N ALA A 72 -2.22 -7.28 2.81
CA ALA A 72 -2.86 -7.81 1.62
C ALA A 72 -1.96 -7.65 0.39
N CYS A 73 -1.38 -6.46 0.22
CA CYS A 73 -0.49 -6.18 -0.90
C CYS A 73 0.73 -7.08 -0.85
N TYR A 74 1.26 -7.30 0.34
CA TYR A 74 2.42 -8.16 0.50
C TYR A 74 2.10 -9.54 -0.05
N LEU A 75 0.87 -9.98 0.20
CA LEU A 75 0.39 -11.29 -0.24
C LEU A 75 0.16 -11.35 -1.75
N ALA A 76 -0.59 -10.39 -2.27
CA ALA A 76 -0.90 -10.36 -3.70
C ALA A 76 0.37 -10.37 -4.53
N LEU A 77 1.34 -9.55 -4.17
CA LEU A 77 2.61 -9.51 -4.89
C LEU A 77 3.34 -10.83 -4.69
N ARG A 78 3.28 -11.31 -3.46
CA ARG A 78 3.93 -12.56 -3.07
C ARG A 78 3.39 -13.74 -3.88
N SER A 79 2.23 -13.56 -4.51
CA SER A 79 1.64 -14.63 -5.31
C SER A 79 2.55 -15.01 -6.47
N SER A 80 3.19 -14.01 -7.06
CA SER A 80 4.10 -14.23 -8.18
C SER A 80 5.37 -14.95 -7.73
N ASN A 81 6.01 -15.64 -8.67
CA ASN A 81 7.24 -16.37 -8.38
C ASN A 81 8.44 -15.56 -8.83
N MET A 82 9.41 -15.41 -7.92
CA MET A 82 10.62 -14.65 -8.22
C MET A 82 11.64 -15.52 -8.95
N ALA A 83 12.23 -14.98 -10.01
CA ALA A 83 13.23 -15.72 -10.79
C ALA A 83 14.44 -16.08 -9.94
N GLY A 84 15.06 -17.20 -10.27
CA GLY A 84 16.23 -17.64 -9.52
C GLY A 84 15.87 -18.23 -8.18
N GLY A 1 -2.70 14.09 -10.36
CA GLY A 1 -3.89 14.30 -11.24
C GLY A 1 -4.22 13.08 -12.08
N PRO A 2 -4.70 13.28 -13.32
CA PRO A 2 -5.05 12.17 -14.22
C PRO A 2 -3.89 11.19 -14.41
N LEU A 3 -4.23 9.92 -14.56
CA LEU A 3 -3.22 8.88 -14.75
C LEU A 3 -2.79 8.81 -16.20
N GLY A 4 -1.51 8.53 -16.42
CA GLY A 4 -0.99 8.44 -17.78
C GLY A 4 -0.74 9.81 -18.38
N SER A 5 -0.32 10.75 -17.55
CA SER A 5 -0.06 12.11 -18.00
C SER A 5 1.43 12.46 -17.84
N MET A 6 1.92 13.31 -18.71
CA MET A 6 3.33 13.73 -18.67
C MET A 6 3.67 14.35 -17.33
N GLY A 7 2.71 15.04 -16.73
CA GLY A 7 2.95 15.68 -15.44
C GLY A 7 3.45 14.69 -14.40
N GLU A 8 4.48 15.10 -13.64
CA GLU A 8 5.05 14.24 -12.61
C GLU A 8 4.35 14.42 -11.27
N LYS A 9 3.26 15.18 -11.26
CA LYS A 9 2.50 15.38 -10.03
C LYS A 9 1.75 14.11 -9.70
N GLN A 10 1.87 13.12 -10.59
CA GLN A 10 1.23 11.83 -10.43
C GLN A 10 1.86 11.05 -9.28
N SER A 11 1.03 10.28 -8.57
CA SER A 11 1.50 9.48 -7.45
C SER A 11 1.36 8.00 -7.76
N LYS A 12 2.20 7.17 -7.13
CA LYS A 12 2.17 5.74 -7.35
C LYS A 12 0.79 5.17 -7.05
N GLY A 13 0.16 5.69 -6.00
CA GLY A 13 -1.17 5.24 -5.62
C GLY A 13 -2.01 6.34 -5.01
N TYR A 14 -3.29 6.08 -4.82
CA TYR A 14 -4.18 7.07 -4.23
C TYR A 14 -4.04 7.08 -2.71
N TRP A 15 -3.71 8.24 -2.17
CA TRP A 15 -3.57 8.39 -0.72
C TRP A 15 -4.91 8.71 -0.07
N GLN A 16 -5.36 7.83 0.82
CA GLN A 16 -6.62 8.03 1.52
C GLN A 16 -6.39 8.90 2.76
N GLU A 17 -7.19 9.95 2.87
CA GLU A 17 -7.06 10.91 3.97
C GLU A 17 -7.25 10.28 5.34
N ASP A 18 -6.63 10.90 6.34
CA ASP A 18 -6.71 10.46 7.72
C ASP A 18 -8.16 10.40 8.19
N GLU A 19 -8.92 11.43 7.85
CA GLU A 19 -10.33 11.51 8.24
C GLU A 19 -11.17 10.43 7.60
N ASP A 20 -10.94 10.17 6.32
CA ASP A 20 -11.68 9.14 5.61
C ASP A 20 -11.23 7.76 6.07
N ALA A 21 -9.97 7.67 6.47
CA ALA A 21 -9.41 6.41 6.94
C ALA A 21 -9.06 6.51 8.43
N PRO A 22 -10.09 6.60 9.29
CA PRO A 22 -9.92 6.70 10.73
C PRO A 22 -9.47 5.39 11.36
N ALA A 23 -9.54 4.33 10.58
CA ALA A 23 -9.14 3.01 11.03
C ALA A 23 -8.32 2.31 9.95
N CYS A 24 -7.50 1.35 10.35
CA CYS A 24 -6.65 0.63 9.41
C CYS A 24 -7.49 -0.18 8.41
N ASN A 25 -7.24 0.06 7.14
CA ASN A 25 -7.94 -0.64 6.07
C ASN A 25 -7.71 -2.15 6.16
N GLY A 26 -6.59 -2.55 6.75
CA GLY A 26 -6.26 -3.95 6.87
C GLY A 26 -6.81 -4.62 8.11
N CYS A 27 -6.47 -4.08 9.28
CA CYS A 27 -6.91 -4.66 10.55
C CYS A 27 -8.07 -3.90 11.18
N GLY A 28 -8.47 -2.79 10.59
CA GLY A 28 -9.58 -2.02 11.12
C GLY A 28 -9.26 -1.32 12.42
N CYS A 29 -7.98 -1.27 12.79
CA CYS A 29 -7.59 -0.61 14.03
C CYS A 29 -7.71 0.90 13.88
N VAL A 30 -8.13 1.57 14.95
CA VAL A 30 -8.30 3.01 14.92
C VAL A 30 -6.99 3.74 15.09
N PHE A 31 -6.80 4.79 14.30
CA PHE A 31 -5.58 5.59 14.35
C PHE A 31 -5.69 6.62 15.47
N THR A 32 -4.62 6.73 16.23
CA THR A 32 -4.57 7.68 17.34
C THR A 32 -3.32 8.55 17.25
N THR A 33 -3.28 9.59 18.08
CA THR A 33 -2.15 10.50 18.10
C THR A 33 -0.83 9.74 18.12
N THR A 34 -0.76 8.67 18.90
CA THR A 34 0.45 7.87 18.99
C THR A 34 0.73 7.12 17.69
N VAL A 35 -0.32 6.66 17.02
CA VAL A 35 -0.14 5.93 15.76
C VAL A 35 -0.17 6.87 14.57
N ARG A 36 0.97 6.98 13.91
CA ARG A 36 1.11 7.83 12.74
C ARG A 36 0.45 7.19 11.51
N ARG A 37 -0.06 8.04 10.63
CA ARG A 37 -0.72 7.58 9.41
C ARG A 37 0.32 7.18 8.36
N HIS A 38 0.04 6.09 7.65
CA HIS A 38 0.96 5.60 6.63
C HIS A 38 0.20 5.05 5.43
N HIS A 39 0.89 4.91 4.31
CA HIS A 39 0.28 4.41 3.08
C HIS A 39 1.08 3.27 2.46
N CYS A 40 0.38 2.33 1.85
CA CYS A 40 1.01 1.20 1.17
C CYS A 40 1.24 1.57 -0.30
N ARG A 41 2.41 1.22 -0.83
CA ARG A 41 2.77 1.57 -2.21
C ARG A 41 2.02 0.74 -3.24
N ASN A 42 1.24 -0.23 -2.78
CA ASN A 42 0.48 -1.09 -3.69
C ASN A 42 -0.98 -0.67 -3.75
N CYS A 43 -1.72 -0.92 -2.68
CA CYS A 43 -3.14 -0.59 -2.64
C CYS A 43 -3.37 0.91 -2.43
N GLY A 44 -2.39 1.58 -1.84
CA GLY A 44 -2.49 3.00 -1.60
C GLY A 44 -3.46 3.35 -0.48
N TYR A 45 -3.70 2.39 0.40
CA TYR A 45 -4.60 2.60 1.53
C TYR A 45 -3.80 2.91 2.78
N VAL A 46 -4.48 3.47 3.76
CA VAL A 46 -3.83 3.83 5.02
C VAL A 46 -3.65 2.61 5.91
N LEU A 47 -2.42 2.40 6.37
CA LEU A 47 -2.11 1.28 7.24
C LEU A 47 -1.33 1.74 8.47
N CYS A 48 -1.65 1.20 9.63
CA CYS A 48 -0.94 1.55 10.86
C CYS A 48 0.41 0.86 10.83
N GLY A 49 1.25 1.10 11.84
CA GLY A 49 2.55 0.46 11.85
C GLY A 49 2.45 -1.05 11.73
N ASP A 50 1.65 -1.65 12.61
CA ASP A 50 1.46 -3.10 12.63
C ASP A 50 1.00 -3.66 11.29
N CYS A 51 0.18 -2.89 10.59
CA CYS A 51 -0.34 -3.30 9.29
C CYS A 51 0.58 -2.88 8.16
N SER A 52 1.67 -2.19 8.52
CA SER A 52 2.64 -1.73 7.54
C SER A 52 4.05 -2.07 8.02
N ARG A 53 4.16 -3.11 8.83
CA ARG A 53 5.45 -3.54 9.36
C ARG A 53 6.19 -4.41 8.35
N HIS A 54 5.47 -4.96 7.37
CA HIS A 54 6.09 -5.81 6.36
C HIS A 54 6.80 -4.99 5.30
N ARG A 55 7.65 -5.65 4.53
CA ARG A 55 8.39 -5.00 3.46
C ARG A 55 8.47 -5.90 2.23
N ALA A 56 8.25 -5.32 1.06
CA ALA A 56 8.29 -6.10 -0.17
C ALA A 56 8.54 -5.20 -1.38
N ALA A 57 9.10 -5.78 -2.44
CA ALA A 57 9.36 -5.04 -3.67
C ALA A 57 8.18 -5.20 -4.61
N ILE A 58 7.94 -4.21 -5.46
CA ILE A 58 6.83 -4.25 -6.39
C ILE A 58 7.30 -3.98 -7.81
N PRO A 59 7.82 -5.02 -8.48
CA PRO A 59 8.34 -4.90 -9.85
C PRO A 59 7.27 -4.58 -10.88
N MET A 60 6.01 -4.64 -10.49
CA MET A 60 4.92 -4.31 -11.41
C MET A 60 4.62 -2.82 -11.32
N ARG A 61 4.73 -2.30 -10.11
CA ARG A 61 4.48 -0.89 -9.83
C ARG A 61 5.75 -0.08 -10.04
N GLY A 62 6.72 -0.68 -10.72
CA GLY A 62 7.97 -0.01 -10.99
C GLY A 62 8.93 -0.04 -9.82
N ILE A 63 8.61 -0.84 -8.81
CA ILE A 63 9.46 -0.96 -7.63
C ILE A 63 10.28 -2.24 -7.69
N THR A 64 11.56 -2.10 -8.04
CA THR A 64 12.45 -3.25 -8.14
C THR A 64 13.11 -3.57 -6.80
N GLU A 65 13.13 -2.59 -5.90
CA GLU A 65 13.71 -2.79 -4.58
C GLU A 65 12.59 -2.98 -3.56
N PRO A 66 12.83 -3.79 -2.53
CA PRO A 66 11.81 -4.04 -1.51
C PRO A 66 11.38 -2.76 -0.82
N GLU A 67 10.09 -2.50 -0.86
CA GLU A 67 9.52 -1.30 -0.26
C GLU A 67 8.41 -1.67 0.73
N ARG A 68 7.99 -0.70 1.54
CA ARG A 68 6.96 -0.94 2.54
C ARG A 68 5.58 -1.10 1.91
N VAL A 69 4.85 -2.08 2.43
CA VAL A 69 3.50 -2.40 1.97
C VAL A 69 2.65 -2.86 3.15
N CYS A 70 1.40 -3.20 2.89
CA CYS A 70 0.51 -3.70 3.92
C CYS A 70 0.51 -5.23 3.89
N ASP A 71 -0.44 -5.84 4.57
CA ASP A 71 -0.51 -7.30 4.61
C ASP A 71 -1.12 -7.90 3.34
N ALA A 72 -2.22 -7.32 2.87
CA ALA A 72 -2.88 -7.83 1.66
C ALA A 72 -2.01 -7.66 0.42
N CYS A 73 -1.42 -6.48 0.27
CA CYS A 73 -0.57 -6.19 -0.87
C CYS A 73 0.67 -7.09 -0.84
N TYR A 74 1.23 -7.27 0.35
CA TYR A 74 2.39 -8.12 0.49
C TYR A 74 2.08 -9.51 -0.05
N LEU A 75 0.86 -9.97 0.24
CA LEU A 75 0.39 -11.28 -0.19
C LEU A 75 0.13 -11.32 -1.70
N ALA A 76 -0.67 -10.37 -2.18
CA ALA A 76 -1.01 -10.31 -3.61
C ALA A 76 0.25 -10.41 -4.45
N LEU A 77 1.25 -9.60 -4.13
CA LEU A 77 2.51 -9.65 -4.86
C LEU A 77 3.16 -11.00 -4.60
N ARG A 78 3.09 -11.41 -3.34
CA ARG A 78 3.64 -12.69 -2.89
C ARG A 78 3.07 -13.87 -3.67
N SER A 79 1.91 -13.66 -4.29
CA SER A 79 1.29 -14.71 -5.08
C SER A 79 2.20 -15.15 -6.22
N SER A 80 2.93 -14.20 -6.78
CA SER A 80 3.85 -14.49 -7.89
C SER A 80 4.91 -15.50 -7.47
N ASN A 81 5.32 -15.44 -6.19
CA ASN A 81 6.32 -16.36 -5.67
C ASN A 81 5.71 -17.71 -5.34
N MET A 82 6.44 -18.77 -5.65
CA MET A 82 5.98 -20.13 -5.39
C MET A 82 6.39 -20.59 -3.99
N ALA A 83 5.44 -21.18 -3.27
CA ALA A 83 5.71 -21.67 -1.93
C ALA A 83 5.44 -23.18 -1.83
N GLY A 84 4.27 -23.58 -2.31
CA GLY A 84 3.90 -24.99 -2.26
C GLY A 84 3.12 -25.36 -1.01
N GLY A 1 -8.29 3.71 -34.47
CA GLY A 1 -7.96 3.13 -33.13
C GLY A 1 -8.48 3.97 -31.98
N PRO A 2 -8.53 3.40 -30.77
CA PRO A 2 -9.01 4.10 -29.58
C PRO A 2 -8.25 5.40 -29.33
N LEU A 3 -8.96 6.40 -28.81
CA LEU A 3 -8.35 7.70 -28.52
C LEU A 3 -7.66 7.69 -27.16
N GLY A 4 -6.51 8.37 -27.08
CA GLY A 4 -5.77 8.43 -25.84
C GLY A 4 -6.61 8.99 -24.71
N SER A 5 -7.50 9.92 -25.04
CA SER A 5 -8.36 10.55 -24.06
C SER A 5 -9.27 9.51 -23.38
N MET A 6 -9.56 8.43 -24.11
CA MET A 6 -10.41 7.37 -23.58
C MET A 6 -9.57 6.25 -22.99
N GLY A 7 -10.00 5.73 -21.84
CA GLY A 7 -9.28 4.66 -21.19
C GLY A 7 -8.27 5.17 -20.17
N GLU A 8 -8.23 6.49 -19.99
CA GLU A 8 -7.29 7.09 -19.04
C GLU A 8 -7.88 7.14 -17.64
N LYS A 9 -8.99 6.44 -17.42
CA LYS A 9 -9.60 6.41 -16.10
C LYS A 9 -8.58 5.87 -15.10
N GLN A 10 -7.56 5.21 -15.63
CA GLN A 10 -6.49 4.64 -14.82
C GLN A 10 -5.75 5.72 -14.05
N SER A 11 -5.32 5.39 -12.84
CA SER A 11 -4.61 6.34 -12.00
C SER A 11 -3.54 5.64 -11.17
N LYS A 12 -2.59 6.41 -10.66
CA LYS A 12 -1.51 5.87 -9.84
C LYS A 12 -1.98 5.66 -8.41
N GLY A 13 -1.18 4.91 -7.64
CA GLY A 13 -1.52 4.62 -6.26
C GLY A 13 -2.33 5.73 -5.60
N TYR A 14 -3.61 5.45 -5.36
CA TYR A 14 -4.49 6.44 -4.74
C TYR A 14 -4.30 6.46 -3.22
N TRP A 15 -3.94 7.63 -2.70
CA TRP A 15 -3.73 7.79 -1.27
C TRP A 15 -5.03 8.19 -0.57
N GLN A 16 -5.49 7.38 0.36
CA GLN A 16 -6.71 7.65 1.11
C GLN A 16 -6.41 8.58 2.29
N GLU A 17 -7.18 9.65 2.38
CA GLU A 17 -7.00 10.67 3.43
C GLU A 17 -7.17 10.12 4.83
N ASP A 18 -6.51 10.78 5.78
CA ASP A 18 -6.56 10.42 7.19
C ASP A 18 -8.00 10.37 7.69
N GLU A 19 -8.76 11.41 7.35
CA GLU A 19 -10.16 11.51 7.79
C GLU A 19 -11.03 10.42 7.19
N ASP A 20 -10.81 10.12 5.91
CA ASP A 20 -11.58 9.09 5.24
C ASP A 20 -11.19 7.72 5.77
N ALA A 21 -9.92 7.61 6.18
CA ALA A 21 -9.39 6.36 6.72
C ALA A 21 -9.09 6.51 8.21
N PRO A 22 -10.14 6.58 9.04
CA PRO A 22 -10.02 6.71 10.49
C PRO A 22 -9.53 5.43 11.15
N ALA A 23 -9.60 4.35 10.39
CA ALA A 23 -9.17 3.04 10.89
C ALA A 23 -8.36 2.32 9.82
N CYS A 24 -7.52 1.39 10.25
CA CYS A 24 -6.67 0.64 9.33
C CYS A 24 -7.50 -0.18 8.35
N ASN A 25 -7.26 0.03 7.07
CA ASN A 25 -7.96 -0.68 6.01
C ASN A 25 -7.74 -2.19 6.12
N GLY A 26 -6.60 -2.57 6.70
CA GLY A 26 -6.27 -3.98 6.81
C GLY A 26 -6.84 -4.65 8.06
N CYS A 27 -6.53 -4.13 9.23
CA CYS A 27 -6.99 -4.74 10.48
C CYS A 27 -8.15 -3.97 11.12
N GLY A 28 -8.53 -2.85 10.53
CA GLY A 28 -9.64 -2.08 11.08
C GLY A 28 -9.31 -1.38 12.38
N CYS A 29 -8.03 -1.37 12.76
CA CYS A 29 -7.62 -0.71 14.00
C CYS A 29 -7.71 0.81 13.84
N VAL A 30 -8.10 1.47 14.93
CA VAL A 30 -8.26 2.93 14.89
C VAL A 30 -6.93 3.65 15.08
N PHE A 31 -6.75 4.71 14.30
CA PHE A 31 -5.52 5.51 14.39
C PHE A 31 -5.64 6.55 15.49
N THR A 32 -4.58 6.67 16.26
CA THR A 32 -4.51 7.61 17.37
C THR A 32 -3.26 8.49 17.27
N THR A 33 -3.23 9.54 18.07
CA THR A 33 -2.11 10.46 18.08
C THR A 33 -0.78 9.70 18.12
N THR A 34 -0.70 8.67 18.96
CA THR A 34 0.53 7.89 19.06
C THR A 34 0.82 7.14 17.76
N VAL A 35 -0.23 6.64 17.10
CA VAL A 35 -0.04 5.91 15.85
C VAL A 35 -0.05 6.85 14.65
N ARG A 36 1.10 6.93 14.01
CA ARG A 36 1.27 7.78 12.83
C ARG A 36 0.59 7.13 11.63
N ARG A 37 0.05 7.98 10.76
CA ARG A 37 -0.64 7.50 9.57
C ARG A 37 0.37 7.13 8.49
N HIS A 38 0.11 6.04 7.78
CA HIS A 38 1.01 5.59 6.72
C HIS A 38 0.22 5.03 5.54
N HIS A 39 0.90 4.89 4.41
CA HIS A 39 0.25 4.38 3.20
C HIS A 39 1.06 3.27 2.57
N CYS A 40 0.37 2.32 1.95
CA CYS A 40 1.02 1.21 1.26
C CYS A 40 1.24 1.63 -0.20
N ARG A 41 2.43 1.31 -0.72
CA ARG A 41 2.81 1.68 -2.09
C ARG A 41 2.06 0.90 -3.15
N ASN A 42 1.28 -0.10 -2.75
CA ASN A 42 0.53 -0.90 -3.71
C ASN A 42 -0.95 -0.52 -3.75
N CYS A 43 -1.67 -0.82 -2.69
CA CYS A 43 -3.11 -0.52 -2.64
C CYS A 43 -3.36 0.97 -2.42
N GLY A 44 -2.38 1.65 -1.84
CA GLY A 44 -2.53 3.08 -1.60
C GLY A 44 -3.48 3.40 -0.48
N TYR A 45 -3.72 2.42 0.39
CA TYR A 45 -4.61 2.61 1.53
C TYR A 45 -3.82 2.94 2.79
N VAL A 46 -4.52 3.45 3.79
CA VAL A 46 -3.88 3.83 5.04
C VAL A 46 -3.66 2.60 5.93
N LEU A 47 -2.42 2.44 6.39
CA LEU A 47 -2.07 1.33 7.25
C LEU A 47 -1.28 1.82 8.47
N CYS A 48 -1.60 1.28 9.64
CA CYS A 48 -0.88 1.65 10.84
C CYS A 48 0.45 0.92 10.85
N GLY A 49 1.32 1.22 11.80
CA GLY A 49 2.61 0.56 11.84
C GLY A 49 2.47 -0.96 11.75
N ASP A 50 1.67 -1.53 12.64
CA ASP A 50 1.46 -2.97 12.67
C ASP A 50 0.98 -3.54 11.33
N CYS A 51 0.17 -2.77 10.63
CA CYS A 51 -0.36 -3.20 9.34
C CYS A 51 0.57 -2.78 8.20
N SER A 52 1.64 -2.08 8.55
CA SER A 52 2.62 -1.64 7.57
C SER A 52 4.02 -2.00 8.06
N ARG A 53 4.09 -3.04 8.90
CA ARG A 53 5.37 -3.50 9.43
C ARG A 53 6.09 -4.38 8.42
N HIS A 54 5.35 -4.90 7.44
CA HIS A 54 5.94 -5.76 6.42
C HIS A 54 6.67 -4.95 5.36
N ARG A 55 7.50 -5.62 4.58
CA ARG A 55 8.24 -4.97 3.52
C ARG A 55 8.34 -5.89 2.30
N ALA A 56 8.17 -5.33 1.11
CA ALA A 56 8.25 -6.11 -0.11
C ALA A 56 8.47 -5.23 -1.33
N ALA A 57 9.04 -5.81 -2.39
CA ALA A 57 9.26 -5.09 -3.62
C ALA A 57 7.98 -5.09 -4.43
N ILE A 58 7.87 -4.16 -5.36
CA ILE A 58 6.68 -4.07 -6.21
C ILE A 58 7.08 -3.86 -7.66
N PRO A 59 7.55 -4.95 -8.31
CA PRO A 59 8.01 -4.91 -9.71
C PRO A 59 6.93 -4.59 -10.72
N MET A 60 5.68 -4.63 -10.31
CA MET A 60 4.58 -4.30 -11.22
C MET A 60 4.34 -2.79 -11.17
N ARG A 61 4.50 -2.24 -9.97
CA ARG A 61 4.31 -0.83 -9.74
C ARG A 61 5.59 -0.05 -10.07
N GLY A 62 6.57 -0.76 -10.62
CA GLY A 62 7.83 -0.14 -10.99
C GLY A 62 8.83 -0.16 -9.86
N ILE A 63 8.54 -0.91 -8.81
CA ILE A 63 9.41 -1.01 -7.66
C ILE A 63 10.19 -2.33 -7.70
N THR A 64 11.45 -2.26 -8.10
CA THR A 64 12.29 -3.44 -8.19
C THR A 64 13.00 -3.73 -6.87
N GLU A 65 13.02 -2.75 -5.99
CA GLU A 65 13.65 -2.91 -4.68
C GLU A 65 12.57 -3.07 -3.61
N PRO A 66 12.79 -3.92 -2.60
CA PRO A 66 11.81 -4.15 -1.56
C PRO A 66 11.40 -2.84 -0.87
N GLU A 67 10.10 -2.57 -0.89
CA GLU A 67 9.55 -1.38 -0.29
C GLU A 67 8.44 -1.73 0.70
N ARG A 68 8.04 -0.76 1.50
CA ARG A 68 7.01 -1.00 2.51
C ARG A 68 5.63 -1.15 1.90
N VAL A 69 4.88 -2.10 2.45
CA VAL A 69 3.51 -2.39 2.01
C VAL A 69 2.66 -2.84 3.20
N CYS A 70 1.40 -3.15 2.93
CA CYS A 70 0.51 -3.63 3.96
C CYS A 70 0.54 -5.15 3.96
N ASP A 71 -0.46 -5.78 4.57
CA ASP A 71 -0.49 -7.24 4.61
C ASP A 71 -1.09 -7.85 3.34
N ALA A 72 -2.17 -7.26 2.84
CA ALA A 72 -2.81 -7.78 1.63
C ALA A 72 -1.93 -7.62 0.40
N CYS A 73 -1.32 -6.45 0.25
CA CYS A 73 -0.44 -6.18 -0.87
C CYS A 73 0.78 -7.09 -0.81
N TYR A 74 1.31 -7.27 0.39
CA TYR A 74 2.47 -8.13 0.57
C TYR A 74 2.16 -9.52 0.05
N LEU A 75 0.93 -9.97 0.30
CA LEU A 75 0.48 -11.29 -0.15
C LEU A 75 0.27 -11.34 -1.66
N ALA A 76 -0.46 -10.37 -2.20
CA ALA A 76 -0.75 -10.35 -3.63
C ALA A 76 0.52 -10.38 -4.48
N LEU A 77 1.51 -9.59 -4.12
CA LEU A 77 2.78 -9.55 -4.85
C LEU A 77 3.49 -10.90 -4.77
N ARG A 78 3.41 -11.51 -3.60
CA ARG A 78 4.05 -12.80 -3.36
C ARG A 78 3.47 -13.91 -4.22
N SER A 79 2.39 -13.60 -4.94
CA SER A 79 1.75 -14.58 -5.80
C SER A 79 2.72 -15.10 -6.85
N SER A 80 2.51 -16.33 -7.29
CA SER A 80 3.36 -16.94 -8.29
C SER A 80 2.55 -17.33 -9.54
N ASN A 81 3.20 -17.23 -10.70
CA ASN A 81 2.53 -17.57 -11.95
C ASN A 81 2.77 -19.02 -12.33
N MET A 82 1.72 -19.71 -12.75
CA MET A 82 1.83 -21.11 -13.14
C MET A 82 2.31 -21.23 -14.58
N ALA A 83 3.32 -22.08 -14.81
CA ALA A 83 3.87 -22.29 -16.14
C ALA A 83 2.80 -22.83 -17.09
N GLY A 84 2.88 -22.44 -18.35
CA GLY A 84 1.93 -22.90 -19.33
C GLY A 84 1.92 -22.05 -20.59
N GLY A 1 -3.01 -22.56 -16.94
CA GLY A 1 -4.13 -21.63 -16.62
C GLY A 1 -3.65 -20.28 -16.16
N PRO A 2 -3.16 -19.44 -17.08
CA PRO A 2 -2.66 -18.10 -16.75
C PRO A 2 -3.75 -17.22 -16.12
N LEU A 3 -3.33 -16.34 -15.22
CA LEU A 3 -4.27 -15.45 -14.54
C LEU A 3 -4.60 -14.25 -15.42
N GLY A 4 -5.88 -13.89 -15.46
CA GLY A 4 -6.30 -12.76 -16.27
C GLY A 4 -6.95 -11.67 -15.44
N SER A 5 -6.42 -10.46 -15.54
CA SER A 5 -6.95 -9.33 -14.79
C SER A 5 -7.36 -8.19 -15.73
N MET A 6 -8.43 -7.48 -15.38
CA MET A 6 -8.91 -6.37 -16.20
C MET A 6 -9.20 -5.16 -15.32
N GLY A 7 -9.33 -3.99 -15.96
CA GLY A 7 -9.61 -2.78 -15.23
C GLY A 7 -8.38 -2.21 -14.55
N GLU A 8 -7.25 -2.26 -15.24
CA GLU A 8 -5.99 -1.75 -14.70
C GLU A 8 -5.89 -0.24 -14.88
N LYS A 9 -6.97 0.38 -15.34
CA LYS A 9 -7.00 1.82 -15.53
C LYS A 9 -6.71 2.51 -14.20
N GLN A 10 -6.85 1.75 -13.12
CA GLN A 10 -6.61 2.25 -11.78
C GLN A 10 -5.22 2.89 -11.68
N SER A 11 -5.12 3.96 -10.90
CA SER A 11 -3.85 4.66 -10.72
C SER A 11 -2.80 3.74 -10.11
N LYS A 12 -1.53 4.06 -10.33
CA LYS A 12 -0.43 3.27 -9.81
C LYS A 12 -0.53 3.12 -8.30
N GLY A 13 -1.06 4.15 -7.64
CA GLY A 13 -1.21 4.12 -6.20
C GLY A 13 -2.04 5.26 -5.66
N TYR A 14 -3.33 5.01 -5.47
CA TYR A 14 -4.23 6.03 -4.95
C TYR A 14 -4.08 6.16 -3.44
N TRP A 15 -3.76 7.36 -2.98
CA TRP A 15 -3.58 7.60 -1.56
C TRP A 15 -4.89 8.06 -0.92
N GLN A 16 -5.39 7.27 0.03
CA GLN A 16 -6.62 7.61 0.74
C GLN A 16 -6.31 8.55 1.90
N GLU A 17 -7.04 9.65 1.95
CA GLU A 17 -6.84 10.69 2.97
C GLU A 17 -7.00 10.16 4.40
N ASP A 18 -6.34 10.84 5.33
CA ASP A 18 -6.40 10.50 6.75
C ASP A 18 -7.84 10.50 7.26
N GLU A 19 -8.60 11.51 6.88
CA GLU A 19 -9.98 11.64 7.35
C GLU A 19 -10.86 10.52 6.80
N ASP A 20 -10.67 10.18 5.54
CA ASP A 20 -11.44 9.12 4.91
C ASP A 20 -11.09 7.76 5.53
N ALA A 21 -9.84 7.62 5.93
CA ALA A 21 -9.35 6.38 6.53
C ALA A 21 -9.03 6.60 8.01
N PRO A 22 -10.07 6.75 8.84
CA PRO A 22 -9.91 6.96 10.29
C PRO A 22 -9.44 5.71 11.02
N ALA A 23 -9.53 4.57 10.34
CA ALA A 23 -9.11 3.30 10.90
C ALA A 23 -8.32 2.51 9.87
N CYS A 24 -7.50 1.57 10.34
CA CYS A 24 -6.67 0.77 9.44
C CYS A 24 -7.51 -0.07 8.49
N ASN A 25 -7.29 0.13 7.20
CA ASN A 25 -8.00 -0.60 6.16
C ASN A 25 -7.74 -2.10 6.26
N GLY A 26 -6.60 -2.47 6.84
CA GLY A 26 -6.25 -3.88 6.95
C GLY A 26 -6.79 -4.56 8.18
N CYS A 27 -6.48 -4.03 9.36
CA CYS A 27 -6.91 -4.64 10.61
C CYS A 27 -8.07 -3.90 11.26
N GLY A 28 -8.49 -2.79 10.66
CA GLY A 28 -9.61 -2.04 11.21
C GLY A 28 -9.26 -1.31 12.49
N CYS A 29 -7.99 -1.31 12.87
CA CYS A 29 -7.57 -0.63 14.10
C CYS A 29 -7.68 0.87 13.93
N VAL A 30 -8.08 1.54 14.99
CA VAL A 30 -8.25 2.98 14.96
C VAL A 30 -6.93 3.71 15.15
N PHE A 31 -6.73 4.76 14.36
CA PHE A 31 -5.51 5.55 14.45
C PHE A 31 -5.63 6.56 15.58
N THR A 32 -4.58 6.63 16.38
CA THR A 32 -4.54 7.54 17.52
C THR A 32 -3.31 8.44 17.46
N THR A 33 -3.26 9.40 18.37
CA THR A 33 -2.14 10.35 18.45
C THR A 33 -0.79 9.63 18.43
N THR A 34 -0.69 8.51 19.12
CA THR A 34 0.57 7.78 19.18
C THR A 34 0.81 6.96 17.91
N VAL A 35 -0.25 6.63 17.19
CA VAL A 35 -0.10 5.84 15.97
C VAL A 35 -0.06 6.74 14.74
N ARG A 36 1.10 6.76 14.10
CA ARG A 36 1.30 7.56 12.90
C ARG A 36 0.58 6.91 11.72
N ARG A 37 0.04 7.75 10.85
CA ARG A 37 -0.68 7.27 9.67
C ARG A 37 0.29 6.98 8.53
N HIS A 38 0.04 5.90 7.79
CA HIS A 38 0.90 5.52 6.68
C HIS A 38 0.11 4.95 5.52
N HIS A 39 0.76 4.81 4.37
CA HIS A 39 0.11 4.28 3.17
C HIS A 39 0.94 3.17 2.53
N CYS A 40 0.26 2.22 1.92
CA CYS A 40 0.90 1.11 1.21
C CYS A 40 1.14 1.52 -0.24
N ARG A 41 2.33 1.19 -0.75
CA ARG A 41 2.71 1.56 -2.11
C ARG A 41 1.97 0.75 -3.18
N ASN A 42 1.22 -0.24 -2.75
CA ASN A 42 0.47 -1.08 -3.68
C ASN A 42 -1.01 -0.68 -3.75
N CYS A 43 -1.74 -0.92 -2.68
CA CYS A 43 -3.17 -0.59 -2.63
C CYS A 43 -3.39 0.90 -2.44
N GLY A 44 -2.43 1.58 -1.86
CA GLY A 44 -2.55 3.01 -1.64
C GLY A 44 -3.52 3.35 -0.53
N TYR A 45 -3.75 2.40 0.37
CA TYR A 45 -4.65 2.60 1.48
C TYR A 45 -3.87 2.94 2.75
N VAL A 46 -4.56 3.49 3.73
CA VAL A 46 -3.92 3.87 4.98
C VAL A 46 -3.70 2.65 5.87
N LEU A 47 -2.46 2.48 6.33
CA LEU A 47 -2.11 1.38 7.20
C LEU A 47 -1.30 1.86 8.40
N CYS A 48 -1.58 1.32 9.57
CA CYS A 48 -0.85 1.69 10.77
C CYS A 48 0.51 0.98 10.75
N GLY A 49 1.36 1.27 11.71
CA GLY A 49 2.67 0.62 11.73
C GLY A 49 2.56 -0.89 11.65
N ASP A 50 1.77 -1.46 12.55
CA ASP A 50 1.57 -2.91 12.62
C ASP A 50 1.09 -3.50 11.29
N CYS A 51 0.26 -2.74 10.59
CA CYS A 51 -0.28 -3.19 9.30
C CYS A 51 0.63 -2.78 8.16
N SER A 52 1.71 -2.06 8.48
CA SER A 52 2.66 -1.62 7.48
C SER A 52 4.08 -1.93 7.95
N ARG A 53 4.20 -2.98 8.77
CA ARG A 53 5.50 -3.40 9.28
C ARG A 53 6.23 -4.28 8.27
N HIS A 54 5.50 -4.87 7.32
CA HIS A 54 6.12 -5.73 6.33
C HIS A 54 6.83 -4.91 5.25
N ARG A 55 7.70 -5.57 4.51
CA ARG A 55 8.44 -4.92 3.44
C ARG A 55 8.53 -5.84 2.23
N ALA A 56 8.32 -5.28 1.04
CA ALA A 56 8.37 -6.07 -0.18
C ALA A 56 8.58 -5.19 -1.41
N ALA A 57 9.17 -5.76 -2.45
CA ALA A 57 9.39 -5.04 -3.69
C ALA A 57 8.17 -5.17 -4.58
N ILE A 58 7.94 -4.19 -5.44
CA ILE A 58 6.79 -4.21 -6.32
C ILE A 58 7.21 -3.98 -7.77
N PRO A 59 7.76 -5.01 -8.42
CA PRO A 59 8.24 -4.92 -9.80
C PRO A 59 7.13 -4.64 -10.82
N MET A 60 5.88 -4.68 -10.39
CA MET A 60 4.77 -4.38 -11.29
C MET A 60 4.48 -2.90 -11.26
N ARG A 61 4.59 -2.33 -10.07
CA ARG A 61 4.34 -0.91 -9.86
C ARG A 61 5.59 -0.10 -10.19
N GLY A 62 6.63 -0.80 -10.63
CA GLY A 62 7.88 -0.16 -10.97
C GLY A 62 8.86 -0.14 -9.82
N ILE A 63 8.52 -0.84 -8.74
CA ILE A 63 9.38 -0.90 -7.57
C ILE A 63 10.21 -2.19 -7.60
N THR A 64 11.47 -2.07 -7.97
CA THR A 64 12.36 -3.22 -8.04
C THR A 64 13.04 -3.49 -6.71
N GLU A 65 13.03 -2.49 -5.83
CA GLU A 65 13.63 -2.63 -4.51
C GLU A 65 12.54 -2.83 -3.48
N PRO A 66 12.77 -3.68 -2.48
CA PRO A 66 11.77 -3.94 -1.44
C PRO A 66 11.31 -2.67 -0.75
N GLU A 67 10.00 -2.43 -0.77
CA GLU A 67 9.42 -1.24 -0.15
C GLU A 67 8.31 -1.64 0.81
N ARG A 68 7.87 -0.68 1.64
CA ARG A 68 6.84 -0.93 2.63
C ARG A 68 5.47 -1.16 1.98
N VAL A 69 4.77 -2.16 2.48
CA VAL A 69 3.44 -2.52 1.99
C VAL A 69 2.58 -3.11 3.12
N CYS A 70 1.27 -3.10 2.92
CA CYS A 70 0.36 -3.65 3.91
C CYS A 70 0.41 -5.17 3.87
N ASP A 71 -0.53 -5.83 4.54
CA ASP A 71 -0.55 -7.29 4.59
C ASP A 71 -1.17 -7.92 3.34
N ALA A 72 -2.25 -7.35 2.83
CA ALA A 72 -2.92 -7.91 1.65
C ALA A 72 -2.05 -7.74 0.41
N CYS A 73 -1.48 -6.55 0.24
CA CYS A 73 -0.62 -6.26 -0.90
C CYS A 73 0.62 -7.15 -0.86
N TYR A 74 1.18 -7.33 0.33
CA TYR A 74 2.35 -8.17 0.48
C TYR A 74 2.06 -9.57 -0.05
N LEU A 75 0.86 -10.06 0.26
CA LEU A 75 0.42 -11.38 -0.16
C LEU A 75 0.20 -11.47 -1.67
N ALA A 76 -0.55 -10.52 -2.22
CA ALA A 76 -0.85 -10.52 -3.66
C ALA A 76 0.43 -10.53 -4.51
N LEU A 77 1.39 -9.71 -4.14
CA LEU A 77 2.65 -9.64 -4.86
C LEU A 77 3.41 -10.96 -4.75
N ARG A 78 3.33 -11.57 -3.57
CA ARG A 78 3.99 -12.85 -3.30
C ARG A 78 3.40 -13.98 -4.14
N SER A 79 2.29 -13.71 -4.81
CA SER A 79 1.63 -14.72 -5.64
C SER A 79 2.56 -15.21 -6.76
N SER A 80 3.41 -14.32 -7.24
CA SER A 80 4.34 -14.67 -8.32
C SER A 80 4.97 -16.03 -8.08
N ASN A 81 5.00 -16.84 -9.12
CA ASN A 81 5.58 -18.18 -9.04
C ASN A 81 7.06 -18.16 -9.38
N MET A 82 7.86 -18.82 -8.54
CA MET A 82 9.30 -18.87 -8.74
C MET A 82 9.66 -19.87 -9.83
N ALA A 83 10.55 -19.46 -10.73
CA ALA A 83 10.99 -20.32 -11.83
C ALA A 83 11.72 -21.55 -11.32
N GLY A 84 11.57 -22.67 -12.02
CA GLY A 84 12.22 -23.90 -11.62
C GLY A 84 11.37 -25.12 -11.87
N GLY A 1 -8.66 7.26 -26.18
CA GLY A 1 -8.01 8.28 -25.32
C GLY A 1 -7.43 9.44 -26.13
N PRO A 2 -7.80 10.68 -25.80
CA PRO A 2 -7.29 11.87 -26.50
C PRO A 2 -5.79 12.04 -26.33
N LEU A 3 -5.14 12.54 -27.38
CA LEU A 3 -3.69 12.76 -27.34
C LEU A 3 -3.34 14.03 -26.58
N GLY A 4 -4.36 14.78 -26.18
CA GLY A 4 -4.13 16.02 -25.46
C GLY A 4 -3.83 15.80 -23.98
N SER A 5 -3.62 16.90 -23.26
CA SER A 5 -3.32 16.84 -21.84
C SER A 5 -4.51 16.32 -21.04
N MET A 6 -5.71 16.42 -21.63
CA MET A 6 -6.92 15.97 -20.97
C MET A 6 -7.05 14.45 -21.02
N GLY A 7 -7.45 13.86 -19.90
CA GLY A 7 -7.61 12.42 -19.83
C GLY A 7 -6.42 11.74 -19.19
N GLU A 8 -5.32 12.48 -19.05
CA GLU A 8 -4.11 11.93 -18.45
C GLU A 8 -4.00 12.33 -16.98
N LYS A 9 -5.11 12.79 -16.41
CA LYS A 9 -5.13 13.17 -15.01
C LYS A 9 -5.05 11.92 -14.15
N GLN A 10 -5.08 10.76 -14.82
CA GLN A 10 -4.99 9.47 -14.16
C GLN A 10 -3.65 9.33 -13.44
N SER A 11 -3.67 8.73 -12.26
CA SER A 11 -2.45 8.54 -11.49
C SER A 11 -2.39 7.13 -10.90
N LYS A 12 -1.19 6.71 -10.53
CA LYS A 12 -0.98 5.39 -9.96
C LYS A 12 -0.81 5.46 -8.44
N GLY A 13 -1.29 4.45 -7.74
CA GLY A 13 -1.18 4.43 -6.29
C GLY A 13 -2.03 5.50 -5.63
N TYR A 14 -3.31 5.22 -5.45
CA TYR A 14 -4.22 6.17 -4.83
C TYR A 14 -4.04 6.21 -3.32
N TRP A 15 -3.72 7.40 -2.81
CA TRP A 15 -3.53 7.59 -1.37
C TRP A 15 -4.81 8.09 -0.73
N GLN A 16 -5.34 7.32 0.22
CA GLN A 16 -6.55 7.70 0.93
C GLN A 16 -6.23 8.61 2.11
N GLU A 17 -6.92 9.74 2.16
CA GLU A 17 -6.71 10.74 3.20
C GLU A 17 -6.85 10.18 4.61
N ASP A 18 -6.17 10.83 5.55
CA ASP A 18 -6.21 10.45 6.95
C ASP A 18 -7.65 10.44 7.47
N GLU A 19 -8.42 11.45 7.09
CA GLU A 19 -9.81 11.58 7.54
C GLU A 19 -10.69 10.49 6.97
N ASP A 20 -10.51 10.19 5.70
CA ASP A 20 -11.30 9.15 5.05
C ASP A 20 -10.97 7.78 5.63
N ALA A 21 -9.72 7.62 6.03
CA ALA A 21 -9.25 6.37 6.61
C ALA A 21 -8.95 6.53 8.09
N PRO A 22 -10.00 6.63 8.93
CA PRO A 22 -9.85 6.79 10.37
C PRO A 22 -9.40 5.51 11.06
N ALA A 23 -9.52 4.41 10.33
CA ALA A 23 -9.11 3.09 10.84
C ALA A 23 -8.30 2.36 9.78
N CYS A 24 -7.47 1.43 10.21
CA CYS A 24 -6.62 0.68 9.30
C CYS A 24 -7.44 -0.13 8.30
N ASN A 25 -7.17 0.11 7.03
CA ASN A 25 -7.85 -0.59 5.93
C ASN A 25 -7.59 -2.10 6.01
N GLY A 26 -6.45 -2.47 6.57
CA GLY A 26 -6.09 -3.87 6.65
C GLY A 26 -6.66 -4.61 7.84
N CYS A 27 -6.39 -4.13 9.05
CA CYS A 27 -6.87 -4.80 10.26
C CYS A 27 -8.05 -4.09 10.91
N GLY A 28 -8.47 -2.96 10.35
CA GLY A 28 -9.60 -2.23 10.91
C GLY A 28 -9.30 -1.56 12.24
N CYS A 29 -8.02 -1.54 12.63
CA CYS A 29 -7.66 -0.91 13.90
C CYS A 29 -7.77 0.60 13.77
N VAL A 30 -8.17 1.26 14.85
CA VAL A 30 -8.35 2.70 14.83
C VAL A 30 -7.03 3.45 15.04
N PHE A 31 -6.86 4.53 14.30
CA PHE A 31 -5.66 5.34 14.42
C PHE A 31 -5.79 6.34 15.56
N THR A 32 -4.73 6.44 16.34
CA THR A 32 -4.69 7.34 17.48
C THR A 32 -3.47 8.26 17.41
N THR A 33 -3.46 9.29 18.25
CA THR A 33 -2.36 10.24 18.28
C THR A 33 -1.02 9.50 18.29
N THR A 34 -0.94 8.41 19.05
CA THR A 34 0.29 7.64 19.13
C THR A 34 0.55 6.88 17.82
N VAL A 35 -0.50 6.42 17.16
CA VAL A 35 -0.33 5.69 15.91
C VAL A 35 -0.38 6.62 14.71
N ARG A 36 0.75 6.72 14.03
CA ARG A 36 0.88 7.55 12.85
C ARG A 36 0.28 6.86 11.64
N ARG A 37 -0.23 7.64 10.70
CA ARG A 37 -0.81 7.10 9.48
C ARG A 37 0.25 6.97 8.41
N HIS A 38 0.15 5.90 7.64
CA HIS A 38 1.08 5.64 6.56
C HIS A 38 0.35 5.10 5.35
N HIS A 39 1.02 5.06 4.22
CA HIS A 39 0.40 4.56 3.00
C HIS A 39 1.18 3.41 2.39
N CYS A 40 0.47 2.45 1.82
CA CYS A 40 1.08 1.30 1.17
C CYS A 40 1.30 1.65 -0.30
N ARG A 41 2.46 1.26 -0.84
CA ARG A 41 2.81 1.57 -2.22
C ARG A 41 2.02 0.73 -3.22
N ASN A 42 1.24 -0.21 -2.72
CA ASN A 42 0.45 -1.08 -3.58
C ASN A 42 -1.02 -0.65 -3.63
N CYS A 43 -1.75 -0.86 -2.54
CA CYS A 43 -3.16 -0.51 -2.49
C CYS A 43 -3.36 1.00 -2.29
N GLY A 44 -2.37 1.67 -1.71
CA GLY A 44 -2.46 3.10 -1.50
C GLY A 44 -3.41 3.46 -0.38
N TYR A 45 -3.63 2.52 0.53
CA TYR A 45 -4.52 2.75 1.67
C TYR A 45 -3.71 3.07 2.91
N VAL A 46 -4.38 3.62 3.92
CA VAL A 46 -3.70 3.98 5.15
C VAL A 46 -3.50 2.75 6.04
N LEU A 47 -2.27 2.55 6.49
CA LEU A 47 -1.95 1.43 7.36
C LEU A 47 -1.16 1.91 8.57
N CYS A 48 -1.49 1.39 9.74
CA CYS A 48 -0.76 1.75 10.94
C CYS A 48 0.59 1.06 10.91
N GLY A 49 1.47 1.35 11.87
CA GLY A 49 2.78 0.73 11.86
C GLY A 49 2.70 -0.78 11.74
N ASP A 50 1.93 -1.40 12.63
CA ASP A 50 1.76 -2.85 12.66
C ASP A 50 1.27 -3.41 11.33
N CYS A 51 0.40 -2.66 10.67
CA CYS A 51 -0.15 -3.07 9.38
C CYS A 51 0.75 -2.64 8.24
N SER A 52 1.82 -1.94 8.57
CA SER A 52 2.78 -1.48 7.58
C SER A 52 4.20 -1.82 8.05
N ARG A 53 4.31 -2.85 8.88
CA ARG A 53 5.60 -3.29 9.39
C ARG A 53 6.31 -4.18 8.38
N HIS A 54 5.57 -4.71 7.41
CA HIS A 54 6.16 -5.59 6.40
C HIS A 54 6.87 -4.80 5.32
N ARG A 55 7.67 -5.51 4.53
CA ARG A 55 8.40 -4.89 3.44
C ARG A 55 8.45 -5.83 2.24
N ALA A 56 8.21 -5.28 1.06
CA ALA A 56 8.23 -6.08 -0.16
C ALA A 56 8.46 -5.22 -1.39
N ALA A 57 9.02 -5.80 -2.44
CA ALA A 57 9.25 -5.08 -3.69
C ALA A 57 8.03 -5.23 -4.58
N ILE A 58 7.82 -4.29 -5.47
CA ILE A 58 6.68 -4.31 -6.36
C ILE A 58 7.11 -4.06 -7.80
N PRO A 59 7.60 -5.11 -8.47
CA PRO A 59 8.07 -5.03 -9.86
C PRO A 59 6.98 -4.72 -10.87
N MET A 60 5.73 -4.73 -10.44
CA MET A 60 4.63 -4.40 -11.34
C MET A 60 4.37 -2.91 -11.29
N ARG A 61 4.52 -2.36 -10.09
CA ARG A 61 4.31 -0.94 -9.86
C ARG A 61 5.60 -0.15 -10.18
N GLY A 62 6.60 -0.88 -10.67
CA GLY A 62 7.87 -0.26 -11.02
C GLY A 62 8.87 -0.29 -9.88
N ILE A 63 8.48 -0.95 -8.79
CA ILE A 63 9.33 -1.05 -7.61
C ILE A 63 10.12 -2.36 -7.67
N THR A 64 11.37 -2.27 -8.12
CA THR A 64 12.24 -3.45 -8.23
C THR A 64 12.93 -3.74 -6.90
N GLU A 65 12.98 -2.75 -6.03
CA GLU A 65 13.60 -2.92 -4.72
C GLU A 65 12.52 -3.07 -3.66
N PRO A 66 12.76 -3.87 -2.63
CA PRO A 66 11.77 -4.09 -1.57
C PRO A 66 11.37 -2.79 -0.89
N GLU A 67 10.06 -2.53 -0.89
CA GLU A 67 9.50 -1.31 -0.31
C GLU A 67 8.41 -1.66 0.70
N ARG A 68 8.01 -0.66 1.48
CA ARG A 68 6.98 -0.86 2.51
C ARG A 68 5.59 -1.04 1.89
N VAL A 69 4.85 -2.00 2.46
CA VAL A 69 3.50 -2.31 2.04
C VAL A 69 2.67 -2.76 3.23
N CYS A 70 1.40 -3.06 2.99
CA CYS A 70 0.53 -3.54 4.04
C CYS A 70 0.56 -5.06 4.06
N ASP A 71 -0.43 -5.68 4.68
CA ASP A 71 -0.48 -7.14 4.74
C ASP A 71 -1.10 -7.77 3.49
N ALA A 72 -2.20 -7.21 3.01
CA ALA A 72 -2.86 -7.75 1.83
C ALA A 72 -2.00 -7.59 0.57
N CYS A 73 -1.43 -6.41 0.41
CA CYS A 73 -0.58 -6.13 -0.74
C CYS A 73 0.66 -7.01 -0.71
N TYR A 74 1.23 -7.19 0.47
CA TYR A 74 2.40 -8.04 0.61
C TYR A 74 2.08 -9.42 0.08
N LEU A 75 0.87 -9.89 0.38
CA LEU A 75 0.40 -11.18 -0.07
C LEU A 75 0.12 -11.23 -1.57
N ALA A 76 -0.71 -10.30 -2.04
CA ALA A 76 -1.06 -10.26 -3.46
C ALA A 76 0.18 -10.34 -4.31
N LEU A 77 1.18 -9.53 -4.00
CA LEU A 77 2.43 -9.57 -4.73
C LEU A 77 3.09 -10.91 -4.48
N ARG A 78 3.03 -11.33 -3.22
CA ARG A 78 3.58 -12.60 -2.77
C ARG A 78 3.05 -13.76 -3.60
N SER A 79 1.91 -13.56 -4.25
CA SER A 79 1.32 -14.60 -5.07
C SER A 79 2.27 -15.03 -6.18
N SER A 80 3.08 -14.09 -6.65
CA SER A 80 4.05 -14.38 -7.69
C SER A 80 5.07 -15.42 -7.22
N ASN A 81 5.40 -15.36 -5.93
CA ASN A 81 6.34 -16.29 -5.35
C ASN A 81 5.64 -17.49 -4.72
N MET A 82 5.97 -18.68 -5.21
CA MET A 82 5.37 -19.90 -4.69
C MET A 82 6.16 -20.43 -3.49
N ALA A 83 5.45 -20.80 -2.43
CA ALA A 83 6.08 -21.31 -1.23
C ALA A 83 6.84 -22.61 -1.52
N GLY A 84 7.98 -22.79 -0.87
CA GLY A 84 8.77 -24.00 -1.09
C GLY A 84 8.84 -24.89 0.13
N GLY A 1 -6.96 22.17 -12.49
CA GLY A 1 -5.55 21.68 -12.35
C GLY A 1 -5.06 20.95 -13.59
N PRO A 2 -4.01 20.13 -13.45
CA PRO A 2 -3.46 19.37 -14.56
C PRO A 2 -4.47 18.41 -15.16
N LEU A 3 -4.34 18.15 -16.46
CA LEU A 3 -5.25 17.26 -17.17
C LEU A 3 -4.85 15.80 -16.94
N GLY A 4 -5.85 14.94 -16.75
CA GLY A 4 -5.58 13.53 -16.53
C GLY A 4 -5.35 12.77 -17.82
N SER A 5 -5.16 11.46 -17.71
CA SER A 5 -4.95 10.62 -18.89
C SER A 5 -6.22 10.50 -19.71
N MET A 6 -6.08 10.17 -20.98
CA MET A 6 -7.22 10.02 -21.87
C MET A 6 -8.17 8.92 -21.39
N GLY A 7 -7.60 7.84 -20.86
CA GLY A 7 -8.41 6.75 -20.36
C GLY A 7 -8.78 6.90 -18.91
N GLU A 8 -9.61 5.99 -18.40
CA GLU A 8 -10.02 6.03 -17.01
C GLU A 8 -9.08 5.21 -16.13
N LYS A 9 -7.90 4.90 -16.66
CA LYS A 9 -6.91 4.15 -15.91
C LYS A 9 -6.32 5.03 -14.81
N GLN A 10 -6.79 6.28 -14.77
CA GLN A 10 -6.34 7.25 -13.79
C GLN A 10 -6.80 6.86 -12.39
N SER A 11 -5.85 6.44 -11.55
CA SER A 11 -6.16 6.04 -10.17
C SER A 11 -5.04 5.16 -9.63
N LYS A 12 -3.80 5.51 -9.94
CA LYS A 12 -2.64 4.74 -9.49
C LYS A 12 -2.07 5.36 -8.21
N GLY A 13 -2.01 4.56 -7.15
CA GLY A 13 -1.47 5.05 -5.90
C GLY A 13 -2.33 6.13 -5.27
N TYR A 14 -3.64 5.86 -5.15
CA TYR A 14 -4.55 6.84 -4.56
C TYR A 14 -4.39 6.87 -3.05
N TRP A 15 -4.05 8.05 -2.53
CA TRP A 15 -3.88 8.22 -1.09
C TRP A 15 -5.21 8.54 -0.41
N GLN A 16 -5.63 7.66 0.49
CA GLN A 16 -6.88 7.86 1.23
C GLN A 16 -6.61 8.75 2.45
N GLU A 17 -7.39 9.83 2.55
CA GLU A 17 -7.23 10.80 3.62
C GLU A 17 -7.40 10.19 5.01
N ASP A 18 -6.77 10.83 5.99
CA ASP A 18 -6.84 10.41 7.39
C ASP A 18 -8.29 10.38 7.88
N GLU A 19 -9.04 11.41 7.52
CA GLU A 19 -10.44 11.53 7.96
C GLU A 19 -11.31 10.45 7.35
N ASP A 20 -11.09 10.16 6.07
CA ASP A 20 -11.86 9.12 5.39
C ASP A 20 -11.43 7.74 5.89
N ALA A 21 -10.17 7.64 6.29
CA ALA A 21 -9.61 6.39 6.80
C ALA A 21 -9.20 6.55 8.26
N PRO A 22 -10.18 6.63 9.17
CA PRO A 22 -9.93 6.79 10.60
C PRO A 22 -9.45 5.51 11.26
N ALA A 23 -9.53 4.42 10.50
CA ALA A 23 -9.09 3.12 10.98
C ALA A 23 -8.29 2.40 9.91
N CYS A 24 -7.47 1.45 10.33
CA CYS A 24 -6.62 0.70 9.41
C CYS A 24 -7.45 -0.10 8.42
N ASN A 25 -7.19 0.13 7.13
CA ASN A 25 -7.88 -0.57 6.06
C ASN A 25 -7.61 -2.07 6.10
N GLY A 26 -6.47 -2.45 6.67
CA GLY A 26 -6.10 -3.86 6.72
C GLY A 26 -6.68 -4.63 7.89
N CYS A 27 -6.42 -4.17 9.11
CA CYS A 27 -6.90 -4.87 10.30
C CYS A 27 -8.08 -4.16 10.97
N GLY A 28 -8.48 -3.02 10.42
CA GLY A 28 -9.61 -2.31 10.99
C GLY A 28 -9.28 -1.59 12.29
N CYS A 29 -8.02 -1.65 12.71
CA CYS A 29 -7.62 -0.98 13.94
C CYS A 29 -7.70 0.54 13.75
N VAL A 30 -8.09 1.25 14.80
CA VAL A 30 -8.24 2.70 14.69
C VAL A 30 -6.93 3.44 14.91
N PHE A 31 -6.77 4.52 14.15
CA PHE A 31 -5.57 5.36 14.25
C PHE A 31 -5.70 6.37 15.39
N THR A 32 -4.64 6.48 16.17
CA THR A 32 -4.61 7.40 17.30
C THR A 32 -3.40 8.32 17.23
N THR A 33 -3.39 9.35 18.08
CA THR A 33 -2.29 10.30 18.11
C THR A 33 -0.94 9.59 18.14
N THR A 34 -0.80 8.57 18.97
CA THR A 34 0.46 7.84 19.06
C THR A 34 0.76 7.13 17.74
N VAL A 35 -0.27 6.62 17.08
CA VAL A 35 -0.08 5.93 15.81
C VAL A 35 -0.11 6.89 14.64
N ARG A 36 1.04 7.04 14.00
CA ARG A 36 1.18 7.90 12.84
C ARG A 36 0.52 7.26 11.62
N ARG A 37 0.01 8.10 10.73
CA ARG A 37 -0.65 7.61 9.53
C ARG A 37 0.37 7.25 8.45
N HIS A 38 0.12 6.17 7.74
CA HIS A 38 1.02 5.72 6.69
C HIS A 38 0.24 5.16 5.50
N HIS A 39 0.92 5.00 4.37
CA HIS A 39 0.29 4.48 3.16
C HIS A 39 1.11 3.35 2.54
N CYS A 40 0.41 2.41 1.91
CA CYS A 40 1.04 1.29 1.23
C CYS A 40 1.28 1.69 -0.23
N ARG A 41 2.45 1.37 -0.74
CA ARG A 41 2.82 1.76 -2.11
C ARG A 41 2.08 0.95 -3.18
N ASN A 42 1.30 -0.04 -2.76
CA ASN A 42 0.54 -0.86 -3.70
C ASN A 42 -0.92 -0.46 -3.76
N CYS A 43 -1.66 -0.74 -2.69
CA CYS A 43 -3.08 -0.43 -2.65
C CYS A 43 -3.33 1.06 -2.44
N GLY A 44 -2.36 1.75 -1.85
CA GLY A 44 -2.50 3.18 -1.61
C GLY A 44 -3.46 3.50 -0.49
N TYR A 45 -3.67 2.53 0.40
CA TYR A 45 -4.56 2.71 1.53
C TYR A 45 -3.77 3.05 2.79
N VAL A 46 -4.47 3.56 3.79
CA VAL A 46 -3.83 3.94 5.04
C VAL A 46 -3.60 2.72 5.91
N LEU A 47 -2.37 2.56 6.38
CA LEU A 47 -2.00 1.43 7.23
C LEU A 47 -1.21 1.89 8.44
N CYS A 48 -1.49 1.30 9.59
CA CYS A 48 -0.76 1.63 10.81
C CYS A 48 0.54 0.85 10.83
N GLY A 49 1.39 1.08 11.81
CA GLY A 49 2.65 0.37 11.86
C GLY A 49 2.45 -1.13 11.77
N ASP A 50 1.59 -1.66 12.63
CA ASP A 50 1.31 -3.09 12.66
C ASP A 50 0.88 -3.63 11.30
N CYS A 51 0.13 -2.83 10.55
CA CYS A 51 -0.35 -3.23 9.24
C CYS A 51 0.61 -2.80 8.13
N SER A 52 1.69 -2.12 8.50
CA SER A 52 2.68 -1.66 7.54
C SER A 52 4.08 -2.02 8.04
N ARG A 53 4.17 -3.06 8.87
CA ARG A 53 5.45 -3.50 9.41
C ARG A 53 6.22 -4.33 8.39
N HIS A 54 5.52 -4.92 7.43
CA HIS A 54 6.17 -5.75 6.42
C HIS A 54 6.88 -4.92 5.38
N ARG A 55 7.73 -5.59 4.62
CA ARG A 55 8.49 -4.94 3.56
C ARG A 55 8.56 -5.87 2.34
N ALA A 56 8.31 -5.30 1.16
CA ALA A 56 8.34 -6.10 -0.06
C ALA A 56 8.53 -5.22 -1.30
N ALA A 57 9.07 -5.81 -2.36
CA ALA A 57 9.27 -5.09 -3.60
C ALA A 57 7.99 -5.13 -4.42
N ILE A 58 7.85 -4.20 -5.36
CA ILE A 58 6.67 -4.13 -6.20
C ILE A 58 7.06 -3.95 -7.65
N PRO A 59 7.54 -5.05 -8.28
CA PRO A 59 8.00 -5.05 -9.67
C PRO A 59 6.93 -4.71 -10.70
N MET A 60 5.66 -4.75 -10.29
CA MET A 60 4.57 -4.42 -11.21
C MET A 60 4.35 -2.92 -11.18
N ARG A 61 4.49 -2.35 -9.99
CA ARG A 61 4.30 -0.92 -9.79
C ARG A 61 5.58 -0.15 -10.15
N GLY A 62 6.58 -0.88 -10.64
CA GLY A 62 7.84 -0.26 -11.02
C GLY A 62 8.85 -0.28 -9.89
N ILE A 63 8.52 -0.99 -8.82
CA ILE A 63 9.41 -1.10 -7.67
C ILE A 63 10.15 -2.43 -7.69
N THR A 64 11.41 -2.38 -8.13
CA THR A 64 12.24 -3.59 -8.20
C THR A 64 12.96 -3.85 -6.88
N GLU A 65 13.01 -2.85 -6.02
CA GLU A 65 13.65 -2.99 -4.73
C GLU A 65 12.58 -3.14 -3.65
N PRO A 66 12.84 -3.94 -2.60
CA PRO A 66 11.86 -4.15 -1.55
C PRO A 66 11.46 -2.85 -0.87
N GLU A 67 10.16 -2.55 -0.90
CA GLU A 67 9.62 -1.33 -0.30
C GLU A 67 8.50 -1.68 0.68
N ARG A 68 8.09 -0.68 1.47
CA ARG A 68 7.04 -0.88 2.46
C ARG A 68 5.66 -1.04 1.83
N VAL A 69 4.93 -2.00 2.38
CA VAL A 69 3.56 -2.31 1.95
C VAL A 69 2.73 -2.75 3.14
N CYS A 70 1.48 -3.11 2.89
CA CYS A 70 0.59 -3.57 3.93
C CYS A 70 0.58 -5.09 3.94
N ASP A 71 -0.42 -5.69 4.56
CA ASP A 71 -0.48 -7.15 4.62
C ASP A 71 -1.10 -7.76 3.36
N ALA A 72 -2.18 -7.18 2.86
CA ALA A 72 -2.83 -7.71 1.67
C ALA A 72 -1.95 -7.54 0.43
N CYS A 73 -1.35 -6.37 0.29
CA CYS A 73 -0.49 -6.09 -0.84
C CYS A 73 0.75 -6.98 -0.80
N TYR A 74 1.28 -7.18 0.40
CA TYR A 74 2.45 -8.04 0.56
C TYR A 74 2.12 -9.43 0.02
N LEU A 75 0.91 -9.89 0.32
CA LEU A 75 0.45 -11.20 -0.14
C LEU A 75 0.20 -11.22 -1.64
N ALA A 76 -0.57 -10.24 -2.12
CA ALA A 76 -0.90 -10.20 -3.55
C ALA A 76 0.36 -10.32 -4.38
N LEU A 77 1.38 -9.54 -4.03
CA LEU A 77 2.65 -9.61 -4.73
C LEU A 77 3.24 -10.99 -4.50
N ARG A 78 3.13 -11.43 -3.24
CA ARG A 78 3.63 -12.73 -2.81
C ARG A 78 3.04 -13.86 -3.63
N SER A 79 1.92 -13.58 -4.31
CA SER A 79 1.29 -14.60 -5.14
C SER A 79 2.24 -15.08 -6.22
N SER A 80 3.14 -14.19 -6.63
CA SER A 80 4.12 -14.52 -7.66
C SER A 80 5.54 -14.34 -7.12
N ASN A 81 6.43 -15.26 -7.49
CA ASN A 81 7.82 -15.21 -7.05
C ASN A 81 8.68 -14.44 -8.03
N MET A 82 9.62 -13.65 -7.49
CA MET A 82 10.51 -12.85 -8.32
C MET A 82 11.67 -13.69 -8.82
N ALA A 83 12.00 -13.55 -10.11
CA ALA A 83 13.09 -14.28 -10.71
C ALA A 83 14.42 -13.89 -10.08
N GLY A 84 15.32 -14.86 -9.93
CA GLY A 84 16.61 -14.60 -9.34
C GLY A 84 17.49 -15.83 -9.28
N GLY A 1 7.48 -0.51 -24.84
CA GLY A 1 6.64 -0.53 -23.59
C GLY A 1 6.23 0.87 -23.16
N PRO A 2 7.15 1.62 -22.54
CA PRO A 2 6.88 2.98 -22.07
C PRO A 2 6.38 3.88 -23.18
N LEU A 3 5.51 4.83 -22.82
CA LEU A 3 4.95 5.76 -23.79
C LEU A 3 6.06 6.58 -24.47
N GLY A 4 7.10 6.89 -23.69
CA GLY A 4 8.21 7.66 -24.22
C GLY A 4 9.52 7.31 -23.57
N SER A 5 10.60 7.91 -24.06
CA SER A 5 11.93 7.64 -23.50
C SER A 5 12.00 8.04 -22.03
N MET A 6 11.18 9.02 -21.65
CA MET A 6 11.15 9.50 -20.28
C MET A 6 10.79 8.37 -19.31
N GLY A 7 9.91 7.48 -19.75
CA GLY A 7 9.49 6.38 -18.91
C GLY A 7 8.51 6.80 -17.84
N GLU A 8 7.71 7.82 -18.15
CA GLU A 8 6.71 8.33 -17.21
C GLU A 8 5.44 7.48 -17.22
N LYS A 9 5.47 6.37 -17.93
CA LYS A 9 4.33 5.47 -17.98
C LYS A 9 3.99 5.02 -16.56
N GLN A 10 4.97 5.18 -15.67
CA GLN A 10 4.80 4.80 -14.26
C GLN A 10 3.62 5.53 -13.63
N SER A 11 2.89 4.84 -12.77
CA SER A 11 1.74 5.41 -12.10
C SER A 11 1.92 5.38 -10.59
N LYS A 12 1.30 6.34 -9.90
CA LYS A 12 1.39 6.42 -8.44
C LYS A 12 0.12 5.92 -7.78
N GLY A 13 0.26 5.09 -6.75
CA GLY A 13 -0.89 4.56 -6.05
C GLY A 13 -1.74 5.64 -5.43
N TYR A 14 -3.04 5.36 -5.27
CA TYR A 14 -3.96 6.33 -4.68
C TYR A 14 -3.82 6.37 -3.17
N TRP A 15 -3.51 7.55 -2.65
CA TRP A 15 -3.35 7.72 -1.20
C TRP A 15 -4.66 8.19 -0.57
N GLN A 16 -5.19 7.39 0.34
CA GLN A 16 -6.43 7.73 1.04
C GLN A 16 -6.15 8.64 2.23
N GLU A 17 -6.91 9.72 2.30
CA GLU A 17 -6.75 10.73 3.35
C GLU A 17 -6.93 10.16 4.76
N ASP A 18 -6.29 10.82 5.72
CA ASP A 18 -6.37 10.43 7.13
C ASP A 18 -7.82 10.42 7.62
N GLU A 19 -8.56 11.45 7.25
CA GLU A 19 -9.96 11.57 7.68
C GLU A 19 -10.84 10.48 7.09
N ASP A 20 -10.64 10.20 5.81
CA ASP A 20 -11.42 9.17 5.14
C ASP A 20 -11.11 7.79 5.71
N ALA A 21 -9.85 7.60 6.10
CA ALA A 21 -9.40 6.35 6.67
C ALA A 21 -9.03 6.52 8.14
N PRO A 22 -10.05 6.65 9.01
CA PRO A 22 -9.84 6.82 10.46
C PRO A 22 -9.39 5.53 11.14
N ALA A 23 -9.49 4.44 10.42
CA ALA A 23 -9.09 3.14 10.93
C ALA A 23 -8.27 2.40 9.88
N CYS A 24 -7.44 1.44 10.32
CA CYS A 24 -6.60 0.70 9.41
C CYS A 24 -7.42 -0.13 8.42
N ASN A 25 -7.18 0.11 7.14
CA ASN A 25 -7.87 -0.60 6.07
C ASN A 25 -7.62 -2.10 6.15
N GLY A 26 -6.48 -2.48 6.73
CA GLY A 26 -6.13 -3.89 6.83
C GLY A 26 -6.69 -4.58 8.05
N CYS A 27 -6.38 -4.06 9.24
CA CYS A 27 -6.84 -4.70 10.47
C CYS A 27 -8.02 -3.95 11.12
N GLY A 28 -8.42 -2.83 10.53
CA GLY A 28 -9.54 -2.08 11.07
C GLY A 28 -9.22 -1.39 12.39
N CYS A 29 -7.95 -1.37 12.77
CA CYS A 29 -7.55 -0.71 14.01
C CYS A 29 -7.68 0.79 13.88
N VAL A 30 -8.11 1.45 14.94
CA VAL A 30 -8.30 2.89 14.93
C VAL A 30 -6.98 3.63 15.14
N PHE A 31 -6.81 4.70 14.36
CA PHE A 31 -5.60 5.51 14.46
C PHE A 31 -5.74 6.54 15.58
N THR A 32 -4.68 6.65 16.37
CA THR A 32 -4.64 7.57 17.50
C THR A 32 -3.41 8.46 17.42
N THR A 33 -3.37 9.46 18.30
CA THR A 33 -2.24 10.38 18.35
C THR A 33 -0.91 9.66 18.33
N THR A 34 -0.82 8.53 19.03
CA THR A 34 0.42 7.76 19.08
C THR A 34 0.66 6.99 17.80
N VAL A 35 -0.41 6.65 17.06
CA VAL A 35 -0.24 5.91 15.82
C VAL A 35 -0.23 6.85 14.61
N ARG A 36 0.92 6.92 13.97
CA ARG A 36 1.10 7.77 12.79
C ARG A 36 0.45 7.12 11.58
N ARG A 37 -0.05 7.96 10.67
CA ARG A 37 -0.70 7.48 9.46
C ARG A 37 0.33 7.14 8.40
N HIS A 38 0.08 6.05 7.68
CA HIS A 38 1.00 5.61 6.64
C HIS A 38 0.24 5.05 5.44
N HIS A 39 0.92 4.93 4.30
CA HIS A 39 0.29 4.42 3.09
C HIS A 39 1.11 3.29 2.47
N CYS A 40 0.41 2.33 1.84
CA CYS A 40 1.05 1.22 1.17
C CYS A 40 1.27 1.60 -0.29
N ARG A 41 2.44 1.23 -0.82
CA ARG A 41 2.81 1.57 -2.20
C ARG A 41 2.05 0.74 -3.23
N ASN A 42 1.26 -0.23 -2.76
CA ASN A 42 0.50 -1.08 -3.66
C ASN A 42 -0.97 -0.66 -3.72
N CYS A 43 -1.72 -0.91 -2.65
CA CYS A 43 -3.13 -0.58 -2.62
C CYS A 43 -3.37 0.92 -2.41
N GLY A 44 -2.39 1.60 -1.80
CA GLY A 44 -2.52 3.02 -1.56
C GLY A 44 -3.49 3.34 -0.45
N TYR A 45 -3.71 2.37 0.43
CA TYR A 45 -4.60 2.55 1.57
C TYR A 45 -3.81 2.89 2.82
N VAL A 46 -4.50 3.45 3.80
CA VAL A 46 -3.85 3.83 5.05
C VAL A 46 -3.61 2.62 5.93
N LEU A 47 -2.38 2.46 6.40
CA LEU A 47 -2.03 1.33 7.26
C LEU A 47 -1.24 1.83 8.47
N CYS A 48 -1.54 1.24 9.63
CA CYS A 48 -0.83 1.60 10.86
C CYS A 48 0.50 0.87 10.86
N GLY A 49 1.34 1.13 11.85
CA GLY A 49 2.63 0.46 11.90
C GLY A 49 2.50 -1.05 11.77
N ASP A 50 1.69 -1.64 12.65
CA ASP A 50 1.48 -3.08 12.67
C ASP A 50 1.02 -3.63 11.32
N CYS A 51 0.22 -2.86 10.61
CA CYS A 51 -0.27 -3.26 9.30
C CYS A 51 0.66 -2.84 8.18
N SER A 52 1.72 -2.13 8.54
CA SER A 52 2.71 -1.67 7.57
C SER A 52 4.12 -2.02 8.05
N ARG A 53 4.20 -3.07 8.87
CA ARG A 53 5.49 -3.53 9.40
C ARG A 53 6.23 -4.38 8.37
N HIS A 54 5.50 -4.91 7.39
CA HIS A 54 6.13 -5.76 6.37
C HIS A 54 6.81 -4.92 5.30
N ARG A 55 7.67 -5.57 4.54
CA ARG A 55 8.38 -4.91 3.46
C ARG A 55 8.47 -5.82 2.23
N ALA A 56 8.23 -5.25 1.06
CA ALA A 56 8.28 -6.03 -0.18
C ALA A 56 8.51 -5.15 -1.39
N ALA A 57 9.07 -5.74 -2.45
CA ALA A 57 9.31 -5.02 -3.69
C ALA A 57 8.11 -5.17 -4.60
N ILE A 58 7.87 -4.19 -5.46
CA ILE A 58 6.74 -4.24 -6.37
C ILE A 58 7.18 -3.98 -7.81
N PRO A 59 7.73 -5.03 -8.47
CA PRO A 59 8.22 -4.94 -9.85
C PRO A 59 7.14 -4.64 -10.87
N MET A 60 5.88 -4.70 -10.47
CA MET A 60 4.78 -4.38 -11.39
C MET A 60 4.50 -2.90 -11.35
N ARG A 61 4.60 -2.35 -10.15
CA ARG A 61 4.37 -0.93 -9.92
C ARG A 61 5.63 -0.13 -10.24
N GLY A 62 6.66 -0.83 -10.68
CA GLY A 62 7.92 -0.20 -11.01
C GLY A 62 8.89 -0.19 -9.86
N ILE A 63 8.54 -0.88 -8.78
CA ILE A 63 9.38 -0.96 -7.60
C ILE A 63 10.22 -2.24 -7.64
N THR A 64 11.48 -2.10 -8.01
CA THR A 64 12.38 -3.25 -8.10
C THR A 64 13.07 -3.52 -6.76
N GLU A 65 13.08 -2.52 -5.89
CA GLU A 65 13.68 -2.67 -4.57
C GLU A 65 12.58 -2.83 -3.53
N PRO A 66 12.77 -3.74 -2.56
CA PRO A 66 11.76 -3.97 -1.53
C PRO A 66 11.34 -2.69 -0.84
N GLU A 67 10.04 -2.42 -0.85
CA GLU A 67 9.48 -1.23 -0.24
C GLU A 67 8.37 -1.60 0.75
N ARG A 68 7.96 -0.63 1.56
CA ARG A 68 6.92 -0.85 2.55
C ARG A 68 5.55 -1.06 1.93
N VAL A 69 4.83 -2.05 2.44
CA VAL A 69 3.49 -2.39 1.99
C VAL A 69 2.65 -2.86 3.17
N CYS A 70 1.39 -3.20 2.91
CA CYS A 70 0.50 -3.69 3.94
C CYS A 70 0.49 -5.22 3.91
N ASP A 71 -0.46 -5.83 4.60
CA ASP A 71 -0.53 -7.29 4.64
C ASP A 71 -1.15 -7.89 3.38
N ALA A 72 -2.23 -7.30 2.88
CA ALA A 72 -2.89 -7.81 1.68
C ALA A 72 -2.02 -7.65 0.44
N CYS A 73 -1.44 -6.47 0.28
CA CYS A 73 -0.58 -6.19 -0.86
C CYS A 73 0.65 -7.09 -0.83
N TYR A 74 1.22 -7.26 0.35
CA TYR A 74 2.38 -8.12 0.51
C TYR A 74 2.05 -9.51 -0.02
N LEU A 75 0.84 -9.98 0.28
CA LEU A 75 0.39 -11.29 -0.15
C LEU A 75 0.10 -11.34 -1.66
N ALA A 76 -0.68 -10.39 -2.15
CA ALA A 76 -1.03 -10.35 -3.57
C ALA A 76 0.21 -10.45 -4.44
N LEU A 77 1.21 -9.62 -4.13
CA LEU A 77 2.46 -9.67 -4.87
C LEU A 77 3.12 -11.01 -4.61
N ARG A 78 3.07 -11.41 -3.35
CA ARG A 78 3.63 -12.66 -2.87
C ARG A 78 3.02 -13.87 -3.59
N SER A 79 1.84 -13.67 -4.18
CA SER A 79 1.16 -14.75 -4.89
C SER A 79 2.09 -15.42 -5.89
N SER A 80 2.95 -14.63 -6.53
CA SER A 80 3.88 -15.17 -7.51
C SER A 80 5.28 -14.59 -7.30
N ASN A 81 6.25 -15.47 -7.07
CA ASN A 81 7.63 -15.05 -6.86
C ASN A 81 8.19 -14.35 -8.10
N MET A 82 7.79 -14.86 -9.27
CA MET A 82 8.24 -14.29 -10.54
C MET A 82 7.29 -13.21 -11.03
N ALA A 83 7.85 -12.09 -11.47
CA ALA A 83 7.05 -10.99 -11.98
C ALA A 83 6.33 -11.36 -13.26
N GLY A 84 5.13 -10.83 -13.45
CA GLY A 84 4.36 -11.13 -14.64
C GLY A 84 2.92 -11.53 -14.32
N GLY A 1 -13.85 -8.84 -1.03
CA GLY A 1 -13.91 -9.89 0.03
C GLY A 1 -14.85 -11.02 -0.33
N PRO A 2 -15.44 -11.67 0.68
CA PRO A 2 -16.37 -12.79 0.47
C PRO A 2 -17.73 -12.31 -0.06
N LEU A 3 -17.89 -10.99 -0.15
CA LEU A 3 -19.13 -10.41 -0.63
C LEU A 3 -19.44 -10.87 -2.06
N GLY A 4 -18.38 -11.07 -2.84
CA GLY A 4 -18.55 -11.51 -4.21
C GLY A 4 -18.67 -10.35 -5.19
N SER A 5 -18.34 -9.15 -4.72
CA SER A 5 -18.42 -7.96 -5.55
C SER A 5 -17.03 -7.36 -5.77
N MET A 6 -16.80 -6.80 -6.95
CA MET A 6 -15.52 -6.19 -7.28
C MET A 6 -15.41 -4.80 -6.68
N GLY A 7 -14.35 -4.57 -5.92
CA GLY A 7 -14.14 -3.28 -5.30
C GLY A 7 -13.35 -2.33 -6.17
N GLU A 8 -12.96 -1.19 -5.60
CA GLU A 8 -12.19 -0.19 -6.34
C GLU A 8 -10.70 -0.54 -6.38
N LYS A 9 -10.36 -1.74 -5.91
CA LYS A 9 -8.97 -2.19 -5.94
C LYS A 9 -8.48 -2.23 -7.38
N GLN A 10 -9.44 -2.14 -8.31
CA GLN A 10 -9.13 -2.14 -9.74
C GLN A 10 -7.98 -1.19 -10.06
N SER A 11 -7.90 -0.10 -9.33
CA SER A 11 -6.84 0.88 -9.54
C SER A 11 -5.84 0.86 -8.38
N LYS A 12 -4.59 1.17 -8.68
CA LYS A 12 -3.54 1.18 -7.66
C LYS A 12 -2.79 2.50 -7.64
N GLY A 13 -2.27 2.86 -6.47
CA GLY A 13 -1.51 4.10 -6.34
C GLY A 13 -2.34 5.23 -5.74
N TYR A 14 -3.62 4.97 -5.51
CA TYR A 14 -4.50 5.99 -4.94
C TYR A 14 -4.32 6.05 -3.42
N TRP A 15 -3.98 7.23 -2.93
CA TRP A 15 -3.78 7.44 -1.50
C TRP A 15 -5.08 7.92 -0.84
N GLN A 16 -5.57 7.13 0.12
CA GLN A 16 -6.79 7.48 0.85
C GLN A 16 -6.45 8.45 1.98
N GLU A 17 -7.19 9.57 2.01
CA GLU A 17 -6.98 10.62 3.00
C GLU A 17 -7.13 10.12 4.43
N ASP A 18 -6.45 10.81 5.35
CA ASP A 18 -6.49 10.48 6.76
C ASP A 18 -7.93 10.45 7.28
N GLU A 19 -8.71 11.46 6.93
CA GLU A 19 -10.09 11.56 7.38
C GLU A 19 -10.97 10.45 6.81
N ASP A 20 -10.79 10.16 5.53
CA ASP A 20 -11.58 9.12 4.88
C ASP A 20 -11.26 7.75 5.47
N ALA A 21 -10.01 7.58 5.87
CA ALA A 21 -9.54 6.33 6.46
C ALA A 21 -9.19 6.53 7.93
N PRO A 22 -10.21 6.59 8.80
CA PRO A 22 -10.01 6.77 10.24
C PRO A 22 -9.55 5.51 10.94
N ALA A 23 -9.65 4.40 10.24
CA ALA A 23 -9.24 3.11 10.77
C ALA A 23 -8.42 2.34 9.75
N CYS A 24 -7.59 1.41 10.22
CA CYS A 24 -6.74 0.64 9.33
C CYS A 24 -7.56 -0.17 8.33
N ASN A 25 -7.28 0.04 7.05
CA ASN A 25 -7.98 -0.65 5.98
C ASN A 25 -7.77 -2.17 6.07
N GLY A 26 -6.64 -2.56 6.65
CA GLY A 26 -6.34 -3.98 6.76
C GLY A 26 -6.88 -4.65 8.02
N CYS A 27 -6.56 -4.09 9.18
CA CYS A 27 -7.00 -4.69 10.45
C CYS A 27 -8.16 -3.92 11.09
N GLY A 28 -8.56 -2.81 10.50
CA GLY A 28 -9.67 -2.05 11.04
C GLY A 28 -9.34 -1.34 12.36
N CYS A 29 -8.07 -1.36 12.75
CA CYS A 29 -7.67 -0.71 13.99
C CYS A 29 -7.76 0.80 13.84
N VAL A 30 -8.15 1.48 14.91
CA VAL A 30 -8.30 2.94 14.89
C VAL A 30 -6.97 3.65 15.08
N PHE A 31 -6.76 4.70 14.29
CA PHE A 31 -5.53 5.49 14.38
C PHE A 31 -5.65 6.52 15.49
N THR A 32 -4.59 6.61 16.28
CA THR A 32 -4.54 7.55 17.40
C THR A 32 -3.28 8.39 17.33
N THR A 33 -3.21 9.42 18.18
CA THR A 33 -2.06 10.30 18.22
C THR A 33 -0.75 9.51 18.29
N THR A 34 -0.71 8.48 19.12
CA THR A 34 0.50 7.67 19.24
C THR A 34 0.78 6.92 17.95
N VAL A 35 -0.27 6.47 17.27
CA VAL A 35 -0.10 5.74 16.03
C VAL A 35 -0.08 6.68 14.83
N ARG A 36 1.09 6.77 14.20
CA ARG A 36 1.27 7.60 13.03
C ARG A 36 0.58 6.97 11.83
N ARG A 37 0.04 7.81 10.96
CA ARG A 37 -0.65 7.33 9.76
C ARG A 37 0.33 7.03 8.65
N HIS A 38 0.08 5.95 7.92
CA HIS A 38 0.95 5.56 6.83
C HIS A 38 0.15 4.98 5.66
N HIS A 39 0.81 4.85 4.52
CA HIS A 39 0.16 4.34 3.32
C HIS A 39 0.99 3.24 2.66
N CYS A 40 0.31 2.28 2.03
CA CYS A 40 0.97 1.19 1.33
C CYS A 40 1.22 1.61 -0.12
N ARG A 41 2.40 1.28 -0.63
CA ARG A 41 2.81 1.64 -1.98
C ARG A 41 2.06 0.84 -3.05
N ASN A 42 1.29 -0.15 -2.63
CA ASN A 42 0.54 -0.98 -3.57
C ASN A 42 -0.92 -0.57 -3.65
N CYS A 43 -1.68 -0.82 -2.59
CA CYS A 43 -3.10 -0.50 -2.57
C CYS A 43 -3.36 0.99 -2.37
N GLY A 44 -2.39 1.69 -1.79
CA GLY A 44 -2.55 3.12 -1.57
C GLY A 44 -3.52 3.42 -0.44
N TYR A 45 -3.73 2.44 0.44
CA TYR A 45 -4.63 2.62 1.57
C TYR A 45 -3.84 2.96 2.82
N VAL A 46 -4.52 3.50 3.82
CA VAL A 46 -3.87 3.87 5.06
C VAL A 46 -3.65 2.66 5.96
N LEU A 47 -2.41 2.51 6.43
CA LEU A 47 -2.06 1.40 7.30
C LEU A 47 -1.27 1.90 8.50
N CYS A 48 -1.53 1.31 9.66
CA CYS A 48 -0.80 1.68 10.86
C CYS A 48 0.54 0.97 10.85
N GLY A 49 1.38 1.21 11.86
CA GLY A 49 2.67 0.56 11.87
C GLY A 49 2.55 -0.95 11.76
N ASP A 50 1.75 -1.53 12.65
CA ASP A 50 1.56 -2.98 12.67
C ASP A 50 1.08 -3.54 11.33
N CYS A 51 0.27 -2.78 10.63
CA CYS A 51 -0.25 -3.21 9.33
C CYS A 51 0.68 -2.79 8.20
N SER A 52 1.75 -2.09 8.55
CA SER A 52 2.73 -1.63 7.58
C SER A 52 4.14 -1.98 8.06
N ARG A 53 4.23 -3.01 8.90
CA ARG A 53 5.52 -3.45 9.42
C ARG A 53 6.26 -4.30 8.40
N HIS A 54 5.54 -4.83 7.42
CA HIS A 54 6.16 -5.68 6.40
C HIS A 54 6.85 -4.85 5.32
N ARG A 55 7.70 -5.51 4.55
CA ARG A 55 8.42 -4.86 3.47
C ARG A 55 8.51 -5.79 2.26
N ALA A 56 8.26 -5.24 1.08
CA ALA A 56 8.31 -6.03 -0.15
C ALA A 56 8.51 -5.16 -1.38
N ALA A 57 9.07 -5.76 -2.44
CA ALA A 57 9.28 -5.05 -3.68
C ALA A 57 8.05 -5.17 -4.57
N ILE A 58 7.86 -4.22 -5.45
CA ILE A 58 6.70 -4.23 -6.35
C ILE A 58 7.14 -4.03 -7.79
N PRO A 59 7.63 -5.11 -8.44
CA PRO A 59 8.11 -5.06 -9.82
C PRO A 59 7.04 -4.76 -10.86
N MET A 60 5.77 -4.81 -10.46
CA MET A 60 4.68 -4.50 -11.37
C MET A 60 4.44 -3.00 -11.37
N ARG A 61 4.57 -2.42 -10.18
CA ARG A 61 4.36 -0.99 -9.99
C ARG A 61 5.63 -0.21 -10.34
N GLY A 62 6.65 -0.94 -10.79
CA GLY A 62 7.90 -0.33 -11.16
C GLY A 62 8.88 -0.30 -10.00
N ILE A 63 8.53 -0.98 -8.91
CA ILE A 63 9.39 -1.03 -7.74
C ILE A 63 10.19 -2.34 -7.74
N THR A 64 11.44 -2.24 -8.16
CA THR A 64 12.32 -3.41 -8.22
C THR A 64 13.02 -3.68 -6.90
N GLU A 65 13.04 -2.67 -6.03
CA GLU A 65 13.65 -2.82 -4.72
C GLU A 65 12.56 -2.99 -3.67
N PRO A 66 12.79 -3.81 -2.64
CA PRO A 66 11.79 -4.03 -1.60
C PRO A 66 11.37 -2.73 -0.92
N GLU A 67 10.07 -2.45 -0.96
CA GLU A 67 9.52 -1.24 -0.38
C GLU A 67 8.44 -1.58 0.65
N ARG A 68 8.04 -0.58 1.43
CA ARG A 68 7.02 -0.77 2.47
C ARG A 68 5.62 -0.97 1.86
N VAL A 69 4.92 -1.95 2.42
CA VAL A 69 3.57 -2.29 2.01
C VAL A 69 2.75 -2.75 3.21
N CYS A 70 1.51 -3.14 2.96
CA CYS A 70 0.64 -3.63 4.02
C CYS A 70 0.66 -5.15 3.99
N ASP A 71 -0.33 -5.78 4.63
CA ASP A 71 -0.39 -7.24 4.67
C ASP A 71 -1.01 -7.85 3.41
N ALA A 72 -2.09 -7.24 2.92
CA ALA A 72 -2.77 -7.77 1.73
C ALA A 72 -1.91 -7.59 0.48
N CYS A 73 -1.34 -6.41 0.32
CA CYS A 73 -0.49 -6.12 -0.84
C CYS A 73 0.75 -6.99 -0.80
N TYR A 74 1.31 -7.19 0.38
CA TYR A 74 2.48 -8.03 0.53
C TYR A 74 2.16 -9.42 0.00
N LEU A 75 0.95 -9.88 0.29
CA LEU A 75 0.50 -11.20 -0.15
C LEU A 75 0.20 -11.25 -1.63
N ALA A 76 -0.64 -10.32 -2.10
CA ALA A 76 -1.02 -10.29 -3.51
C ALA A 76 0.22 -10.35 -4.39
N LEU A 77 1.21 -9.53 -4.08
CA LEU A 77 2.46 -9.56 -4.82
C LEU A 77 3.15 -10.88 -4.57
N ARG A 78 3.11 -11.29 -3.31
CA ARG A 78 3.70 -12.55 -2.86
C ARG A 78 3.15 -13.73 -3.67
N SER A 79 2.01 -13.54 -4.30
CA SER A 79 1.41 -14.61 -5.09
C SER A 79 1.77 -14.46 -6.55
N SER A 80 2.97 -14.93 -6.91
CA SER A 80 3.45 -14.85 -8.29
C SER A 80 3.80 -16.24 -8.83
N ASN A 81 3.60 -16.43 -10.12
CA ASN A 81 3.90 -17.70 -10.75
C ASN A 81 5.35 -18.10 -10.53
N MET A 82 6.25 -17.11 -10.54
CA MET A 82 7.67 -17.37 -10.34
C MET A 82 8.01 -17.35 -8.86
N ALA A 83 8.74 -18.37 -8.40
CA ALA A 83 9.13 -18.47 -7.01
C ALA A 83 9.98 -17.28 -6.59
N GLY A 84 9.79 -16.81 -5.37
CA GLY A 84 10.54 -15.68 -4.87
C GLY A 84 9.73 -14.80 -3.94
N GLY A 1 -23.87 6.09 -8.78
CA GLY A 1 -23.34 7.35 -8.18
C GLY A 1 -21.84 7.30 -7.94
N PRO A 2 -21.04 7.40 -9.02
CA PRO A 2 -19.58 7.36 -8.93
C PRO A 2 -19.02 8.46 -8.03
N LEU A 3 -17.93 8.15 -7.33
CA LEU A 3 -17.30 9.11 -6.44
C LEU A 3 -16.81 10.34 -7.18
N GLY A 4 -16.35 10.15 -8.41
CA GLY A 4 -15.86 11.26 -9.22
C GLY A 4 -14.37 11.48 -9.04
N SER A 5 -13.70 10.54 -8.39
CA SER A 5 -12.26 10.64 -8.16
C SER A 5 -11.49 10.56 -9.48
N MET A 6 -10.29 11.12 -9.49
CA MET A 6 -9.46 11.10 -10.68
C MET A 6 -9.23 9.66 -11.15
N GLY A 7 -9.19 8.73 -10.20
CA GLY A 7 -8.99 7.34 -10.53
C GLY A 7 -7.66 6.81 -10.01
N GLU A 8 -7.59 5.49 -9.86
CA GLU A 8 -6.37 4.85 -9.37
C GLU A 8 -5.49 4.38 -10.52
N LYS A 9 -5.75 4.89 -11.71
CA LYS A 9 -4.95 4.52 -12.87
C LYS A 9 -3.49 4.87 -12.60
N GLN A 10 -3.29 5.75 -11.62
CA GLN A 10 -1.96 6.18 -11.22
C GLN A 10 -1.15 5.00 -10.70
N SER A 11 0.04 4.82 -11.26
CA SER A 11 0.93 3.74 -10.84
C SER A 11 1.37 3.91 -9.40
N LYS A 12 1.54 5.16 -8.99
CA LYS A 12 1.96 5.47 -7.62
C LYS A 12 0.95 4.94 -6.61
N GLY A 13 -0.33 5.03 -6.95
CA GLY A 13 -1.37 4.58 -6.06
C GLY A 13 -2.16 5.73 -5.46
N TYR A 14 -3.46 5.53 -5.26
CA TYR A 14 -4.31 6.56 -4.69
C TYR A 14 -4.14 6.63 -3.17
N TRP A 15 -3.78 7.81 -2.69
CA TRP A 15 -3.58 8.02 -1.26
C TRP A 15 -4.89 8.43 -0.59
N GLN A 16 -5.36 7.59 0.34
CA GLN A 16 -6.58 7.87 1.09
C GLN A 16 -6.26 8.77 2.28
N GLU A 17 -6.98 9.89 2.38
CA GLU A 17 -6.76 10.86 3.44
C GLU A 17 -6.92 10.29 4.84
N ASP A 18 -6.24 10.93 5.78
CA ASP A 18 -6.29 10.55 7.19
C ASP A 18 -7.73 10.50 7.69
N GLU A 19 -8.49 11.54 7.35
CA GLU A 19 -9.88 11.63 7.77
C GLU A 19 -10.76 10.56 7.13
N ASP A 20 -10.53 10.30 5.85
CA ASP A 20 -11.30 9.29 5.13
C ASP A 20 -10.97 7.89 5.66
N ALA A 21 -9.71 7.71 6.03
CA ALA A 21 -9.23 6.44 6.55
C ALA A 21 -8.89 6.56 8.04
N PRO A 22 -9.92 6.56 8.89
CA PRO A 22 -9.77 6.68 10.34
C PRO A 22 -9.34 5.37 11.01
N ALA A 23 -9.46 4.29 10.27
CA ALA A 23 -9.09 2.97 10.78
C ALA A 23 -8.31 2.19 9.73
N CYS A 24 -7.52 1.22 10.17
CA CYS A 24 -6.71 0.40 9.28
C CYS A 24 -7.56 -0.36 8.27
N ASN A 25 -7.24 -0.18 7.00
CA ASN A 25 -7.94 -0.85 5.92
C ASN A 25 -7.77 -2.36 6.03
N GLY A 26 -6.67 -2.79 6.62
CA GLY A 26 -6.39 -4.20 6.76
C GLY A 26 -6.95 -4.82 8.03
N CYS A 27 -6.61 -4.26 9.19
CA CYS A 27 -7.06 -4.81 10.46
C CYS A 27 -8.20 -4.00 11.08
N GLY A 28 -8.58 -2.89 10.46
CA GLY A 28 -9.68 -2.10 10.98
C GLY A 28 -9.35 -1.39 12.28
N CYS A 29 -8.07 -1.37 12.66
CA CYS A 29 -7.67 -0.70 13.90
C CYS A 29 -7.75 0.82 13.74
N VAL A 30 -8.15 1.49 14.80
CA VAL A 30 -8.28 2.95 14.78
C VAL A 30 -6.94 3.65 14.95
N PHE A 31 -6.71 4.69 14.15
CA PHE A 31 -5.48 5.45 14.23
C PHE A 31 -5.58 6.48 15.36
N THR A 32 -4.52 6.56 16.14
CA THR A 32 -4.47 7.49 17.27
C THR A 32 -3.24 8.39 17.19
N THR A 33 -3.22 9.41 18.04
CA THR A 33 -2.12 10.35 18.09
C THR A 33 -0.78 9.63 18.09
N THR A 34 -0.67 8.57 18.87
CA THR A 34 0.57 7.81 18.95
C THR A 34 0.85 7.09 17.63
N VAL A 35 -0.18 6.57 16.99
CA VAL A 35 0.00 5.87 15.73
C VAL A 35 -0.04 6.83 14.55
N ARG A 36 1.10 6.96 13.89
CA ARG A 36 1.26 7.83 12.74
C ARG A 36 0.58 7.22 11.51
N ARG A 37 0.10 8.08 10.63
CA ARG A 37 -0.56 7.63 9.41
C ARG A 37 0.46 7.27 8.34
N HIS A 38 0.19 6.17 7.64
CA HIS A 38 1.09 5.71 6.59
C HIS A 38 0.30 5.15 5.41
N HIS A 39 0.99 4.97 4.28
CA HIS A 39 0.34 4.45 3.08
C HIS A 39 1.12 3.27 2.49
N CYS A 40 0.39 2.32 1.91
CA CYS A 40 0.99 1.17 1.26
C CYS A 40 1.24 1.51 -0.21
N ARG A 41 2.40 1.12 -0.71
CA ARG A 41 2.79 1.42 -2.09
C ARG A 41 2.01 0.61 -3.12
N ASN A 42 1.22 -0.35 -2.66
CA ASN A 42 0.44 -1.19 -3.56
C ASN A 42 -1.03 -0.74 -3.62
N CYS A 43 -1.77 -0.98 -2.55
CA CYS A 43 -3.18 -0.62 -2.51
C CYS A 43 -3.38 0.89 -2.35
N GLY A 44 -2.38 1.55 -1.78
CA GLY A 44 -2.45 2.99 -1.59
C GLY A 44 -3.40 3.38 -0.47
N TYR A 45 -3.67 2.44 0.43
CA TYR A 45 -4.57 2.70 1.55
C TYR A 45 -3.76 3.00 2.81
N VAL A 46 -4.44 3.58 3.79
CA VAL A 46 -3.78 3.94 5.04
C VAL A 46 -3.55 2.71 5.92
N LEU A 47 -2.32 2.54 6.37
CA LEU A 47 -1.96 1.42 7.24
C LEU A 47 -1.14 1.90 8.43
N CYS A 48 -1.42 1.34 9.60
CA CYS A 48 -0.68 1.69 10.79
C CYS A 48 0.64 0.92 10.78
N GLY A 49 1.52 1.17 11.75
CA GLY A 49 2.79 0.48 11.78
C GLY A 49 2.62 -1.02 11.71
N ASP A 50 1.81 -1.57 12.61
CA ASP A 50 1.56 -3.01 12.68
C ASP A 50 1.09 -3.58 11.35
N CYS A 51 0.28 -2.80 10.64
CA CYS A 51 -0.26 -3.22 9.35
C CYS A 51 0.67 -2.83 8.21
N SER A 52 1.76 -2.14 8.55
CA SER A 52 2.75 -1.71 7.56
C SER A 52 4.15 -2.06 8.04
N ARG A 53 4.24 -3.10 8.88
CA ARG A 53 5.53 -3.56 9.40
C ARG A 53 6.26 -4.42 8.39
N HIS A 54 5.53 -4.95 7.41
CA HIS A 54 6.14 -5.80 6.38
C HIS A 54 6.84 -4.97 5.32
N ARG A 55 7.68 -5.65 4.53
CA ARG A 55 8.41 -4.99 3.45
C ARG A 55 8.48 -5.91 2.23
N ALA A 56 8.29 -5.33 1.06
CA ALA A 56 8.32 -6.10 -0.17
C ALA A 56 8.56 -5.22 -1.39
N ALA A 57 9.14 -5.81 -2.44
CA ALA A 57 9.39 -5.09 -3.67
C ALA A 57 8.20 -5.26 -4.60
N ILE A 58 7.93 -4.25 -5.41
CA ILE A 58 6.80 -4.30 -6.33
C ILE A 58 7.26 -3.98 -7.75
N PRO A 59 7.88 -4.96 -8.42
CA PRO A 59 8.39 -4.82 -9.78
C PRO A 59 7.33 -4.53 -10.82
N MET A 60 6.06 -4.61 -10.42
CA MET A 60 4.98 -4.31 -11.35
C MET A 60 4.54 -2.86 -11.16
N ARG A 61 4.61 -2.43 -9.91
CA ARG A 61 4.23 -1.07 -9.53
C ARG A 61 5.42 -0.13 -9.59
N GLY A 62 6.36 -0.43 -10.49
CA GLY A 62 7.53 0.41 -10.67
C GLY A 62 8.45 0.40 -9.46
N ILE A 63 8.37 -0.64 -8.65
CA ILE A 63 9.20 -0.75 -7.47
C ILE A 63 10.08 -2.00 -7.55
N THR A 64 11.35 -1.82 -7.91
CA THR A 64 12.27 -2.94 -8.03
C THR A 64 12.95 -3.25 -6.70
N GLU A 65 13.01 -2.26 -5.82
CA GLU A 65 13.61 -2.44 -4.52
C GLU A 65 12.52 -2.67 -3.49
N PRO A 66 12.72 -3.60 -2.55
CA PRO A 66 11.71 -3.90 -1.53
C PRO A 66 11.26 -2.63 -0.81
N GLU A 67 9.96 -2.38 -0.85
CA GLU A 67 9.39 -1.20 -0.20
C GLU A 67 8.28 -1.62 0.77
N ARG A 68 7.88 -0.70 1.63
CA ARG A 68 6.84 -0.97 2.63
C ARG A 68 5.46 -1.15 2.00
N VAL A 69 4.75 -2.13 2.52
CA VAL A 69 3.39 -2.45 2.08
C VAL A 69 2.55 -2.91 3.25
N CYS A 70 1.30 -3.25 2.99
CA CYS A 70 0.41 -3.74 4.03
C CYS A 70 0.41 -5.27 4.00
N ASP A 71 -0.57 -5.87 4.67
CA ASP A 71 -0.64 -7.33 4.72
C ASP A 71 -1.24 -7.94 3.45
N ALA A 72 -2.33 -7.36 2.95
CA ALA A 72 -2.97 -7.90 1.75
C ALA A 72 -2.09 -7.72 0.51
N CYS A 73 -1.49 -6.55 0.37
CA CYS A 73 -0.62 -6.27 -0.76
C CYS A 73 0.61 -7.16 -0.72
N TYR A 74 1.15 -7.36 0.48
CA TYR A 74 2.31 -8.23 0.62
C TYR A 74 1.99 -9.60 0.07
N LEU A 75 0.79 -10.08 0.37
CA LEU A 75 0.32 -11.38 -0.08
C LEU A 75 0.04 -11.41 -1.58
N ALA A 76 -0.73 -10.43 -2.07
CA ALA A 76 -1.09 -10.36 -3.48
C ALA A 76 0.15 -10.43 -4.37
N LEU A 77 1.13 -9.58 -4.10
CA LEU A 77 2.36 -9.62 -4.87
C LEU A 77 3.05 -10.95 -4.62
N ARG A 78 3.02 -11.32 -3.35
CA ARG A 78 3.60 -12.57 -2.87
C ARG A 78 2.97 -13.78 -3.55
N SER A 79 1.78 -13.59 -4.11
CA SER A 79 1.08 -14.68 -4.77
C SER A 79 1.14 -14.52 -6.29
N SER A 80 1.16 -15.65 -7.00
CA SER A 80 1.20 -15.64 -8.45
C SER A 80 -0.05 -16.27 -9.04
N ASN A 81 -0.50 -15.74 -10.17
CA ASN A 81 -1.69 -16.25 -10.84
C ASN A 81 -1.33 -17.36 -11.82
N MET A 82 -2.04 -18.48 -11.74
CA MET A 82 -1.78 -19.62 -12.62
C MET A 82 -1.98 -19.22 -14.08
N ALA A 83 -2.94 -18.35 -14.33
CA ALA A 83 -3.22 -17.90 -15.70
C ALA A 83 -2.03 -17.15 -16.28
N GLY A 84 -1.85 -17.26 -17.59
CA GLY A 84 -0.74 -16.59 -18.25
C GLY A 84 -0.55 -17.05 -19.68
N GLY A 1 25.98 3.41 -7.37
CA GLY A 1 24.80 3.14 -8.24
C GLY A 1 24.95 3.71 -9.64
N PRO A 2 25.02 2.84 -10.66
CA PRO A 2 25.16 3.27 -12.05
C PRO A 2 23.87 3.86 -12.63
N LEU A 3 22.81 3.80 -11.84
CA LEU A 3 21.51 4.33 -12.27
C LEU A 3 21.41 5.82 -11.99
N GLY A 4 20.74 6.55 -12.88
CA GLY A 4 20.59 7.99 -12.71
C GLY A 4 19.92 8.35 -11.40
N SER A 5 20.34 9.46 -10.82
CA SER A 5 19.78 9.92 -9.54
C SER A 5 18.30 10.27 -9.69
N MET A 6 17.88 10.56 -10.92
CA MET A 6 16.49 10.91 -11.19
C MET A 6 15.80 9.80 -11.97
N GLY A 7 14.52 9.57 -11.67
CA GLY A 7 13.77 8.55 -12.36
C GLY A 7 12.29 8.62 -12.05
N GLU A 8 11.49 8.99 -13.05
CA GLU A 8 10.04 9.08 -12.87
C GLU A 8 9.36 7.76 -13.19
N LYS A 9 10.15 6.69 -13.30
CA LYS A 9 9.61 5.37 -13.58
C LYS A 9 8.83 4.88 -12.36
N GLN A 10 8.87 5.67 -11.29
CA GLN A 10 8.18 5.37 -10.06
C GLN A 10 6.68 5.56 -10.21
N SER A 11 5.91 4.61 -9.70
CA SER A 11 4.45 4.68 -9.78
C SER A 11 3.83 4.60 -8.40
N LYS A 12 2.78 5.38 -8.18
CA LYS A 12 2.09 5.41 -6.89
C LYS A 12 0.60 5.16 -7.06
N GLY A 13 0.02 4.45 -6.09
CA GLY A 13 -1.40 4.14 -6.14
C GLY A 13 -2.25 5.25 -5.54
N TYR A 14 -3.54 5.00 -5.39
CA TYR A 14 -4.45 5.99 -4.81
C TYR A 14 -4.28 6.07 -3.31
N TRP A 15 -3.95 7.26 -2.82
CA TRP A 15 -3.79 7.48 -1.38
C TRP A 15 -5.09 7.95 -0.75
N GLN A 16 -5.62 7.16 0.18
CA GLN A 16 -6.85 7.51 0.87
C GLN A 16 -6.55 8.48 2.02
N GLU A 17 -7.33 9.55 2.07
CA GLU A 17 -7.17 10.59 3.08
C GLU A 17 -7.35 10.07 4.51
N ASP A 18 -6.69 10.75 5.45
CA ASP A 18 -6.77 10.39 6.86
C ASP A 18 -8.20 10.39 7.36
N GLU A 19 -8.96 11.41 6.98
CA GLU A 19 -10.35 11.54 7.42
C GLU A 19 -11.23 10.42 6.86
N ASP A 20 -11.03 10.09 5.59
CA ASP A 20 -11.79 9.03 4.96
C ASP A 20 -11.36 7.66 5.49
N ALA A 21 -10.09 7.58 5.87
CA ALA A 21 -9.53 6.35 6.41
C ALA A 21 -9.10 6.53 7.87
N PRO A 22 -10.09 6.63 8.77
CA PRO A 22 -9.85 6.82 10.20
C PRO A 22 -9.40 5.55 10.92
N ALA A 23 -9.52 4.43 10.20
CA ALA A 23 -9.13 3.14 10.74
C ALA A 23 -8.34 2.35 9.71
N CYS A 24 -7.52 1.41 10.18
CA CYS A 24 -6.70 0.60 9.28
C CYS A 24 -7.53 -0.19 8.28
N ASN A 25 -7.25 0.02 7.00
CA ASN A 25 -7.95 -0.67 5.93
C ASN A 25 -7.74 -2.18 6.02
N GLY A 26 -6.62 -2.58 6.60
CA GLY A 26 -6.30 -4.00 6.71
C GLY A 26 -6.86 -4.65 7.97
N CYS A 27 -6.55 -4.11 9.14
CA CYS A 27 -7.00 -4.69 10.40
C CYS A 27 -8.15 -3.90 11.03
N GLY A 28 -8.55 -2.80 10.41
CA GLY A 28 -9.65 -2.01 10.95
C GLY A 28 -9.33 -1.33 12.26
N CYS A 29 -8.05 -1.35 12.66
CA CYS A 29 -7.65 -0.71 13.91
C CYS A 29 -7.73 0.81 13.76
N VAL A 30 -8.10 1.49 14.84
CA VAL A 30 -8.23 2.93 14.82
C VAL A 30 -6.89 3.63 15.02
N PHE A 31 -6.66 4.67 14.22
CA PHE A 31 -5.42 5.45 14.31
C PHE A 31 -5.53 6.47 15.42
N THR A 32 -4.48 6.56 16.21
CA THR A 32 -4.43 7.49 17.33
C THR A 32 -3.18 8.35 17.26
N THR A 33 -3.14 9.40 18.08
CA THR A 33 -2.01 10.32 18.10
C THR A 33 -0.69 9.54 18.15
N THR A 34 -0.62 8.52 18.99
CA THR A 34 0.60 7.73 19.10
C THR A 34 0.89 6.98 17.80
N VAL A 35 -0.15 6.47 17.15
CA VAL A 35 0.04 5.74 15.90
C VAL A 35 0.05 6.68 14.71
N ARG A 36 1.20 6.78 14.08
CA ARG A 36 1.38 7.63 12.91
C ARG A 36 0.68 7.01 11.70
N ARG A 37 0.15 7.85 10.85
CA ARG A 37 -0.56 7.40 9.65
C ARG A 37 0.43 7.10 8.54
N HIS A 38 0.17 6.03 7.80
CA HIS A 38 1.05 5.64 6.70
C HIS A 38 0.25 5.08 5.52
N HIS A 39 0.92 4.94 4.39
CA HIS A 39 0.27 4.44 3.18
C HIS A 39 1.06 3.29 2.57
N CYS A 40 0.35 2.34 1.97
CA CYS A 40 0.98 1.21 1.30
C CYS A 40 1.24 1.58 -0.16
N ARG A 41 2.41 1.20 -0.65
CA ARG A 41 2.82 1.52 -2.02
C ARG A 41 2.06 0.72 -3.07
N ASN A 42 1.27 -0.25 -2.63
CA ASN A 42 0.50 -1.08 -3.54
C ASN A 42 -0.97 -0.66 -3.60
N CYS A 43 -1.71 -0.91 -2.53
CA CYS A 43 -3.13 -0.57 -2.49
C CYS A 43 -3.36 0.92 -2.30
N GLY A 44 -2.39 1.61 -1.73
CA GLY A 44 -2.52 3.04 -1.53
C GLY A 44 -3.49 3.39 -0.41
N TYR A 45 -3.73 2.44 0.47
CA TYR A 45 -4.63 2.65 1.60
C TYR A 45 -3.84 2.98 2.85
N VAL A 46 -4.52 3.56 3.84
CA VAL A 46 -3.87 3.93 5.08
C VAL A 46 -3.61 2.70 5.95
N LEU A 47 -2.37 2.55 6.40
CA LEU A 47 -1.99 1.43 7.24
C LEU A 47 -1.20 1.90 8.46
N CYS A 48 -1.49 1.32 9.61
CA CYS A 48 -0.76 1.66 10.83
C CYS A 48 0.57 0.92 10.82
N GLY A 49 1.43 1.19 11.80
CA GLY A 49 2.71 0.52 11.83
C GLY A 49 2.58 -0.99 11.72
N ASP A 50 1.78 -1.57 12.60
CA ASP A 50 1.56 -3.01 12.64
C ASP A 50 1.09 -3.58 11.30
N CYS A 51 0.28 -2.80 10.58
CA CYS A 51 -0.24 -3.21 9.29
C CYS A 51 0.68 -2.81 8.15
N SER A 52 1.76 -2.11 8.49
CA SER A 52 2.74 -1.67 7.51
C SER A 52 4.15 -1.99 7.99
N ARG A 53 4.26 -3.02 8.84
CA ARG A 53 5.55 -3.44 9.36
C ARG A 53 6.30 -4.30 8.35
N HIS A 54 5.58 -4.89 7.40
CA HIS A 54 6.20 -5.73 6.40
C HIS A 54 6.88 -4.91 5.32
N ARG A 55 7.76 -5.55 4.56
CA ARG A 55 8.45 -4.90 3.48
C ARG A 55 8.52 -5.81 2.25
N ALA A 56 8.25 -5.26 1.09
CA ALA A 56 8.26 -6.03 -0.15
C ALA A 56 8.52 -5.18 -1.37
N ALA A 57 9.07 -5.78 -2.41
CA ALA A 57 9.34 -5.07 -3.66
C ALA A 57 8.16 -5.27 -4.60
N ILE A 58 7.91 -4.29 -5.45
CA ILE A 58 6.79 -4.36 -6.39
C ILE A 58 7.25 -4.05 -7.81
N PRO A 59 7.91 -5.03 -8.45
CA PRO A 59 8.44 -4.89 -9.81
C PRO A 59 7.36 -4.63 -10.86
N MET A 60 6.11 -4.73 -10.48
CA MET A 60 5.02 -4.47 -11.41
C MET A 60 4.57 -3.02 -11.24
N ARG A 61 4.62 -2.56 -9.99
CA ARG A 61 4.23 -1.21 -9.63
C ARG A 61 5.42 -0.26 -9.71
N GLY A 62 6.37 -0.58 -10.58
CA GLY A 62 7.54 0.26 -10.75
C GLY A 62 8.44 0.27 -9.54
N ILE A 63 8.37 -0.77 -8.73
CA ILE A 63 9.20 -0.87 -7.54
C ILE A 63 10.04 -2.15 -7.56
N THR A 64 11.30 -2.02 -7.99
CA THR A 64 12.18 -3.18 -8.06
C THR A 64 12.89 -3.44 -6.75
N GLU A 65 12.91 -2.44 -5.88
CA GLU A 65 13.54 -2.57 -4.57
C GLU A 65 12.47 -2.78 -3.52
N PRO A 66 12.73 -3.65 -2.52
CA PRO A 66 11.74 -3.92 -1.48
C PRO A 66 11.30 -2.64 -0.78
N GLU A 67 9.99 -2.40 -0.81
CA GLU A 67 9.41 -1.21 -0.18
C GLU A 67 8.32 -1.59 0.80
N ARG A 68 7.91 -0.64 1.62
CA ARG A 68 6.88 -0.86 2.62
C ARG A 68 5.50 -1.07 1.98
N VAL A 69 4.78 -2.05 2.51
CA VAL A 69 3.43 -2.40 2.06
C VAL A 69 2.60 -2.87 3.23
N CYS A 70 1.35 -3.23 2.96
CA CYS A 70 0.46 -3.73 3.99
C CYS A 70 0.47 -5.26 3.97
N ASP A 71 -0.48 -5.87 4.66
CA ASP A 71 -0.55 -7.33 4.71
C ASP A 71 -1.15 -7.93 3.44
N ALA A 72 -2.21 -7.34 2.91
CA ALA A 72 -2.86 -7.85 1.71
C ALA A 72 -1.99 -7.68 0.48
N CYS A 73 -1.41 -6.50 0.32
CA CYS A 73 -0.55 -6.21 -0.82
C CYS A 73 0.69 -7.10 -0.79
N TYR A 74 1.26 -7.26 0.40
CA TYR A 74 2.43 -8.12 0.54
C TYR A 74 2.10 -9.50 0.01
N LEU A 75 0.88 -9.95 0.30
CA LEU A 75 0.42 -11.26 -0.14
C LEU A 75 0.13 -11.31 -1.64
N ALA A 76 -0.72 -10.39 -2.11
CA ALA A 76 -1.09 -10.36 -3.52
C ALA A 76 0.15 -10.43 -4.40
N LEU A 77 1.14 -9.61 -4.08
CA LEU A 77 2.39 -9.64 -4.83
C LEU A 77 3.08 -10.97 -4.58
N ARG A 78 3.01 -11.39 -3.32
CA ARG A 78 3.59 -12.66 -2.88
C ARG A 78 3.03 -13.84 -3.68
N SER A 79 1.89 -13.63 -4.32
CA SER A 79 1.27 -14.68 -5.12
C SER A 79 2.22 -15.15 -6.22
N SER A 80 2.96 -14.21 -6.80
CA SER A 80 3.91 -14.53 -7.86
C SER A 80 5.19 -15.11 -7.28
N ASN A 81 5.94 -15.83 -8.10
CA ASN A 81 7.18 -16.45 -7.66
C ASN A 81 8.38 -15.57 -8.01
N MET A 82 9.15 -15.22 -6.99
CA MET A 82 10.33 -14.37 -7.19
C MET A 82 11.53 -15.22 -7.62
N ALA A 83 12.16 -14.81 -8.72
CA ALA A 83 13.32 -15.53 -9.24
C ALA A 83 14.48 -15.50 -8.24
N GLY A 84 15.25 -16.58 -8.20
CA GLY A 84 16.37 -16.67 -7.29
C GLY A 84 16.41 -17.97 -6.52
N GLY A 1 -17.00 24.58 -11.12
CA GLY A 1 -16.41 23.23 -10.86
C GLY A 1 -15.58 22.73 -12.02
N PRO A 2 -14.27 23.01 -12.01
CA PRO A 2 -13.36 22.57 -13.07
C PRO A 2 -13.40 21.06 -13.29
N LEU A 3 -13.22 20.65 -14.55
CA LEU A 3 -13.25 19.23 -14.89
C LEU A 3 -12.16 18.48 -14.12
N GLY A 4 -11.00 19.12 -13.95
CA GLY A 4 -9.91 18.50 -13.24
C GLY A 4 -9.16 17.49 -14.10
N SER A 5 -8.31 16.69 -13.46
CA SER A 5 -7.54 15.68 -14.17
C SER A 5 -8.46 14.62 -14.77
N MET A 6 -8.02 14.01 -15.88
CA MET A 6 -8.81 12.98 -16.54
C MET A 6 -9.05 11.79 -15.62
N GLY A 7 -8.07 11.48 -14.77
CA GLY A 7 -8.21 10.37 -13.85
C GLY A 7 -7.13 10.36 -12.78
N GLU A 8 -7.09 9.29 -12.00
CA GLU A 8 -6.10 9.16 -10.93
C GLU A 8 -4.79 8.62 -11.47
N LYS A 9 -4.67 8.52 -12.79
CA LYS A 9 -3.45 8.05 -13.41
C LYS A 9 -2.29 8.95 -13.00
N GLN A 10 -2.64 10.14 -12.52
CA GLN A 10 -1.67 11.12 -12.07
C GLN A 10 -0.68 10.51 -11.08
N SER A 11 -1.18 9.64 -10.21
CA SER A 11 -0.34 8.99 -9.20
C SER A 11 -0.39 7.47 -9.35
N LYS A 12 0.73 6.82 -9.05
CA LYS A 12 0.82 5.37 -9.14
C LYS A 12 -0.21 4.71 -8.23
N GLY A 13 -0.43 5.31 -7.07
CA GLY A 13 -1.39 4.77 -6.12
C GLY A 13 -2.23 5.86 -5.48
N TYR A 14 -3.52 5.57 -5.27
CA TYR A 14 -4.42 6.55 -4.67
C TYR A 14 -4.25 6.60 -3.15
N TRP A 15 -3.91 7.78 -2.64
CA TRP A 15 -3.72 7.97 -1.21
C TRP A 15 -5.04 8.34 -0.52
N GLN A 16 -5.48 7.50 0.41
CA GLN A 16 -6.70 7.76 1.15
C GLN A 16 -6.40 8.66 2.35
N GLU A 17 -7.15 9.75 2.44
CA GLU A 17 -6.98 10.74 3.50
C GLU A 17 -7.12 10.15 4.90
N ASP A 18 -6.46 10.80 5.86
CA ASP A 18 -6.51 10.39 7.26
C ASP A 18 -7.95 10.38 7.77
N GLU A 19 -8.69 11.41 7.41
CA GLU A 19 -10.08 11.54 7.84
C GLU A 19 -10.97 10.45 7.24
N ASP A 20 -10.77 10.16 5.97
CA ASP A 20 -11.55 9.14 5.28
C ASP A 20 -11.21 7.75 5.84
N ALA A 21 -9.95 7.58 6.22
CA ALA A 21 -9.48 6.31 6.77
C ALA A 21 -9.11 6.47 8.23
N PRO A 22 -10.12 6.55 9.11
CA PRO A 22 -9.91 6.71 10.56
C PRO A 22 -9.46 5.41 11.23
N ALA A 23 -9.55 4.33 10.48
CA ALA A 23 -9.14 3.02 10.96
C ALA A 23 -8.31 2.31 9.91
N CYS A 24 -7.47 1.37 10.34
CA CYS A 24 -6.61 0.62 9.41
C CYS A 24 -7.43 -0.19 8.43
N ASN A 25 -7.19 0.05 7.14
CA ASN A 25 -7.88 -0.66 6.07
C ASN A 25 -7.65 -2.16 6.16
N GLY A 26 -6.51 -2.54 6.75
CA GLY A 26 -6.17 -3.95 6.86
C GLY A 26 -6.73 -4.63 8.10
N CYS A 27 -6.43 -4.10 9.28
CA CYS A 27 -6.90 -4.71 10.52
C CYS A 27 -8.07 -3.96 11.15
N GLY A 28 -8.48 -2.85 10.54
CA GLY A 28 -9.60 -2.10 11.09
C GLY A 28 -9.30 -1.41 12.39
N CYS A 29 -8.02 -1.41 12.79
CA CYS A 29 -7.64 -0.76 14.04
C CYS A 29 -7.77 0.75 13.90
N VAL A 30 -8.19 1.40 14.98
CA VAL A 30 -8.39 2.85 14.98
C VAL A 30 -7.08 3.60 15.15
N PHE A 31 -6.91 4.66 14.37
CA PHE A 31 -5.71 5.48 14.44
C PHE A 31 -5.84 6.52 15.56
N THR A 32 -4.77 6.64 16.33
CA THR A 32 -4.73 7.58 17.44
C THR A 32 -3.50 8.48 17.37
N THR A 33 -3.47 9.48 18.23
CA THR A 33 -2.36 10.43 18.29
C THR A 33 -1.01 9.71 18.29
N THR A 34 -0.91 8.62 19.04
CA THR A 34 0.35 7.88 19.11
C THR A 34 0.61 7.11 17.82
N VAL A 35 -0.44 6.74 17.11
CA VAL A 35 -0.26 6.01 15.85
C VAL A 35 -0.26 6.96 14.66
N ARG A 36 0.88 7.06 14.01
CA ARG A 36 1.05 7.90 12.85
C ARG A 36 0.39 7.25 11.63
N ARG A 37 -0.13 8.07 10.73
CA ARG A 37 -0.77 7.57 9.52
C ARG A 37 0.26 7.24 8.46
N HIS A 38 0.03 6.14 7.74
CA HIS A 38 0.95 5.71 6.70
C HIS A 38 0.18 5.13 5.51
N HIS A 39 0.87 4.99 4.38
CA HIS A 39 0.24 4.46 3.18
C HIS A 39 1.08 3.35 2.56
N CYS A 40 0.40 2.37 1.95
CA CYS A 40 1.05 1.27 1.28
C CYS A 40 1.31 1.66 -0.17
N ARG A 41 2.49 1.30 -0.68
CA ARG A 41 2.90 1.66 -2.04
C ARG A 41 2.15 0.85 -3.10
N ASN A 42 1.38 -0.13 -2.68
CA ASN A 42 0.62 -0.97 -3.60
C ASN A 42 -0.84 -0.55 -3.69
N CYS A 43 -1.59 -0.79 -2.61
CA CYS A 43 -3.01 -0.46 -2.59
C CYS A 43 -3.25 1.04 -2.38
N GLY A 44 -2.27 1.71 -1.78
CA GLY A 44 -2.41 3.13 -1.54
C GLY A 44 -3.40 3.45 -0.44
N TYR A 45 -3.62 2.48 0.44
CA TYR A 45 -4.54 2.64 1.56
C TYR A 45 -3.77 2.97 2.82
N VAL A 46 -4.47 3.49 3.82
CA VAL A 46 -3.83 3.86 5.07
C VAL A 46 -3.61 2.64 5.96
N LEU A 47 -2.38 2.47 6.41
CA LEU A 47 -2.02 1.35 7.27
C LEU A 47 -1.22 1.83 8.47
N CYS A 48 -1.50 1.26 9.64
CA CYS A 48 -0.78 1.61 10.85
C CYS A 48 0.56 0.88 10.84
N GLY A 49 1.40 1.10 11.85
CA GLY A 49 2.68 0.43 11.89
C GLY A 49 2.54 -1.07 11.77
N ASP A 50 1.73 -1.66 12.64
CA ASP A 50 1.51 -3.10 12.66
C ASP A 50 1.04 -3.65 11.31
N CYS A 51 0.24 -2.87 10.61
CA CYS A 51 -0.28 -3.28 9.31
C CYS A 51 0.65 -2.85 8.18
N SER A 52 1.72 -2.16 8.53
CA SER A 52 2.70 -1.71 7.56
C SER A 52 4.11 -2.05 8.05
N ARG A 53 4.20 -3.09 8.87
CA ARG A 53 5.48 -3.55 9.40
C ARG A 53 6.24 -4.39 8.37
N HIS A 54 5.52 -4.95 7.41
CA HIS A 54 6.16 -5.78 6.39
C HIS A 54 6.81 -4.94 5.30
N ARG A 55 7.67 -5.58 4.52
CA ARG A 55 8.35 -4.92 3.42
C ARG A 55 8.44 -5.85 2.21
N ALA A 56 8.20 -5.29 1.03
CA ALA A 56 8.24 -6.07 -0.20
C ALA A 56 8.47 -5.19 -1.42
N ALA A 57 9.04 -5.79 -2.47
CA ALA A 57 9.28 -5.06 -3.71
C ALA A 57 8.06 -5.19 -4.61
N ILE A 58 7.87 -4.23 -5.50
CA ILE A 58 6.72 -4.26 -6.39
C ILE A 58 7.15 -4.06 -7.85
N PRO A 59 7.66 -5.12 -8.48
CA PRO A 59 8.14 -5.08 -9.87
C PRO A 59 7.05 -4.77 -10.89
N MET A 60 5.79 -4.79 -10.47
CA MET A 60 4.70 -4.48 -11.38
C MET A 60 4.46 -2.97 -11.37
N ARG A 61 4.59 -2.39 -10.19
CA ARG A 61 4.41 -0.96 -10.01
C ARG A 61 5.69 -0.19 -10.33
N GLY A 62 6.69 -0.94 -10.80
CA GLY A 62 7.96 -0.33 -11.14
C GLY A 62 8.94 -0.34 -9.99
N ILE A 63 8.58 -1.03 -8.91
CA ILE A 63 9.44 -1.11 -7.73
C ILE A 63 10.22 -2.41 -7.74
N THR A 64 11.49 -2.34 -8.14
CA THR A 64 12.34 -3.52 -8.20
C THR A 64 13.02 -3.79 -6.87
N GLU A 65 13.04 -2.79 -6.00
CA GLU A 65 13.65 -2.94 -4.68
C GLU A 65 12.56 -3.08 -3.63
N PRO A 66 12.79 -3.89 -2.59
CA PRO A 66 11.80 -4.10 -1.55
C PRO A 66 11.39 -2.80 -0.88
N GLU A 67 10.10 -2.51 -0.91
CA GLU A 67 9.56 -1.29 -0.32
C GLU A 67 8.46 -1.62 0.70
N ARG A 68 8.07 -0.63 1.49
CA ARG A 68 7.03 -0.81 2.51
C ARG A 68 5.65 -1.00 1.89
N VAL A 69 4.93 -1.97 2.44
CA VAL A 69 3.57 -2.29 2.00
C VAL A 69 2.74 -2.77 3.17
N CYS A 70 1.49 -3.13 2.90
CA CYS A 70 0.61 -3.63 3.94
C CYS A 70 0.60 -5.15 3.91
N ASP A 71 -0.37 -5.76 4.57
CA ASP A 71 -0.44 -7.22 4.62
C ASP A 71 -1.06 -7.82 3.35
N ALA A 72 -2.13 -7.23 2.85
CA ALA A 72 -2.79 -7.73 1.64
C ALA A 72 -1.91 -7.56 0.40
N CYS A 73 -1.33 -6.38 0.25
CA CYS A 73 -0.46 -6.11 -0.89
C CYS A 73 0.76 -7.00 -0.85
N TYR A 74 1.32 -7.19 0.34
CA TYR A 74 2.48 -8.05 0.49
C TYR A 74 2.15 -9.44 -0.05
N LEU A 75 0.92 -9.87 0.22
CA LEU A 75 0.43 -11.17 -0.22
C LEU A 75 0.15 -11.22 -1.72
N ALA A 76 -0.68 -10.30 -2.20
CA ALA A 76 -1.03 -10.26 -3.62
C ALA A 76 0.22 -10.34 -4.48
N LEU A 77 1.22 -9.53 -4.15
CA LEU A 77 2.46 -9.57 -4.88
C LEU A 77 3.13 -10.92 -4.64
N ARG A 78 3.06 -11.35 -3.39
CA ARG A 78 3.62 -12.63 -2.96
C ARG A 78 3.04 -13.79 -3.77
N SER A 79 1.90 -13.56 -4.41
CA SER A 79 1.24 -14.59 -5.21
C SER A 79 2.12 -14.99 -6.39
N SER A 80 1.90 -16.20 -6.89
CA SER A 80 2.65 -16.70 -8.03
C SER A 80 1.74 -16.97 -9.22
N ASN A 81 2.31 -16.94 -10.42
CA ASN A 81 1.53 -17.18 -11.63
C ASN A 81 0.79 -18.51 -11.56
N MET A 82 -0.46 -18.49 -12.01
CA MET A 82 -1.29 -19.70 -12.01
C MET A 82 -1.06 -20.54 -13.26
N ALA A 83 -1.10 -21.85 -13.11
CA ALA A 83 -0.91 -22.76 -14.23
C ALA A 83 -2.03 -22.62 -15.26
N GLY A 84 -3.20 -22.19 -14.79
CA GLY A 84 -4.33 -22.03 -15.69
C GLY A 84 -5.60 -22.62 -15.11
N GLY A 1 -17.68 0.05 -29.25
CA GLY A 1 -18.41 -1.24 -29.25
C GLY A 1 -19.41 -1.36 -28.11
N PRO A 2 -20.42 -2.22 -28.25
CA PRO A 2 -21.45 -2.42 -27.22
C PRO A 2 -20.92 -3.15 -25.99
N LEU A 3 -19.65 -3.55 -26.04
CA LEU A 3 -19.03 -4.26 -24.93
C LEU A 3 -18.55 -3.27 -23.86
N GLY A 4 -18.69 -3.66 -22.61
CA GLY A 4 -18.28 -2.81 -21.52
C GLY A 4 -18.03 -3.57 -20.23
N SER A 5 -16.80 -3.54 -19.75
CA SER A 5 -16.43 -4.25 -18.53
C SER A 5 -15.57 -3.36 -17.62
N MET A 6 -15.57 -3.68 -16.33
CA MET A 6 -14.80 -2.91 -15.37
C MET A 6 -13.78 -3.81 -14.66
N GLY A 7 -12.65 -3.22 -14.29
CA GLY A 7 -11.63 -4.00 -13.61
C GLY A 7 -10.32 -3.24 -13.47
N GLU A 8 -9.40 -3.45 -14.41
CA GLU A 8 -8.10 -2.79 -14.38
C GLU A 8 -8.23 -1.29 -14.57
N LYS A 9 -9.42 -0.83 -14.96
CA LYS A 9 -9.66 0.59 -15.12
C LYS A 9 -9.48 1.30 -13.78
N GLN A 10 -9.27 0.50 -12.73
CA GLN A 10 -9.07 1.01 -11.38
C GLN A 10 -7.77 1.79 -11.28
N SER A 11 -7.79 2.90 -10.56
CA SER A 11 -6.60 3.72 -10.37
C SER A 11 -5.53 2.96 -9.62
N LYS A 12 -4.26 3.33 -9.84
CA LYS A 12 -3.16 2.66 -9.18
C LYS A 12 -2.32 3.66 -8.38
N GLY A 13 -1.98 3.29 -7.15
CA GLY A 13 -1.18 4.15 -6.31
C GLY A 13 -1.99 5.27 -5.69
N TYR A 14 -3.28 5.03 -5.47
CA TYR A 14 -4.15 6.04 -4.89
C TYR A 14 -3.97 6.10 -3.38
N TRP A 15 -3.62 7.28 -2.89
CA TRP A 15 -3.42 7.50 -1.45
C TRP A 15 -4.70 7.98 -0.80
N GLN A 16 -5.21 7.20 0.15
CA GLN A 16 -6.43 7.57 0.87
C GLN A 16 -6.09 8.51 2.03
N GLU A 17 -6.82 9.62 2.11
CA GLU A 17 -6.62 10.63 3.13
C GLU A 17 -6.78 10.09 4.55
N ASP A 18 -6.11 10.76 5.49
CA ASP A 18 -6.17 10.40 6.90
C ASP A 18 -7.60 10.38 7.41
N GLU A 19 -8.37 11.40 7.04
CA GLU A 19 -9.75 11.52 7.48
C GLU A 19 -10.65 10.43 6.89
N ASP A 20 -10.47 10.14 5.61
CA ASP A 20 -11.28 9.12 4.96
C ASP A 20 -10.98 7.75 5.55
N ALA A 21 -9.73 7.55 5.94
CA ALA A 21 -9.30 6.28 6.54
C ALA A 21 -8.93 6.48 8.01
N PRO A 22 -9.95 6.68 8.85
CA PRO A 22 -9.76 6.89 10.30
C PRO A 22 -9.33 5.62 11.01
N ALA A 23 -9.47 4.50 10.32
CA ALA A 23 -9.09 3.20 10.87
C ALA A 23 -8.30 2.40 9.83
N CYS A 24 -7.49 1.46 10.29
CA CYS A 24 -6.67 0.65 9.40
C CYS A 24 -7.53 -0.17 8.45
N ASN A 25 -7.30 0.02 7.15
CA ASN A 25 -8.03 -0.71 6.12
C ASN A 25 -7.80 -2.21 6.24
N GLY A 26 -6.67 -2.59 6.82
CA GLY A 26 -6.35 -4.01 6.96
C GLY A 26 -6.88 -4.65 8.23
N CYS A 27 -6.53 -4.09 9.39
CA CYS A 27 -6.96 -4.65 10.66
C CYS A 27 -8.11 -3.87 11.30
N GLY A 28 -8.50 -2.76 10.70
CA GLY A 28 -9.59 -1.98 11.24
C GLY A 28 -9.24 -1.24 12.51
N CYS A 29 -7.96 -1.21 12.86
CA CYS A 29 -7.54 -0.52 14.08
C CYS A 29 -7.66 0.99 13.89
N VAL A 30 -8.06 1.68 14.95
CA VAL A 30 -8.23 3.12 14.90
C VAL A 30 -6.90 3.85 15.06
N PHE A 31 -6.72 4.90 14.26
CA PHE A 31 -5.51 5.70 14.33
C PHE A 31 -5.61 6.75 15.44
N THR A 32 -4.54 6.84 16.21
CA THR A 32 -4.47 7.79 17.32
C THR A 32 -3.21 8.64 17.23
N THR A 33 -3.13 9.64 18.09
CA THR A 33 -1.98 10.55 18.12
C THR A 33 -0.66 9.78 18.12
N THR A 34 -0.60 8.69 18.88
CA THR A 34 0.63 7.91 18.95
C THR A 34 0.86 7.12 17.66
N VAL A 35 -0.20 6.78 16.96
CA VAL A 35 -0.05 6.03 15.72
C VAL A 35 -0.03 6.96 14.51
N ARG A 36 1.13 7.02 13.87
CA ARG A 36 1.32 7.85 12.69
C ARG A 36 0.63 7.22 11.49
N ARG A 37 0.11 8.07 10.61
CA ARG A 37 -0.57 7.61 9.41
C ARG A 37 0.44 7.17 8.36
N HIS A 38 0.12 6.07 7.67
CA HIS A 38 1.02 5.55 6.65
C HIS A 38 0.23 4.99 5.47
N HIS A 39 0.90 4.83 4.34
CA HIS A 39 0.25 4.31 3.14
C HIS A 39 1.05 3.18 2.52
N CYS A 40 0.34 2.22 1.92
CA CYS A 40 0.96 1.09 1.24
C CYS A 40 1.22 1.47 -0.22
N ARG A 41 2.39 1.09 -0.73
CA ARG A 41 2.79 1.43 -2.10
C ARG A 41 2.02 0.61 -3.15
N ASN A 42 1.23 -0.34 -2.69
CA ASN A 42 0.45 -1.18 -3.59
C ASN A 42 -1.02 -0.75 -3.66
N CYS A 43 -1.75 -1.00 -2.58
CA CYS A 43 -3.17 -0.65 -2.54
C CYS A 43 -3.40 0.84 -2.35
N GLY A 44 -2.41 1.51 -1.77
CA GLY A 44 -2.52 2.95 -1.56
C GLY A 44 -3.49 3.29 -0.45
N TYR A 45 -3.73 2.32 0.44
CA TYR A 45 -4.63 2.52 1.56
C TYR A 45 -3.84 2.84 2.83
N VAL A 46 -4.52 3.39 3.82
CA VAL A 46 -3.87 3.75 5.06
C VAL A 46 -3.66 2.52 5.94
N LEU A 47 -2.42 2.34 6.39
CA LEU A 47 -2.07 1.21 7.25
C LEU A 47 -1.26 1.67 8.44
N CYS A 48 -1.57 1.13 9.61
CA CYS A 48 -0.84 1.48 10.82
C CYS A 48 0.49 0.74 10.81
N GLY A 49 1.35 0.98 11.81
CA GLY A 49 2.63 0.32 11.84
C GLY A 49 2.49 -1.19 11.73
N ASP A 50 1.70 -1.77 12.62
CA ASP A 50 1.48 -3.21 12.65
C ASP A 50 0.99 -3.76 11.31
N CYS A 51 0.19 -2.97 10.62
CA CYS A 51 -0.35 -3.39 9.32
C CYS A 51 0.59 -2.98 8.19
N SER A 52 1.67 -2.29 8.53
CA SER A 52 2.65 -1.85 7.54
C SER A 52 4.05 -2.20 8.02
N ARG A 53 4.15 -3.23 8.86
CA ARG A 53 5.44 -3.67 9.37
C ARG A 53 6.19 -4.51 8.34
N HIS A 54 5.47 -5.07 7.38
CA HIS A 54 6.11 -5.89 6.35
C HIS A 54 6.78 -5.03 5.29
N ARG A 55 7.68 -5.64 4.54
CA ARG A 55 8.40 -4.95 3.47
C ARG A 55 8.49 -5.84 2.24
N ALA A 56 8.28 -5.26 1.07
CA ALA A 56 8.34 -6.03 -0.17
C ALA A 56 8.59 -5.14 -1.37
N ALA A 57 9.19 -5.71 -2.41
CA ALA A 57 9.45 -4.98 -3.65
C ALA A 57 8.27 -5.17 -4.60
N ILE A 58 7.99 -4.16 -5.40
CA ILE A 58 6.88 -4.23 -6.33
C ILE A 58 7.33 -3.91 -7.75
N PRO A 59 7.99 -4.88 -8.41
CA PRO A 59 8.51 -4.73 -9.76
C PRO A 59 7.43 -4.48 -10.81
N MET A 60 6.17 -4.58 -10.42
CA MET A 60 5.07 -4.33 -11.34
C MET A 60 4.60 -2.88 -11.18
N ARG A 61 4.65 -2.43 -9.93
CA ARG A 61 4.24 -1.08 -9.56
C ARG A 61 5.44 -0.12 -9.63
N GLY A 62 6.38 -0.43 -10.53
CA GLY A 62 7.54 0.42 -10.70
C GLY A 62 8.46 0.43 -9.50
N ILE A 63 8.38 -0.61 -8.67
CA ILE A 63 9.24 -0.70 -7.49
C ILE A 63 10.13 -1.93 -7.56
N THR A 64 11.40 -1.72 -7.91
CA THR A 64 12.35 -2.83 -8.03
C THR A 64 13.01 -3.14 -6.68
N GLU A 65 13.00 -2.17 -5.78
CA GLU A 65 13.59 -2.35 -4.46
C GLU A 65 12.48 -2.63 -3.45
N PRO A 66 12.75 -3.47 -2.45
CA PRO A 66 11.75 -3.80 -1.43
C PRO A 66 11.27 -2.55 -0.70
N GLU A 67 9.96 -2.34 -0.75
CA GLU A 67 9.35 -1.18 -0.11
C GLU A 67 8.24 -1.60 0.85
N ARG A 68 7.81 -0.68 1.70
CA ARG A 68 6.77 -0.96 2.68
C ARG A 68 5.41 -1.17 2.02
N VAL A 69 4.70 -2.18 2.52
CA VAL A 69 3.37 -2.54 2.04
C VAL A 69 2.52 -3.04 3.20
N CYS A 70 1.26 -3.36 2.92
CA CYS A 70 0.37 -3.88 3.94
C CYS A 70 0.36 -5.40 3.88
N ASP A 71 -0.57 -6.01 4.58
CA ASP A 71 -0.64 -7.48 4.62
C ASP A 71 -1.27 -8.06 3.34
N ALA A 72 -2.34 -7.45 2.85
CA ALA A 72 -3.00 -7.96 1.65
C ALA A 72 -2.13 -7.80 0.41
N CYS A 73 -1.54 -6.62 0.24
CA CYS A 73 -0.68 -6.35 -0.90
C CYS A 73 0.55 -7.25 -0.86
N TYR A 74 1.11 -7.43 0.33
CA TYR A 74 2.27 -8.29 0.48
C TYR A 74 1.95 -9.68 -0.06
N LEU A 75 0.73 -10.13 0.21
CA LEU A 75 0.27 -11.44 -0.23
C LEU A 75 0.06 -11.51 -1.75
N ALA A 76 -0.68 -10.54 -2.28
CA ALA A 76 -0.98 -10.51 -3.71
C ALA A 76 0.29 -10.49 -4.56
N LEU A 77 1.26 -9.68 -4.17
CA LEU A 77 2.52 -9.60 -4.91
C LEU A 77 3.30 -10.89 -4.80
N ARG A 78 3.22 -11.52 -3.64
CA ARG A 78 3.92 -12.79 -3.41
C ARG A 78 3.32 -13.93 -4.23
N SER A 79 2.21 -13.66 -4.90
CA SER A 79 1.56 -14.69 -5.72
C SER A 79 2.49 -15.19 -6.81
N SER A 80 2.54 -14.46 -7.93
CA SER A 80 3.40 -14.84 -9.04
C SER A 80 4.23 -13.66 -9.52
N ASN A 81 5.46 -13.94 -9.94
CA ASN A 81 6.34 -12.89 -10.44
C ASN A 81 5.74 -12.21 -11.66
N MET A 82 5.01 -12.98 -12.46
CA MET A 82 4.37 -12.46 -13.66
C MET A 82 2.98 -11.92 -13.33
N ALA A 83 2.65 -10.76 -13.91
CA ALA A 83 1.36 -10.14 -13.67
C ALA A 83 0.22 -11.05 -14.12
N GLY A 84 -0.90 -10.99 -13.41
CA GLY A 84 -2.04 -11.82 -13.75
C GLY A 84 -2.57 -12.59 -12.55
N GLY A 1 -14.38 17.97 -32.52
CA GLY A 1 -13.01 17.41 -32.42
C GLY A 1 -13.00 15.94 -32.06
N PRO A 2 -11.90 15.23 -32.34
CA PRO A 2 -11.78 13.80 -32.05
C PRO A 2 -11.96 13.50 -30.57
N LEU A 3 -12.67 12.42 -30.27
CA LEU A 3 -12.90 12.02 -28.89
C LEU A 3 -11.81 11.06 -28.42
N GLY A 4 -11.35 11.25 -27.18
CA GLY A 4 -10.31 10.40 -26.65
C GLY A 4 -10.42 10.23 -25.14
N SER A 5 -9.48 9.49 -24.57
CA SER A 5 -9.47 9.25 -23.13
C SER A 5 -8.05 9.34 -22.57
N MET A 6 -7.95 9.58 -21.26
CA MET A 6 -6.65 9.70 -20.61
C MET A 6 -5.84 8.41 -20.78
N GLY A 7 -6.54 7.28 -20.76
CA GLY A 7 -5.87 6.00 -20.91
C GLY A 7 -5.32 5.48 -19.60
N GLU A 8 -4.60 4.36 -19.67
CA GLU A 8 -4.00 3.77 -18.48
C GLU A 8 -2.59 4.28 -18.25
N LYS A 9 -2.18 5.29 -19.02
CA LYS A 9 -0.85 5.87 -18.84
C LYS A 9 -0.79 6.58 -17.50
N GLN A 10 -1.94 6.68 -16.84
CA GLN A 10 -2.05 7.31 -15.54
C GLN A 10 -1.23 6.56 -14.50
N SER A 11 -0.60 7.31 -13.60
CA SER A 11 0.21 6.70 -12.55
C SER A 11 -0.64 5.83 -11.64
N LYS A 12 -0.03 4.82 -11.02
CA LYS A 12 -0.74 3.93 -10.12
C LYS A 12 -0.35 4.19 -8.67
N GLY A 13 -1.29 4.03 -7.76
CA GLY A 13 -1.02 4.25 -6.35
C GLY A 13 -1.83 5.39 -5.77
N TYR A 14 -3.12 5.16 -5.59
CA TYR A 14 -4.00 6.18 -5.03
C TYR A 14 -3.85 6.26 -3.52
N TRP A 15 -3.49 7.44 -3.03
CA TRP A 15 -3.33 7.65 -1.60
C TRP A 15 -4.64 8.13 -0.97
N GLN A 16 -5.18 7.33 -0.06
CA GLN A 16 -6.42 7.69 0.62
C GLN A 16 -6.12 8.59 1.81
N GLU A 17 -6.88 9.67 1.91
CA GLU A 17 -6.72 10.66 2.97
C GLU A 17 -6.85 10.06 4.37
N ASP A 18 -6.17 10.68 5.31
CA ASP A 18 -6.20 10.26 6.71
C ASP A 18 -7.64 10.25 7.23
N GLU A 19 -8.38 11.29 6.89
CA GLU A 19 -9.77 11.43 7.35
C GLU A 19 -10.69 10.37 6.76
N ASP A 20 -10.50 10.06 5.48
CA ASP A 20 -11.34 9.07 4.82
C ASP A 20 -11.17 7.69 5.45
N ALA A 21 -9.95 7.39 5.87
CA ALA A 21 -9.65 6.10 6.49
C ALA A 21 -9.24 6.27 7.96
N PRO A 22 -10.23 6.48 8.85
CA PRO A 22 -9.99 6.65 10.29
C PRO A 22 -9.48 5.38 10.96
N ALA A 23 -9.56 4.28 10.24
CA ALA A 23 -9.10 2.99 10.74
C ALA A 23 -8.29 2.25 9.69
N CYS A 24 -7.45 1.32 10.12
CA CYS A 24 -6.61 0.56 9.21
C CYS A 24 -7.44 -0.23 8.20
N ASN A 25 -7.15 0.00 6.92
CA ASN A 25 -7.84 -0.69 5.84
C ASN A 25 -7.60 -2.20 5.92
N GLY A 26 -6.49 -2.58 6.52
CA GLY A 26 -6.14 -3.99 6.62
C GLY A 26 -6.71 -4.70 7.83
N CYS A 27 -6.43 -4.20 9.03
CA CYS A 27 -6.91 -4.86 10.26
C CYS A 27 -8.07 -4.12 10.92
N GLY A 28 -8.46 -2.98 10.35
CA GLY A 28 -9.57 -2.24 10.92
C GLY A 28 -9.26 -1.57 12.24
N CYS A 29 -7.98 -1.55 12.62
CA CYS A 29 -7.59 -0.92 13.89
C CYS A 29 -7.71 0.60 13.77
N VAL A 30 -8.12 1.24 14.85
CA VAL A 30 -8.30 2.70 14.87
C VAL A 30 -6.98 3.43 15.04
N PHE A 31 -6.80 4.48 14.27
CA PHE A 31 -5.59 5.29 14.37
C PHE A 31 -5.72 6.30 15.50
N THR A 32 -4.65 6.41 16.27
CA THR A 32 -4.61 7.33 17.41
C THR A 32 -3.40 8.24 17.31
N THR A 33 -3.38 9.28 18.14
CA THR A 33 -2.28 10.23 18.15
C THR A 33 -0.94 9.53 18.17
N THR A 34 -0.81 8.48 18.98
CA THR A 34 0.45 7.74 19.07
C THR A 34 0.73 7.01 17.75
N VAL A 35 -0.31 6.49 17.10
CA VAL A 35 -0.12 5.77 15.86
C VAL A 35 -0.18 6.72 14.66
N ARG A 36 0.95 6.85 13.99
CA ARG A 36 1.06 7.69 12.81
C ARG A 36 0.43 7.02 11.61
N ARG A 37 -0.07 7.81 10.68
CA ARG A 37 -0.69 7.29 9.47
C ARG A 37 0.35 7.09 8.38
N HIS A 38 0.20 6.01 7.64
CA HIS A 38 1.13 5.69 6.56
C HIS A 38 0.38 5.14 5.35
N HIS A 39 1.06 5.08 4.22
CA HIS A 39 0.44 4.59 2.99
C HIS A 39 1.22 3.41 2.41
N CYS A 40 0.48 2.47 1.83
CA CYS A 40 1.09 1.31 1.18
C CYS A 40 1.32 1.65 -0.29
N ARG A 41 2.48 1.27 -0.82
CA ARG A 41 2.85 1.57 -2.20
C ARG A 41 2.05 0.75 -3.20
N ASN A 42 1.25 -0.19 -2.72
CA ASN A 42 0.45 -1.03 -3.59
C ASN A 42 -1.00 -0.57 -3.63
N CYS A 43 -1.73 -0.80 -2.54
CA CYS A 43 -3.13 -0.43 -2.47
C CYS A 43 -3.32 1.08 -2.28
N GLY A 44 -2.31 1.73 -1.70
CA GLY A 44 -2.37 3.17 -1.50
C GLY A 44 -3.31 3.55 -0.37
N TYR A 45 -3.54 2.62 0.54
CA TYR A 45 -4.43 2.86 1.67
C TYR A 45 -3.61 3.17 2.93
N VAL A 46 -4.28 3.74 3.93
CA VAL A 46 -3.60 4.08 5.17
C VAL A 46 -3.41 2.84 6.03
N LEU A 47 -2.18 2.63 6.48
CA LEU A 47 -1.84 1.49 7.34
C LEU A 47 -1.04 1.96 8.54
N CYS A 48 -1.34 1.41 9.70
CA CYS A 48 -0.61 1.75 10.91
C CYS A 48 0.72 1.01 10.90
N GLY A 49 1.58 1.27 11.87
CA GLY A 49 2.87 0.60 11.89
C GLY A 49 2.72 -0.91 11.79
N ASP A 50 1.92 -1.47 12.67
CA ASP A 50 1.68 -2.91 12.70
C ASP A 50 1.21 -3.47 11.36
N CYS A 51 0.39 -2.69 10.67
CA CYS A 51 -0.14 -3.10 9.38
C CYS A 51 0.79 -2.70 8.24
N SER A 52 1.87 -2.01 8.57
CA SER A 52 2.85 -1.59 7.59
C SER A 52 4.26 -1.95 8.08
N ARG A 53 4.33 -2.98 8.91
CA ARG A 53 5.62 -3.44 9.43
C ARG A 53 6.34 -4.31 8.42
N HIS A 54 5.60 -4.83 7.43
CA HIS A 54 6.21 -5.69 6.42
C HIS A 54 6.89 -4.88 5.34
N ARG A 55 7.72 -5.55 4.55
CA ARG A 55 8.43 -4.90 3.47
C ARG A 55 8.49 -5.83 2.25
N ALA A 56 8.23 -5.27 1.08
CA ALA A 56 8.23 -6.05 -0.15
C ALA A 56 8.46 -5.18 -1.37
N ALA A 57 9.01 -5.77 -2.42
CA ALA A 57 9.25 -5.06 -3.67
C ALA A 57 8.05 -5.22 -4.58
N ILE A 58 7.77 -4.21 -5.39
CA ILE A 58 6.63 -4.25 -6.30
C ILE A 58 7.07 -4.01 -7.74
N PRO A 59 7.56 -5.06 -8.41
CA PRO A 59 8.04 -4.97 -9.80
C PRO A 59 6.94 -4.65 -10.82
N MET A 60 5.68 -4.71 -10.41
CA MET A 60 4.59 -4.37 -11.32
C MET A 60 4.34 -2.88 -11.27
N ARG A 61 4.47 -2.32 -10.07
CA ARG A 61 4.26 -0.90 -9.84
C ARG A 61 5.54 -0.11 -10.16
N GLY A 62 6.55 -0.83 -10.62
CA GLY A 62 7.81 -0.21 -10.96
C GLY A 62 8.80 -0.21 -9.80
N ILE A 63 8.45 -0.92 -8.73
CA ILE A 63 9.31 -1.00 -7.56
C ILE A 63 10.11 -2.30 -7.60
N THR A 64 11.38 -2.18 -7.98
CA THR A 64 12.26 -3.34 -8.07
C THR A 64 12.95 -3.63 -6.74
N GLU A 65 12.99 -2.64 -5.86
CA GLU A 65 13.59 -2.80 -4.55
C GLU A 65 12.50 -2.99 -3.52
N PRO A 66 12.74 -3.79 -2.48
CA PRO A 66 11.74 -4.03 -1.45
C PRO A 66 11.29 -2.73 -0.78
N GLU A 67 10.00 -2.47 -0.82
CA GLU A 67 9.43 -1.26 -0.23
C GLU A 67 8.33 -1.63 0.76
N ARG A 68 7.92 -0.64 1.56
CA ARG A 68 6.89 -0.84 2.57
C ARG A 68 5.51 -1.04 1.94
N VAL A 69 4.78 -2.00 2.48
CA VAL A 69 3.43 -2.33 2.04
C VAL A 69 2.59 -2.79 3.23
N CYS A 70 1.33 -3.10 2.97
CA CYS A 70 0.45 -3.59 4.02
C CYS A 70 0.44 -5.10 4.01
N ASP A 71 -0.52 -5.70 4.68
CA ASP A 71 -0.59 -7.17 4.75
C ASP A 71 -1.21 -7.78 3.49
N ALA A 72 -2.30 -7.21 3.00
CA ALA A 72 -2.96 -7.73 1.81
C ALA A 72 -2.10 -7.57 0.56
N CYS A 73 -1.53 -6.39 0.39
CA CYS A 73 -0.67 -6.10 -0.75
C CYS A 73 0.56 -7.00 -0.72
N TYR A 74 1.13 -7.18 0.47
CA TYR A 74 2.29 -8.03 0.63
C TYR A 74 1.98 -9.42 0.11
N LEU A 75 0.76 -9.88 0.41
CA LEU A 75 0.31 -11.20 -0.03
C LEU A 75 0.02 -11.25 -1.52
N ALA A 76 -0.78 -10.31 -2.01
CA ALA A 76 -1.15 -10.28 -3.42
C ALA A 76 0.10 -10.37 -4.30
N LEU A 77 1.10 -9.56 -3.99
CA LEU A 77 2.35 -9.60 -4.74
C LEU A 77 3.02 -10.93 -4.48
N ARG A 78 2.98 -11.31 -3.20
CA ARG A 78 3.56 -12.57 -2.74
C ARG A 78 2.99 -13.77 -3.52
N SER A 79 1.83 -13.58 -4.13
CA SER A 79 1.22 -14.66 -4.90
C SER A 79 1.44 -14.44 -6.40
N SER A 80 1.68 -15.54 -7.11
CA SER A 80 1.92 -15.46 -8.55
C SER A 80 0.62 -15.58 -9.34
N ASN A 81 -0.49 -15.84 -8.64
CA ASN A 81 -1.78 -15.97 -9.29
C ASN A 81 -2.12 -14.72 -10.11
N MET A 82 -1.68 -13.57 -9.63
CA MET A 82 -1.93 -12.31 -10.32
C MET A 82 -1.35 -12.32 -11.73
N ALA A 83 -0.21 -12.98 -11.88
CA ALA A 83 0.44 -13.07 -13.19
C ALA A 83 -0.47 -13.74 -14.21
N GLY A 84 -0.42 -13.25 -15.45
CA GLY A 84 -1.24 -13.82 -16.50
C GLY A 84 -2.71 -13.83 -16.14
N GLY A 1 2.76 10.84 -23.41
CA GLY A 1 2.48 9.63 -22.60
C GLY A 1 3.65 8.65 -22.59
N PRO A 2 3.46 7.46 -22.03
CA PRO A 2 4.51 6.44 -21.96
C PRO A 2 5.01 6.04 -23.34
N LEU A 3 6.31 5.74 -23.43
CA LEU A 3 6.91 5.35 -24.70
C LEU A 3 6.27 4.07 -25.23
N GLY A 4 5.87 3.20 -24.31
CA GLY A 4 5.23 1.95 -24.69
C GLY A 4 4.71 1.19 -23.50
N SER A 5 4.21 -0.02 -23.74
CA SER A 5 3.69 -0.85 -22.66
C SER A 5 4.77 -1.16 -21.64
N MET A 6 6.01 -1.19 -22.09
CA MET A 6 7.15 -1.47 -21.22
C MET A 6 7.25 -0.44 -20.11
N GLY A 7 6.91 0.81 -20.43
CA GLY A 7 6.98 1.86 -19.44
C GLY A 7 6.19 1.54 -18.19
N GLU A 8 6.88 1.09 -17.14
CA GLU A 8 6.24 0.75 -15.89
C GLU A 8 6.20 1.94 -14.93
N LYS A 9 6.51 3.12 -15.45
CA LYS A 9 6.49 4.34 -14.64
C LYS A 9 5.05 4.69 -14.30
N GLN A 10 4.12 3.88 -14.82
CA GLN A 10 2.70 4.09 -14.60
C GLN A 10 2.27 3.54 -13.25
N SER A 11 1.65 4.39 -12.43
CA SER A 11 1.19 3.98 -11.11
C SER A 11 -0.21 4.51 -10.83
N LYS A 12 -1.03 3.70 -10.15
CA LYS A 12 -2.40 4.08 -9.82
C LYS A 12 -2.61 4.07 -8.31
N GLY A 13 -1.52 4.13 -7.55
CA GLY A 13 -1.62 4.10 -6.10
C GLY A 13 -2.44 5.24 -5.54
N TYR A 14 -3.73 5.00 -5.33
CA TYR A 14 -4.63 6.02 -4.78
C TYR A 14 -4.47 6.10 -3.26
N TRP A 15 -4.14 7.29 -2.77
CA TRP A 15 -3.96 7.50 -1.34
C TRP A 15 -5.27 7.95 -0.68
N GLN A 16 -5.76 7.15 0.26
CA GLN A 16 -6.99 7.48 0.99
C GLN A 16 -6.69 8.45 2.13
N GLU A 17 -7.50 9.49 2.21
CA GLU A 17 -7.32 10.55 3.21
C GLU A 17 -7.48 10.06 4.65
N ASP A 18 -6.83 10.79 5.56
CA ASP A 18 -6.88 10.49 6.99
C ASP A 18 -8.31 10.42 7.50
N GLU A 19 -9.07 11.47 7.25
CA GLU A 19 -10.45 11.56 7.71
C GLU A 19 -11.31 10.45 7.10
N ASP A 20 -11.09 10.17 5.82
CA ASP A 20 -11.84 9.12 5.14
C ASP A 20 -11.44 7.75 5.67
N ALA A 21 -10.17 7.64 6.06
CA ALA A 21 -9.64 6.40 6.61
C ALA A 21 -9.22 6.57 8.06
N PRO A 22 -10.21 6.66 8.96
CA PRO A 22 -9.98 6.83 10.40
C PRO A 22 -9.50 5.55 11.09
N ALA A 23 -9.60 4.45 10.36
CA ALA A 23 -9.18 3.15 10.87
C ALA A 23 -8.36 2.41 9.82
N CYS A 24 -7.54 1.46 10.26
CA CYS A 24 -6.70 0.70 9.35
C CYS A 24 -7.53 -0.14 8.38
N ASN A 25 -7.30 0.07 7.09
CA ASN A 25 -8.01 -0.65 6.05
C ASN A 25 -7.75 -2.16 6.15
N GLY A 26 -6.62 -2.54 6.74
CA GLY A 26 -6.27 -3.94 6.86
C GLY A 26 -6.84 -4.62 8.08
N CYS A 27 -6.54 -4.09 9.26
CA CYS A 27 -7.01 -4.69 10.51
C CYS A 27 -8.16 -3.92 11.15
N GLY A 28 -8.56 -2.81 10.55
CA GLY A 28 -9.66 -2.03 11.09
C GLY A 28 -9.32 -1.31 12.39
N CYS A 29 -8.04 -1.28 12.75
CA CYS A 29 -7.63 -0.61 13.97
C CYS A 29 -7.72 0.91 13.81
N VAL A 30 -8.12 1.58 14.90
CA VAL A 30 -8.27 3.03 14.86
C VAL A 30 -6.94 3.74 15.04
N PHE A 31 -6.72 4.77 14.24
CA PHE A 31 -5.49 5.56 14.30
C PHE A 31 -5.60 6.59 15.43
N THR A 32 -4.54 6.66 16.22
CA THR A 32 -4.49 7.59 17.34
C THR A 32 -3.23 8.46 17.27
N THR A 33 -3.18 9.48 18.11
CA THR A 33 -2.04 10.39 18.16
C THR A 33 -0.72 9.62 18.18
N THR A 34 -0.65 8.58 18.99
CA THR A 34 0.57 7.79 19.10
C THR A 34 0.85 7.04 17.80
N VAL A 35 -0.20 6.56 17.14
CA VAL A 35 -0.04 5.82 15.89
C VAL A 35 0.00 6.75 14.69
N ARG A 36 1.16 6.81 14.06
CA ARG A 36 1.37 7.64 12.89
C ARG A 36 0.67 7.02 11.68
N ARG A 37 0.15 7.87 10.81
CA ARG A 37 -0.55 7.42 9.61
C ARG A 37 0.43 7.11 8.50
N HIS A 38 0.17 6.04 7.75
CA HIS A 38 1.04 5.63 6.66
C HIS A 38 0.24 5.07 5.50
N HIS A 39 0.90 4.92 4.35
CA HIS A 39 0.25 4.40 3.16
C HIS A 39 1.06 3.28 2.52
N CYS A 40 0.37 2.31 1.92
CA CYS A 40 1.02 1.21 1.24
C CYS A 40 1.24 1.59 -0.23
N ARG A 41 2.41 1.24 -0.77
CA ARG A 41 2.75 1.59 -2.15
C ARG A 41 2.01 0.76 -3.17
N ASN A 42 1.24 -0.22 -2.70
CA ASN A 42 0.48 -1.08 -3.60
C ASN A 42 -1.00 -0.69 -3.65
N CYS A 43 -1.73 -0.97 -2.57
CA CYS A 43 -3.15 -0.66 -2.51
C CYS A 43 -3.40 0.84 -2.33
N GLY A 44 -2.42 1.54 -1.77
CA GLY A 44 -2.55 2.97 -1.57
C GLY A 44 -3.50 3.33 -0.44
N TYR A 45 -3.77 2.37 0.44
CA TYR A 45 -4.65 2.59 1.57
C TYR A 45 -3.85 2.92 2.82
N VAL A 46 -4.55 3.43 3.83
CA VAL A 46 -3.89 3.80 5.08
C VAL A 46 -3.68 2.56 5.95
N LEU A 47 -2.45 2.39 6.41
CA LEU A 47 -2.10 1.27 7.27
C LEU A 47 -1.30 1.75 8.47
N CYS A 48 -1.60 1.21 9.65
CA CYS A 48 -0.87 1.57 10.86
C CYS A 48 0.47 0.85 10.83
N GLY A 49 1.32 1.10 11.83
CA GLY A 49 2.61 0.44 11.85
C GLY A 49 2.49 -1.07 11.74
N ASP A 50 1.69 -1.66 12.61
CA ASP A 50 1.49 -3.11 12.63
C ASP A 50 1.01 -3.65 11.29
N CYS A 51 0.21 -2.87 10.59
CA CYS A 51 -0.32 -3.27 9.30
C CYS A 51 0.60 -2.86 8.16
N SER A 52 1.69 -2.17 8.51
CA SER A 52 2.66 -1.72 7.52
C SER A 52 4.07 -2.05 8.01
N ARG A 53 4.16 -3.08 8.86
CA ARG A 53 5.45 -3.51 9.38
C ARG A 53 6.21 -4.34 8.35
N HIS A 54 5.49 -4.92 7.39
CA HIS A 54 6.12 -5.75 6.37
C HIS A 54 6.81 -4.91 5.31
N ARG A 55 7.69 -5.55 4.55
CA ARG A 55 8.42 -4.88 3.47
C ARG A 55 8.50 -5.80 2.25
N ALA A 56 8.27 -5.23 1.09
CA ALA A 56 8.32 -6.01 -0.15
C ALA A 56 8.54 -5.12 -1.37
N ALA A 57 9.12 -5.70 -2.42
CA ALA A 57 9.36 -4.97 -3.66
C ALA A 57 8.16 -5.14 -4.57
N ILE A 58 7.91 -4.15 -5.43
CA ILE A 58 6.77 -4.19 -6.33
C ILE A 58 7.21 -3.94 -7.77
N PRO A 59 7.70 -4.99 -8.44
CA PRO A 59 8.19 -4.89 -9.82
C PRO A 59 7.09 -4.58 -10.84
N MET A 60 5.83 -4.65 -10.43
CA MET A 60 4.74 -4.33 -11.34
C MET A 60 4.47 -2.83 -11.29
N ARG A 61 4.60 -2.28 -10.09
CA ARG A 61 4.40 -0.86 -9.86
C ARG A 61 5.67 -0.08 -10.19
N GLY A 62 6.68 -0.81 -10.65
CA GLY A 62 7.94 -0.18 -11.00
C GLY A 62 8.92 -0.19 -9.86
N ILE A 63 8.56 -0.87 -8.77
CA ILE A 63 9.42 -0.96 -7.60
C ILE A 63 10.24 -2.24 -7.64
N THR A 64 11.49 -2.13 -8.04
CA THR A 64 12.38 -3.29 -8.13
C THR A 64 13.06 -3.59 -6.80
N GLU A 65 13.09 -2.60 -5.91
CA GLU A 65 13.69 -2.76 -4.61
C GLU A 65 12.59 -2.94 -3.57
N PRO A 66 12.83 -3.74 -2.52
CA PRO A 66 11.83 -3.98 -1.48
C PRO A 66 11.39 -2.68 -0.80
N GLU A 67 10.09 -2.43 -0.83
CA GLU A 67 9.51 -1.23 -0.25
C GLU A 67 8.41 -1.59 0.74
N ARG A 68 8.00 -0.61 1.55
CA ARG A 68 6.96 -0.82 2.55
C ARG A 68 5.59 -1.03 1.92
N VAL A 69 4.87 -2.01 2.47
CA VAL A 69 3.53 -2.36 2.02
C VAL A 69 2.69 -2.84 3.20
N CYS A 70 1.45 -3.19 2.94
CA CYS A 70 0.56 -3.69 3.98
C CYS A 70 0.58 -5.21 3.96
N ASP A 71 -0.41 -5.83 4.61
CA ASP A 71 -0.45 -7.29 4.66
C ASP A 71 -1.07 -7.91 3.40
N ALA A 72 -2.15 -7.33 2.90
CA ALA A 72 -2.81 -7.86 1.71
C ALA A 72 -1.96 -7.70 0.47
N CYS A 73 -1.37 -6.51 0.30
CA CYS A 73 -0.52 -6.22 -0.84
C CYS A 73 0.71 -7.10 -0.81
N TYR A 74 1.27 -7.29 0.37
CA TYR A 74 2.44 -8.14 0.51
C TYR A 74 2.13 -9.53 -0.03
N LEU A 75 0.91 -9.99 0.26
CA LEU A 75 0.45 -11.30 -0.20
C LEU A 75 0.17 -11.34 -1.70
N ALA A 76 -0.63 -10.38 -2.18
CA ALA A 76 -0.99 -10.34 -3.59
C ALA A 76 0.26 -10.39 -4.46
N LEU A 77 1.25 -9.58 -4.12
CA LEU A 77 2.50 -9.59 -4.86
C LEU A 77 3.16 -10.94 -4.64
N ARG A 78 3.09 -11.40 -3.40
CA ARG A 78 3.64 -12.68 -2.98
C ARG A 78 3.04 -13.84 -3.78
N SER A 79 1.91 -13.59 -4.42
CA SER A 79 1.24 -14.60 -5.22
C SER A 79 2.15 -15.15 -6.32
N SER A 80 3.03 -14.29 -6.83
CA SER A 80 3.95 -14.68 -7.89
C SER A 80 4.69 -15.97 -7.52
N ASN A 81 4.96 -16.14 -6.22
CA ASN A 81 5.66 -17.33 -5.75
C ASN A 81 4.68 -18.48 -5.53
N MET A 82 4.87 -19.56 -6.28
CA MET A 82 4.00 -20.72 -6.17
C MET A 82 4.51 -21.70 -5.13
N ALA A 83 3.61 -22.24 -4.32
CA ALA A 83 3.97 -23.18 -3.28
C ALA A 83 4.54 -24.46 -3.88
N GLY A 84 5.51 -25.05 -3.18
CA GLY A 84 6.14 -26.27 -3.67
C GLY A 84 6.66 -27.14 -2.54
N GLY A 1 9.73 9.99 -28.72
CA GLY A 1 9.46 8.96 -27.67
C GLY A 1 8.04 8.43 -27.74
N PRO A 2 7.29 8.52 -26.62
CA PRO A 2 5.90 8.05 -26.55
C PRO A 2 5.01 8.71 -27.60
N LEU A 3 4.00 7.98 -28.04
CA LEU A 3 3.07 8.51 -29.04
C LEU A 3 1.97 9.33 -28.37
N GLY A 4 1.57 10.43 -29.02
CA GLY A 4 0.54 11.28 -28.49
C GLY A 4 1.00 12.04 -27.25
N SER A 5 0.13 12.10 -26.24
CA SER A 5 0.45 12.80 -25.00
C SER A 5 0.23 11.90 -23.79
N MET A 6 0.95 12.19 -22.71
CA MET A 6 0.83 11.40 -21.48
C MET A 6 0.16 12.23 -20.38
N GLY A 7 -0.82 11.62 -19.71
CA GLY A 7 -1.50 12.32 -18.63
C GLY A 7 -0.77 12.21 -17.32
N GLU A 8 -0.47 13.36 -16.71
CA GLU A 8 0.25 13.39 -15.44
C GLU A 8 -0.63 12.91 -14.29
N LYS A 9 -1.91 12.72 -14.57
CA LYS A 9 -2.83 12.23 -13.55
C LYS A 9 -2.34 10.87 -13.06
N GLN A 10 -1.38 10.31 -13.79
CA GLN A 10 -0.80 9.02 -13.46
C GLN A 10 -0.06 9.08 -12.13
N SER A 11 -0.43 8.20 -11.21
CA SER A 11 0.21 8.14 -9.91
C SER A 11 0.64 6.71 -9.56
N LYS A 12 1.73 6.59 -8.82
CA LYS A 12 2.22 5.28 -8.44
C LYS A 12 1.18 4.54 -7.62
N GLY A 13 0.40 5.30 -6.86
CA GLY A 13 -0.65 4.72 -6.03
C GLY A 13 -1.54 5.79 -5.41
N TYR A 14 -2.83 5.49 -5.26
CA TYR A 14 -3.76 6.44 -4.68
C TYR A 14 -3.65 6.46 -3.16
N TRP A 15 -3.37 7.64 -2.61
CA TRP A 15 -3.24 7.80 -1.17
C TRP A 15 -4.56 8.28 -0.56
N GLN A 16 -5.11 7.47 0.36
CA GLN A 16 -6.36 7.82 1.03
C GLN A 16 -6.07 8.71 2.25
N GLU A 17 -6.82 9.81 2.33
CA GLU A 17 -6.65 10.79 3.39
C GLU A 17 -6.84 10.18 4.79
N ASP A 18 -6.21 10.82 5.77
CA ASP A 18 -6.29 10.40 7.17
C ASP A 18 -7.74 10.33 7.63
N GLU A 19 -8.49 11.37 7.29
CA GLU A 19 -9.89 11.46 7.69
C GLU A 19 -10.77 10.40 7.05
N ASP A 20 -10.55 10.15 5.77
CA ASP A 20 -11.33 9.13 5.06
C ASP A 20 -11.02 7.75 5.61
N ALA A 21 -9.77 7.56 6.01
CA ALA A 21 -9.32 6.29 6.57
C ALA A 21 -9.02 6.44 8.06
N PRO A 22 -10.07 6.55 8.88
CA PRO A 22 -9.94 6.71 10.34
C PRO A 22 -9.50 5.43 11.02
N ALA A 23 -9.61 4.32 10.29
CA ALA A 23 -9.22 3.02 10.82
C ALA A 23 -8.39 2.26 9.79
N CYS A 24 -7.56 1.33 10.25
CA CYS A 24 -6.71 0.56 9.35
C CYS A 24 -7.52 -0.23 8.34
N ASN A 25 -7.20 -0.03 7.07
CA ASN A 25 -7.87 -0.72 5.98
C ASN A 25 -7.61 -2.22 6.06
N GLY A 26 -6.48 -2.60 6.66
CA GLY A 26 -6.13 -4.00 6.76
C GLY A 26 -6.68 -4.71 7.99
N CYS A 27 -6.37 -4.18 9.17
CA CYS A 27 -6.83 -4.80 10.42
C CYS A 27 -8.01 -4.08 11.05
N GLY A 28 -8.41 -2.95 10.47
CA GLY A 28 -9.55 -2.21 11.01
C GLY A 28 -9.25 -1.51 12.32
N CYS A 29 -7.97 -1.44 12.70
CA CYS A 29 -7.61 -0.78 13.95
C CYS A 29 -7.72 0.73 13.81
N VAL A 30 -8.16 1.39 14.87
CA VAL A 30 -8.34 2.84 14.86
C VAL A 30 -7.02 3.58 15.04
N PHE A 31 -6.85 4.62 14.25
CA PHE A 31 -5.63 5.43 14.31
C PHE A 31 -5.75 6.47 15.42
N THR A 32 -4.69 6.60 16.19
CA THR A 32 -4.65 7.56 17.30
C THR A 32 -3.41 8.44 17.23
N THR A 33 -3.38 9.46 18.07
CA THR A 33 -2.26 10.40 18.12
C THR A 33 -0.92 9.66 18.17
N THR A 34 -0.83 8.63 18.99
CA THR A 34 0.41 7.87 19.10
C THR A 34 0.72 7.14 17.80
N VAL A 35 -0.31 6.67 17.11
CA VAL A 35 -0.10 5.97 15.85
C VAL A 35 -0.12 6.93 14.67
N ARG A 36 1.03 7.04 14.03
CA ARG A 36 1.18 7.90 12.86
C ARG A 36 0.55 7.24 11.64
N ARG A 37 0.04 8.07 10.72
CA ARG A 37 -0.59 7.56 9.52
C ARG A 37 0.45 7.16 8.48
N HIS A 38 0.18 6.08 7.78
CA HIS A 38 1.10 5.58 6.75
C HIS A 38 0.34 5.05 5.54
N HIS A 39 1.03 4.94 4.41
CA HIS A 39 0.41 4.47 3.19
C HIS A 39 1.20 3.32 2.58
N CYS A 40 0.48 2.38 1.96
CA CYS A 40 1.09 1.24 1.29
C CYS A 40 1.34 1.61 -0.16
N ARG A 41 2.52 1.24 -0.68
CA ARG A 41 2.91 1.57 -2.04
C ARG A 41 2.15 0.77 -3.09
N ASN A 42 1.36 -0.21 -2.65
CA ASN A 42 0.58 -1.04 -3.56
C ASN A 42 -0.87 -0.60 -3.63
N CYS A 43 -1.63 -0.85 -2.58
CA CYS A 43 -3.04 -0.49 -2.55
C CYS A 43 -3.27 1.00 -2.36
N GLY A 44 -2.29 1.67 -1.76
CA GLY A 44 -2.41 3.10 -1.55
C GLY A 44 -3.38 3.44 -0.43
N TYR A 45 -3.62 2.48 0.44
CA TYR A 45 -4.53 2.66 1.56
C TYR A 45 -3.74 2.97 2.83
N VAL A 46 -4.43 3.52 3.81
CA VAL A 46 -3.79 3.87 5.07
C VAL A 46 -3.60 2.65 5.96
N LEU A 47 -2.37 2.47 6.43
CA LEU A 47 -2.03 1.36 7.30
C LEU A 47 -1.25 1.84 8.51
N CYS A 48 -1.56 1.27 9.67
CA CYS A 48 -0.83 1.62 10.89
C CYS A 48 0.51 0.92 10.89
N GLY A 49 1.32 1.11 11.93
CA GLY A 49 2.61 0.46 11.96
C GLY A 49 2.49 -1.06 11.83
N ASP A 50 1.67 -1.65 12.69
CA ASP A 50 1.46 -3.10 12.70
C ASP A 50 1.00 -3.64 11.35
N CYS A 51 0.19 -2.87 10.65
CA CYS A 51 -0.31 -3.27 9.34
C CYS A 51 0.63 -2.85 8.22
N SER A 52 1.71 -2.16 8.60
CA SER A 52 2.70 -1.70 7.63
C SER A 52 4.09 -2.05 8.13
N ARG A 53 4.19 -3.10 8.95
CA ARG A 53 5.47 -3.54 9.48
C ARG A 53 6.21 -4.40 8.46
N HIS A 54 5.49 -4.90 7.46
CA HIS A 54 6.12 -5.74 6.44
C HIS A 54 6.73 -4.90 5.33
N ARG A 55 7.54 -5.55 4.50
CA ARG A 55 8.19 -4.88 3.40
C ARG A 55 8.29 -5.81 2.19
N ALA A 56 8.09 -5.25 1.02
CA ALA A 56 8.15 -6.04 -0.22
C ALA A 56 8.38 -5.15 -1.43
N ALA A 57 8.96 -5.73 -2.47
CA ALA A 57 9.21 -5.00 -3.71
C ALA A 57 8.00 -5.14 -4.62
N ILE A 58 7.75 -4.14 -5.44
CA ILE A 58 6.61 -4.15 -6.33
C ILE A 58 7.06 -3.93 -7.77
N PRO A 59 7.55 -4.99 -8.43
CA PRO A 59 8.05 -4.93 -9.82
C PRO A 59 6.97 -4.62 -10.86
N MET A 60 5.71 -4.70 -10.48
CA MET A 60 4.63 -4.38 -11.41
C MET A 60 4.37 -2.89 -11.38
N ARG A 61 4.48 -2.32 -10.18
CA ARG A 61 4.26 -0.90 -9.98
C ARG A 61 5.53 -0.11 -10.30
N GLY A 62 6.57 -0.82 -10.72
CA GLY A 62 7.82 -0.18 -11.06
C GLY A 62 8.80 -0.17 -9.90
N ILE A 63 8.46 -0.89 -8.84
CA ILE A 63 9.31 -0.97 -7.66
C ILE A 63 10.13 -2.27 -7.68
N THR A 64 11.39 -2.15 -8.07
CA THR A 64 12.27 -3.31 -8.16
C THR A 64 12.97 -3.59 -6.83
N GLU A 65 13.00 -2.60 -5.95
CA GLU A 65 13.63 -2.75 -4.65
C GLU A 65 12.55 -2.94 -3.60
N PRO A 66 12.79 -3.80 -2.60
CA PRO A 66 11.80 -4.06 -1.55
C PRO A 66 11.37 -2.76 -0.87
N GLU A 67 10.07 -2.49 -0.90
CA GLU A 67 9.50 -1.30 -0.30
C GLU A 67 8.43 -1.66 0.73
N ARG A 68 8.04 -0.69 1.55
CA ARG A 68 7.03 -0.92 2.57
C ARG A 68 5.64 -1.11 1.96
N VAL A 69 4.91 -2.06 2.51
CA VAL A 69 3.55 -2.37 2.08
C VAL A 69 2.72 -2.83 3.26
N CYS A 70 1.45 -3.16 2.99
CA CYS A 70 0.55 -3.65 4.02
C CYS A 70 0.56 -5.17 4.00
N ASP A 71 -0.43 -5.78 4.65
CA ASP A 71 -0.49 -7.24 4.70
C ASP A 71 -1.10 -7.85 3.43
N ALA A 72 -2.19 -7.25 2.94
CA ALA A 72 -2.84 -7.77 1.73
C ALA A 72 -1.95 -7.60 0.50
N CYS A 73 -1.37 -6.42 0.35
CA CYS A 73 -0.50 -6.14 -0.78
C CYS A 73 0.73 -7.03 -0.74
N TYR A 74 1.26 -7.23 0.45
CA TYR A 74 2.42 -8.09 0.61
C TYR A 74 2.09 -9.47 0.05
N LEU A 75 0.87 -9.92 0.31
CA LEU A 75 0.40 -11.23 -0.14
C LEU A 75 0.14 -11.25 -1.65
N ALA A 76 -0.65 -10.30 -2.13
CA ALA A 76 -1.00 -10.25 -3.55
C ALA A 76 0.25 -10.35 -4.41
N LEU A 77 1.25 -9.54 -4.10
CA LEU A 77 2.51 -9.58 -4.84
C LEU A 77 3.16 -10.94 -4.59
N ARG A 78 3.09 -11.34 -3.33
CA ARG A 78 3.64 -12.61 -2.86
C ARG A 78 3.06 -13.81 -3.62
N SER A 79 1.89 -13.61 -4.24
CA SER A 79 1.26 -14.69 -4.98
C SER A 79 1.42 -14.52 -6.48
N SER A 80 1.37 -15.61 -7.22
CA SER A 80 1.50 -15.58 -8.67
C SER A 80 0.39 -16.40 -9.33
N ASN A 81 0.07 -16.06 -10.58
CA ASN A 81 -0.97 -16.76 -11.32
C ASN A 81 -0.38 -17.90 -12.15
N MET A 82 -1.09 -19.02 -12.20
CA MET A 82 -0.63 -20.17 -12.96
C MET A 82 -0.48 -19.82 -14.44
N ALA A 83 -1.35 -18.94 -14.92
CA ALA A 83 -1.31 -18.50 -16.32
C ALA A 83 0.00 -17.80 -16.63
N GLY A 84 0.63 -17.22 -15.60
CA GLY A 84 1.89 -16.52 -15.80
C GLY A 84 3.08 -17.46 -15.73
N GLY A 1 0.63 12.57 -22.76
CA GLY A 1 1.54 13.43 -21.95
C GLY A 1 2.11 12.71 -20.74
N PRO A 2 2.88 11.63 -20.97
CA PRO A 2 3.50 10.86 -19.89
C PRO A 2 4.44 11.71 -19.04
N LEU A 3 4.50 11.42 -17.74
CA LEU A 3 5.37 12.16 -16.83
C LEU A 3 6.78 11.57 -16.83
N GLY A 4 7.78 12.45 -16.77
CA GLY A 4 9.16 12.00 -16.76
C GLY A 4 9.56 11.37 -15.44
N SER A 5 10.41 10.36 -15.52
CA SER A 5 10.88 9.66 -14.31
C SER A 5 11.91 10.50 -13.56
N MET A 6 12.31 11.62 -14.16
CA MET A 6 13.30 12.50 -13.54
C MET A 6 12.85 12.93 -12.15
N GLY A 7 11.54 13.11 -11.99
CA GLY A 7 11.01 13.51 -10.69
C GLY A 7 10.13 12.44 -10.08
N GLU A 8 10.70 11.65 -9.17
CA GLU A 8 9.95 10.60 -8.51
C GLU A 8 9.34 11.07 -7.20
N LYS A 9 9.40 12.38 -6.97
CA LYS A 9 8.82 12.96 -5.76
C LYS A 9 7.33 12.63 -5.73
N GLN A 10 6.81 12.27 -6.90
CA GLN A 10 5.40 11.91 -7.05
C GLN A 10 5.05 10.69 -6.21
N SER A 11 3.89 10.74 -5.56
CA SER A 11 3.43 9.63 -4.72
C SER A 11 2.90 8.49 -5.57
N LYS A 12 2.84 7.29 -4.98
CA LYS A 12 2.34 6.13 -5.70
C LYS A 12 0.99 5.69 -5.15
N GLY A 13 0.04 5.47 -6.05
CA GLY A 13 -1.28 5.03 -5.63
C GLY A 13 -2.10 6.16 -5.05
N TYR A 14 -3.40 5.90 -4.84
CA TYR A 14 -4.29 6.91 -4.28
C TYR A 14 -4.14 6.97 -2.76
N TRP A 15 -3.80 8.15 -2.25
CA TRP A 15 -3.61 8.33 -0.82
C TRP A 15 -4.94 8.66 -0.13
N GLN A 16 -5.37 7.79 0.78
CA GLN A 16 -6.59 8.00 1.53
C GLN A 16 -6.32 8.91 2.74
N GLU A 17 -7.17 9.93 2.89
CA GLU A 17 -7.02 10.90 3.96
C GLU A 17 -7.19 10.31 5.36
N ASP A 18 -6.57 10.96 6.33
CA ASP A 18 -6.65 10.55 7.73
C ASP A 18 -8.10 10.47 8.18
N GLU A 19 -8.87 11.48 7.82
CA GLU A 19 -10.28 11.56 8.21
C GLU A 19 -11.12 10.47 7.56
N ASP A 20 -10.90 10.23 6.28
CA ASP A 20 -11.64 9.20 5.56
C ASP A 20 -11.25 7.81 6.06
N ALA A 21 -9.99 7.69 6.45
CA ALA A 21 -9.46 6.43 6.96
C ALA A 21 -9.10 6.56 8.43
N PRO A 22 -10.12 6.59 9.30
CA PRO A 22 -9.93 6.71 10.75
C PRO A 22 -9.49 5.40 11.38
N ALA A 23 -9.57 4.33 10.60
CA ALA A 23 -9.18 3.00 11.05
C ALA A 23 -8.35 2.31 9.98
N CYS A 24 -7.51 1.35 10.39
CA CYS A 24 -6.66 0.64 9.45
C CYS A 24 -7.48 -0.17 8.46
N ASN A 25 -7.21 0.04 7.18
CA ASN A 25 -7.90 -0.67 6.11
C ASN A 25 -7.66 -2.17 6.22
N GLY A 26 -6.54 -2.55 6.81
CA GLY A 26 -6.21 -3.96 6.93
C GLY A 26 -6.75 -4.62 8.20
N CYS A 27 -6.42 -4.08 9.36
CA CYS A 27 -6.87 -4.67 10.62
C CYS A 27 -8.02 -3.91 11.25
N GLY A 28 -8.42 -2.79 10.65
CA GLY A 28 -9.54 -2.04 11.19
C GLY A 28 -9.22 -1.32 12.49
N CYS A 29 -7.95 -1.32 12.88
CA CYS A 29 -7.55 -0.65 14.11
C CYS A 29 -7.67 0.86 13.96
N VAL A 30 -8.08 1.52 15.02
CA VAL A 30 -8.26 2.98 14.97
C VAL A 30 -6.95 3.72 15.14
N PHE A 31 -6.78 4.77 14.34
CA PHE A 31 -5.58 5.59 14.39
C PHE A 31 -5.69 6.64 15.49
N THR A 32 -4.62 6.74 16.27
CA THR A 32 -4.57 7.69 17.37
C THR A 32 -3.32 8.57 17.27
N THR A 33 -3.28 9.60 18.10
CA THR A 33 -2.16 10.54 18.12
C THR A 33 -0.83 9.79 18.12
N THR A 34 -0.75 8.70 18.87
CA THR A 34 0.50 7.94 18.94
C THR A 34 0.74 7.15 17.65
N VAL A 35 -0.32 6.81 16.93
CA VAL A 35 -0.16 6.06 15.69
C VAL A 35 -0.18 6.99 14.48
N ARG A 36 0.95 7.08 13.82
CA ARG A 36 1.10 7.92 12.64
C ARG A 36 0.45 7.25 11.42
N ARG A 37 -0.04 8.07 10.51
CA ARG A 37 -0.68 7.56 9.30
C ARG A 37 0.37 7.15 8.27
N HIS A 38 0.11 6.04 7.59
CA HIS A 38 1.03 5.54 6.58
C HIS A 38 0.28 5.01 5.37
N HIS A 39 0.96 4.92 4.24
CA HIS A 39 0.34 4.44 3.01
C HIS A 39 1.13 3.29 2.41
N CYS A 40 0.43 2.34 1.80
CA CYS A 40 1.06 1.21 1.14
C CYS A 40 1.28 1.57 -0.33
N ARG A 41 2.45 1.21 -0.85
CA ARG A 41 2.83 1.53 -2.22
C ARG A 41 2.07 0.70 -3.26
N ASN A 42 1.30 -0.27 -2.80
CA ASN A 42 0.53 -1.12 -3.69
C ASN A 42 -0.94 -0.70 -3.75
N CYS A 43 -1.68 -0.98 -2.68
CA CYS A 43 -3.09 -0.64 -2.64
C CYS A 43 -3.31 0.85 -2.43
N GLY A 44 -2.33 1.51 -1.83
CA GLY A 44 -2.43 2.95 -1.62
C GLY A 44 -3.39 3.30 -0.50
N TYR A 45 -3.63 2.34 0.39
CA TYR A 45 -4.53 2.55 1.51
C TYR A 45 -3.75 2.88 2.78
N VAL A 46 -4.45 3.43 3.76
CA VAL A 46 -3.81 3.80 5.01
C VAL A 46 -3.62 2.58 5.91
N LEU A 47 -2.40 2.38 6.38
CA LEU A 47 -2.08 1.26 7.25
C LEU A 47 -1.29 1.74 8.47
N CYS A 48 -1.61 1.16 9.63
CA CYS A 48 -0.89 1.52 10.84
C CYS A 48 0.43 0.76 10.84
N GLY A 49 1.29 1.03 11.81
CA GLY A 49 2.57 0.34 11.84
C GLY A 49 2.43 -1.16 11.72
N ASP A 50 1.61 -1.75 12.60
CA ASP A 50 1.38 -3.19 12.61
C ASP A 50 0.92 -3.73 11.25
N CYS A 51 0.11 -2.94 10.56
CA CYS A 51 -0.40 -3.33 9.26
C CYS A 51 0.53 -2.90 8.14
N SER A 52 1.60 -2.19 8.51
CA SER A 52 2.59 -1.73 7.55
C SER A 52 3.99 -2.07 8.03
N ARG A 53 4.09 -3.11 8.85
CA ARG A 53 5.38 -3.55 9.38
C ARG A 53 6.13 -4.41 8.35
N HIS A 54 5.41 -4.93 7.37
CA HIS A 54 6.03 -5.77 6.35
C HIS A 54 6.74 -4.94 5.29
N ARG A 55 7.60 -5.60 4.53
CA ARG A 55 8.35 -4.94 3.47
C ARG A 55 8.44 -5.86 2.25
N ALA A 56 8.23 -5.29 1.08
CA ALA A 56 8.27 -6.06 -0.16
C ALA A 56 8.53 -5.19 -1.38
N ALA A 57 9.09 -5.79 -2.42
CA ALA A 57 9.36 -5.08 -3.67
C ALA A 57 8.16 -5.22 -4.59
N ILE A 58 7.92 -4.21 -5.41
CA ILE A 58 6.79 -4.23 -6.32
C ILE A 58 7.23 -3.96 -7.75
N PRO A 59 7.77 -5.00 -8.42
CA PRO A 59 8.27 -4.89 -9.79
C PRO A 59 7.18 -4.58 -10.82
N MET A 60 5.92 -4.63 -10.41
CA MET A 60 4.84 -4.30 -11.32
C MET A 60 4.57 -2.81 -11.27
N ARG A 61 4.68 -2.26 -10.06
CA ARG A 61 4.48 -0.83 -9.84
C ARG A 61 5.75 -0.05 -10.14
N GLY A 62 6.76 -0.77 -10.61
CA GLY A 62 8.02 -0.14 -10.94
C GLY A 62 8.99 -0.16 -9.77
N ILE A 63 8.61 -0.85 -8.70
CA ILE A 63 9.45 -0.95 -7.52
C ILE A 63 10.27 -2.23 -7.56
N THR A 64 11.54 -2.11 -7.94
CA THR A 64 12.43 -3.26 -8.03
C THR A 64 13.11 -3.54 -6.70
N GLU A 65 13.13 -2.54 -5.82
CA GLU A 65 13.72 -2.69 -4.51
C GLU A 65 12.62 -2.85 -3.47
N PRO A 66 12.79 -3.76 -2.50
CA PRO A 66 11.76 -3.99 -1.49
C PRO A 66 11.33 -2.70 -0.80
N GLU A 67 10.03 -2.43 -0.84
CA GLU A 67 9.46 -1.24 -0.23
C GLU A 67 8.34 -1.62 0.75
N ARG A 68 7.93 -0.67 1.57
CA ARG A 68 6.89 -0.91 2.57
C ARG A 68 5.52 -1.10 1.92
N VAL A 69 4.78 -2.06 2.45
CA VAL A 69 3.43 -2.39 1.99
C VAL A 69 2.60 -2.87 3.15
N CYS A 70 1.33 -3.18 2.88
CA CYS A 70 0.43 -3.69 3.90
C CYS A 70 0.47 -5.21 3.89
N ASP A 71 -0.50 -5.84 4.53
CA ASP A 71 -0.53 -7.31 4.57
C ASP A 71 -1.13 -7.92 3.30
N ALA A 72 -2.22 -7.35 2.81
CA ALA A 72 -2.87 -7.88 1.60
C ALA A 72 -1.99 -7.71 0.37
N CYS A 73 -1.41 -6.52 0.21
CA CYS A 73 -0.55 -6.23 -0.92
C CYS A 73 0.68 -7.11 -0.89
N TYR A 74 1.25 -7.31 0.30
CA TYR A 74 2.41 -8.16 0.44
C TYR A 74 2.09 -9.54 -0.11
N LEU A 75 0.87 -10.00 0.17
CA LEU A 75 0.41 -11.31 -0.30
C LEU A 75 0.14 -11.33 -1.80
N ALA A 76 -0.66 -10.36 -2.28
CA ALA A 76 -1.00 -10.30 -3.69
C ALA A 76 0.26 -10.37 -4.54
N LEU A 77 1.24 -9.55 -4.21
CA LEU A 77 2.51 -9.57 -4.93
C LEU A 77 3.17 -10.92 -4.69
N ARG A 78 3.10 -11.36 -3.45
CA ARG A 78 3.66 -12.63 -3.01
C ARG A 78 3.09 -13.79 -3.83
N SER A 79 1.96 -13.54 -4.48
CA SER A 79 1.32 -14.56 -5.29
C SER A 79 2.26 -15.04 -6.40
N SER A 80 2.09 -16.30 -6.80
CA SER A 80 2.92 -16.88 -7.85
C SER A 80 2.06 -17.34 -9.02
N ASN A 81 2.62 -17.29 -10.23
CA ASN A 81 1.90 -17.70 -11.42
C ASN A 81 1.37 -19.13 -11.26
N MET A 82 2.13 -19.96 -10.55
CA MET A 82 1.73 -21.34 -10.33
C MET A 82 0.88 -21.47 -9.07
N ALA A 83 -0.18 -22.27 -9.16
CA ALA A 83 -1.09 -22.47 -8.03
C ALA A 83 -0.35 -23.10 -6.84
N GLY A 84 -0.75 -22.70 -5.64
CA GLY A 84 -0.13 -23.22 -4.43
C GLY A 84 -0.83 -24.45 -3.90
N GLY A 1 20.55 16.11 -12.09
CA GLY A 1 19.65 16.28 -13.26
C GLY A 1 18.50 17.23 -12.99
N PRO A 2 17.26 16.81 -13.28
CA PRO A 2 16.08 17.65 -13.06
C PRO A 2 15.92 18.03 -11.59
N LEU A 3 15.39 19.23 -11.34
CA LEU A 3 15.19 19.70 -9.98
C LEU A 3 14.24 18.78 -9.22
N GLY A 4 13.35 18.13 -9.96
CA GLY A 4 12.39 17.23 -9.34
C GLY A 4 12.98 15.88 -8.96
N SER A 5 14.30 15.74 -9.11
CA SER A 5 14.97 14.49 -8.77
C SER A 5 14.76 14.13 -7.31
N MET A 6 14.65 15.15 -6.46
CA MET A 6 14.43 14.94 -5.04
C MET A 6 12.95 14.90 -4.71
N GLY A 7 12.56 14.00 -3.83
CA GLY A 7 11.16 13.88 -3.45
C GLY A 7 10.39 12.94 -4.35
N GLU A 8 11.11 12.24 -5.22
CA GLU A 8 10.48 11.30 -6.16
C GLU A 8 10.34 9.93 -5.53
N LYS A 9 10.54 9.85 -4.21
CA LYS A 9 10.40 8.59 -3.50
C LYS A 9 8.93 8.19 -3.44
N GLN A 10 8.08 9.09 -3.93
CA GLN A 10 6.64 8.86 -3.97
C GLN A 10 6.31 7.59 -4.74
N SER A 11 5.26 6.91 -4.32
CA SER A 11 4.85 5.66 -4.97
C SER A 11 3.50 5.83 -5.66
N LYS A 12 3.34 5.17 -6.79
CA LYS A 12 2.09 5.24 -7.55
C LYS A 12 0.96 4.59 -6.77
N GLY A 13 -0.18 5.27 -6.71
CA GLY A 13 -1.33 4.75 -5.99
C GLY A 13 -2.15 5.85 -5.35
N TYR A 14 -3.44 5.58 -5.17
CA TYR A 14 -4.33 6.56 -4.56
C TYR A 14 -4.17 6.58 -3.04
N TRP A 15 -3.83 7.75 -2.52
CA TRP A 15 -3.64 7.92 -1.08
C TRP A 15 -4.96 8.32 -0.41
N GLN A 16 -5.43 7.49 0.52
CA GLN A 16 -6.66 7.77 1.24
C GLN A 16 -6.36 8.67 2.45
N GLU A 17 -7.13 9.75 2.55
CA GLU A 17 -6.96 10.74 3.62
C GLU A 17 -7.11 10.12 5.01
N ASP A 18 -6.44 10.74 5.97
CA ASP A 18 -6.50 10.31 7.37
C ASP A 18 -7.94 10.28 7.86
N GLU A 19 -8.67 11.33 7.53
CA GLU A 19 -10.07 11.45 7.96
C GLU A 19 -10.96 10.39 7.33
N ASP A 20 -10.75 10.13 6.04
CA ASP A 20 -11.54 9.12 5.35
C ASP A 20 -11.24 7.74 5.88
N ALA A 21 -9.98 7.53 6.27
CA ALA A 21 -9.54 6.25 6.81
C ALA A 21 -9.19 6.39 8.29
N PRO A 22 -10.21 6.50 9.15
CA PRO A 22 -10.03 6.64 10.60
C PRO A 22 -9.56 5.34 11.26
N ALA A 23 -9.65 4.26 10.50
CA ALA A 23 -9.22 2.95 10.99
C ALA A 23 -8.39 2.24 9.92
N CYS A 24 -7.56 1.29 10.34
CA CYS A 24 -6.71 0.56 9.42
C CYS A 24 -7.52 -0.23 8.41
N ASN A 25 -7.24 0.02 7.13
CA ASN A 25 -7.93 -0.67 6.05
C ASN A 25 -7.70 -2.19 6.14
N GLY A 26 -6.58 -2.58 6.74
CA GLY A 26 -6.26 -4.00 6.85
C GLY A 26 -6.81 -4.66 8.10
N CYS A 27 -6.48 -4.10 9.27
CA CYS A 27 -6.92 -4.69 10.53
C CYS A 27 -8.08 -3.92 11.17
N GLY A 28 -8.45 -2.80 10.58
CA GLY A 28 -9.56 -2.03 11.12
C GLY A 28 -9.24 -1.33 12.44
N CYS A 29 -7.97 -1.30 12.81
CA CYS A 29 -7.58 -0.64 14.06
C CYS A 29 -7.69 0.88 13.91
N VAL A 30 -8.10 1.54 14.99
CA VAL A 30 -8.27 2.99 14.97
C VAL A 30 -6.95 3.72 15.15
N PHE A 31 -6.77 4.78 14.38
CA PHE A 31 -5.56 5.59 14.44
C PHE A 31 -5.67 6.64 15.54
N THR A 32 -4.59 6.77 16.31
CA THR A 32 -4.53 7.72 17.41
C THR A 32 -3.29 8.61 17.28
N THR A 33 -3.25 9.66 18.10
CA THR A 33 -2.12 10.58 18.09
C THR A 33 -0.80 9.83 18.10
N THR A 34 -0.70 8.78 18.91
CA THR A 34 0.52 8.00 19.00
C THR A 34 0.79 7.26 17.68
N VAL A 35 -0.25 6.76 17.03
CA VAL A 35 -0.07 6.05 15.77
C VAL A 35 -0.10 6.98 14.59
N ARG A 36 1.03 7.11 13.92
CA ARG A 36 1.17 7.95 12.75
C ARG A 36 0.50 7.30 11.54
N ARG A 37 -0.04 8.12 10.65
CA ARG A 37 -0.69 7.61 9.46
C ARG A 37 0.34 7.20 8.42
N HIS A 38 0.06 6.11 7.71
CA HIS A 38 0.98 5.62 6.68
C HIS A 38 0.21 5.06 5.49
N HIS A 39 0.91 4.91 4.37
CA HIS A 39 0.28 4.40 3.15
C HIS A 39 1.08 3.26 2.53
N CYS A 40 0.36 2.34 1.91
CA CYS A 40 0.98 1.20 1.22
C CYS A 40 1.24 1.60 -0.23
N ARG A 41 2.42 1.24 -0.74
CA ARG A 41 2.82 1.59 -2.10
C ARG A 41 2.04 0.83 -3.17
N ASN A 42 1.22 -0.13 -2.75
CA ASN A 42 0.43 -0.92 -3.69
C ASN A 42 -1.03 -0.48 -3.73
N CYS A 43 -1.76 -0.76 -2.66
CA CYS A 43 -3.18 -0.44 -2.58
C CYS A 43 -3.41 1.06 -2.37
N GLY A 44 -2.43 1.73 -1.77
CA GLY A 44 -2.56 3.15 -1.53
C GLY A 44 -3.50 3.46 -0.39
N TYR A 45 -3.74 2.48 0.46
CA TYR A 45 -4.63 2.65 1.61
C TYR A 45 -3.83 2.96 2.86
N VAL A 46 -4.51 3.52 3.87
CA VAL A 46 -3.85 3.86 5.11
C VAL A 46 -3.64 2.63 5.98
N LEU A 47 -2.41 2.45 6.45
CA LEU A 47 -2.07 1.32 7.31
C LEU A 47 -1.31 1.79 8.53
N CYS A 48 -1.62 1.19 9.67
CA CYS A 48 -0.92 1.52 10.91
C CYS A 48 0.44 0.81 10.89
N GLY A 49 1.30 1.09 11.86
CA GLY A 49 2.59 0.45 11.87
C GLY A 49 2.49 -1.05 11.75
N ASP A 50 1.67 -1.66 12.62
CA ASP A 50 1.47 -3.10 12.63
C ASP A 50 1.01 -3.66 11.28
N CYS A 51 0.21 -2.87 10.58
CA CYS A 51 -0.31 -3.30 9.27
C CYS A 51 0.63 -2.87 8.16
N SER A 52 1.71 -2.18 8.51
CA SER A 52 2.70 -1.73 7.55
C SER A 52 4.09 -2.08 8.04
N ARG A 53 4.17 -3.13 8.87
CA ARG A 53 5.45 -3.58 9.39
C ARG A 53 6.18 -4.45 8.38
N HIS A 54 5.46 -4.98 7.39
CA HIS A 54 6.08 -5.83 6.39
C HIS A 54 6.83 -5.01 5.35
N ARG A 55 7.67 -5.70 4.57
CA ARG A 55 8.43 -5.06 3.53
C ARG A 55 8.52 -5.97 2.30
N ALA A 56 8.31 -5.40 1.13
CA ALA A 56 8.35 -6.17 -0.11
C ALA A 56 8.54 -5.28 -1.33
N ALA A 57 9.12 -5.84 -2.39
CA ALA A 57 9.33 -5.10 -3.62
C ALA A 57 8.06 -5.16 -4.46
N ILE A 58 7.90 -4.20 -5.36
CA ILE A 58 6.73 -4.17 -6.23
C ILE A 58 7.15 -3.93 -7.68
N PRO A 59 7.66 -4.99 -8.33
CA PRO A 59 8.14 -4.92 -9.72
C PRO A 59 7.06 -4.61 -10.75
N MET A 60 5.79 -4.67 -10.35
CA MET A 60 4.71 -4.35 -11.27
C MET A 60 4.47 -2.85 -11.25
N ARG A 61 4.58 -2.29 -10.06
CA ARG A 61 4.37 -0.86 -9.86
C ARG A 61 5.65 -0.08 -10.18
N GLY A 62 6.66 -0.81 -10.64
CA GLY A 62 7.93 -0.19 -10.99
C GLY A 62 8.91 -0.20 -9.83
N ILE A 63 8.55 -0.91 -8.76
CA ILE A 63 9.42 -1.00 -7.59
C ILE A 63 10.23 -2.30 -7.65
N THR A 64 11.50 -2.18 -8.03
CA THR A 64 12.38 -3.34 -8.13
C THR A 64 13.05 -3.66 -6.81
N GLU A 65 13.07 -2.68 -5.91
CA GLU A 65 13.67 -2.86 -4.59
C GLU A 65 12.57 -3.07 -3.55
N PRO A 66 12.83 -3.89 -2.52
CA PRO A 66 11.83 -4.15 -1.49
C PRO A 66 11.40 -2.87 -0.79
N GLU A 67 10.09 -2.60 -0.84
CA GLU A 67 9.52 -1.41 -0.23
C GLU A 67 8.40 -1.78 0.73
N ARG A 68 7.97 -0.81 1.53
CA ARG A 68 6.90 -1.03 2.51
C ARG A 68 5.54 -1.19 1.84
N VAL A 69 4.78 -2.15 2.35
CA VAL A 69 3.44 -2.45 1.87
C VAL A 69 2.57 -2.90 3.04
N CYS A 70 1.30 -3.21 2.75
CA CYS A 70 0.39 -3.68 3.77
C CYS A 70 0.37 -5.20 3.75
N ASP A 71 -0.52 -5.81 4.51
CA ASP A 71 -0.60 -7.27 4.56
C ASP A 71 -1.21 -7.87 3.28
N ALA A 72 -2.28 -7.27 2.78
CA ALA A 72 -2.93 -7.78 1.57
C ALA A 72 -2.05 -7.62 0.34
N CYS A 73 -1.45 -6.44 0.20
CA CYS A 73 -0.58 -6.16 -0.94
C CYS A 73 0.65 -7.06 -0.89
N TYR A 74 1.20 -7.25 0.30
CA TYR A 74 2.36 -8.11 0.47
C TYR A 74 2.04 -9.50 -0.09
N LEU A 75 0.82 -9.96 0.20
CA LEU A 75 0.37 -11.26 -0.28
C LEU A 75 0.19 -11.31 -1.79
N ALA A 76 -0.49 -10.32 -2.34
CA ALA A 76 -0.74 -10.28 -3.79
C ALA A 76 0.57 -10.31 -4.57
N LEU A 77 1.55 -9.54 -4.14
CA LEU A 77 2.85 -9.51 -4.82
C LEU A 77 3.55 -10.86 -4.69
N ARG A 78 3.42 -11.46 -3.52
CA ARG A 78 4.03 -12.75 -3.23
C ARG A 78 3.46 -13.86 -4.11
N SER A 79 2.37 -13.57 -4.82
CA SER A 79 1.75 -14.57 -5.68
C SER A 79 2.74 -15.06 -6.72
N SER A 80 3.66 -14.20 -7.12
CA SER A 80 4.67 -14.56 -8.12
C SER A 80 5.57 -15.68 -7.59
N ASN A 81 5.75 -15.72 -6.27
CA ASN A 81 6.58 -16.74 -5.65
C ASN A 81 5.74 -17.92 -5.18
N MET A 82 6.07 -19.11 -5.67
CA MET A 82 5.34 -20.32 -5.31
C MET A 82 5.87 -20.90 -4.00
N ALA A 83 4.94 -21.26 -3.12
CA ALA A 83 5.31 -21.84 -1.82
C ALA A 83 6.00 -23.18 -2.00
N GLY A 84 6.96 -23.47 -1.12
CA GLY A 84 7.68 -24.73 -1.20
C GLY A 84 9.16 -24.58 -0.89
N GLY A 1 5.87 20.34 -24.42
CA GLY A 1 6.98 19.42 -24.82
C GLY A 1 6.79 18.02 -24.28
N PRO A 2 7.89 17.34 -23.93
CA PRO A 2 7.85 15.97 -23.41
C PRO A 2 6.95 15.83 -22.18
N LEU A 3 6.38 14.65 -22.01
CA LEU A 3 5.50 14.38 -20.88
C LEU A 3 6.32 14.12 -19.62
N GLY A 4 5.78 14.51 -18.47
CA GLY A 4 6.48 14.31 -17.22
C GLY A 4 5.63 14.65 -16.01
N SER A 5 6.29 15.05 -14.93
CA SER A 5 5.58 15.40 -13.69
C SER A 5 4.62 16.57 -13.93
N MET A 6 4.88 17.33 -14.98
CA MET A 6 4.03 18.48 -15.31
C MET A 6 2.56 18.08 -15.39
N GLY A 7 2.30 16.90 -15.96
CA GLY A 7 0.94 16.43 -16.07
C GLY A 7 0.44 15.80 -14.78
N GLU A 8 -0.70 16.28 -14.29
CA GLU A 8 -1.27 15.75 -13.06
C GLU A 8 -1.93 14.40 -13.28
N LYS A 9 -1.91 13.93 -14.53
CA LYS A 9 -2.50 12.63 -14.85
C LYS A 9 -1.73 11.53 -14.12
N GLN A 10 -0.61 11.93 -13.51
CA GLN A 10 0.23 11.02 -12.75
C GLN A 10 -0.51 10.47 -11.55
N SER A 11 -0.28 9.19 -11.25
CA SER A 11 -0.93 8.54 -10.12
C SER A 11 -0.52 7.08 -9.99
N LYS A 12 0.75 6.85 -9.68
CA LYS A 12 1.26 5.50 -9.52
C LYS A 12 0.51 4.75 -8.42
N GLY A 13 0.15 5.49 -7.37
CA GLY A 13 -0.58 4.91 -6.27
C GLY A 13 -1.48 5.93 -5.59
N TYR A 14 -2.75 5.60 -5.44
CA TYR A 14 -3.69 6.52 -4.81
C TYR A 14 -3.51 6.55 -3.30
N TRP A 15 -3.20 7.74 -2.78
CA TRP A 15 -3.02 7.92 -1.35
C TRP A 15 -4.34 8.23 -0.67
N GLN A 16 -4.76 7.36 0.25
CA GLN A 16 -6.00 7.54 0.98
C GLN A 16 -5.80 8.53 2.13
N GLU A 17 -6.64 9.56 2.13
CA GLU A 17 -6.57 10.61 3.13
C GLU A 17 -6.72 10.09 4.57
N ASP A 18 -6.06 10.78 5.50
CA ASP A 18 -6.11 10.42 6.91
C ASP A 18 -7.56 10.43 7.42
N GLU A 19 -8.31 11.46 7.03
CA GLU A 19 -9.68 11.62 7.46
C GLU A 19 -10.60 10.54 6.89
N ASP A 20 -10.43 10.23 5.62
CA ASP A 20 -11.24 9.21 4.97
C ASP A 20 -10.96 7.84 5.57
N ALA A 21 -9.71 7.63 5.96
CA ALA A 21 -9.28 6.37 6.55
C ALA A 21 -8.98 6.54 8.04
N PRO A 22 -10.04 6.63 8.86
CA PRO A 22 -9.90 6.80 10.32
C PRO A 22 -9.43 5.52 11.01
N ALA A 23 -9.52 4.41 10.29
CA ALA A 23 -9.11 3.11 10.80
C ALA A 23 -8.29 2.37 9.77
N CYS A 24 -7.44 1.45 10.21
CA CYS A 24 -6.59 0.70 9.31
C CYS A 24 -7.41 -0.13 8.32
N ASN A 25 -7.13 0.07 7.04
CA ASN A 25 -7.82 -0.64 5.97
C ASN A 25 -7.58 -2.14 6.08
N GLY A 26 -6.45 -2.52 6.68
CA GLY A 26 -6.11 -3.93 6.78
C GLY A 26 -6.67 -4.63 8.01
N CYS A 27 -6.38 -4.11 9.20
CA CYS A 27 -6.85 -4.74 10.44
C CYS A 27 -8.02 -4.00 11.08
N GLY A 28 -8.45 -2.91 10.48
CA GLY A 28 -9.58 -2.16 11.02
C GLY A 28 -9.27 -1.46 12.32
N CYS A 29 -7.99 -1.45 12.72
CA CYS A 29 -7.60 -0.78 13.95
C CYS A 29 -7.72 0.73 13.80
N VAL A 30 -8.13 1.41 14.86
CA VAL A 30 -8.31 2.85 14.83
C VAL A 30 -7.00 3.60 15.04
N PHE A 31 -6.81 4.66 14.27
CA PHE A 31 -5.61 5.47 14.39
C PHE A 31 -5.75 6.46 15.54
N THR A 32 -4.71 6.54 16.35
CA THR A 32 -4.68 7.44 17.49
C THR A 32 -3.44 8.32 17.46
N THR A 33 -3.41 9.34 18.31
CA THR A 33 -2.29 10.26 18.38
C THR A 33 -0.96 9.52 18.35
N THR A 34 -0.89 8.37 19.02
CA THR A 34 0.35 7.60 19.06
C THR A 34 0.58 6.80 17.77
N VAL A 35 -0.49 6.44 17.07
CA VAL A 35 -0.34 5.68 15.84
C VAL A 35 -0.36 6.61 14.63
N ARG A 36 0.78 6.70 13.96
CA ARG A 36 0.93 7.52 12.78
C ARG A 36 0.32 6.81 11.57
N ARG A 37 -0.17 7.60 10.62
CA ARG A 37 -0.76 7.03 9.40
C ARG A 37 0.31 6.85 8.33
N HIS A 38 0.17 5.78 7.58
CA HIS A 38 1.12 5.48 6.51
C HIS A 38 0.37 4.96 5.29
N HIS A 39 1.04 4.94 4.15
CA HIS A 39 0.42 4.49 2.92
C HIS A 39 1.18 3.31 2.32
N CYS A 40 0.45 2.37 1.75
CA CYS A 40 1.05 1.20 1.11
C CYS A 40 1.28 1.55 -0.36
N ARG A 41 2.45 1.16 -0.88
CA ARG A 41 2.82 1.45 -2.26
C ARG A 41 2.02 0.65 -3.26
N ASN A 42 1.22 -0.29 -2.77
CA ASN A 42 0.41 -1.13 -3.65
C ASN A 42 -1.05 -0.68 -3.70
N CYS A 43 -1.78 -0.87 -2.62
CA CYS A 43 -3.19 -0.51 -2.57
C CYS A 43 -3.38 0.99 -2.39
N GLY A 44 -2.39 1.64 -1.79
CA GLY A 44 -2.48 3.08 -1.58
C GLY A 44 -3.42 3.46 -0.46
N TYR A 45 -3.64 2.53 0.46
CA TYR A 45 -4.52 2.78 1.60
C TYR A 45 -3.71 3.06 2.86
N VAL A 46 -4.36 3.65 3.86
CA VAL A 46 -3.68 3.98 5.10
C VAL A 46 -3.49 2.75 5.97
N LEU A 47 -2.26 2.54 6.42
CA LEU A 47 -1.94 1.40 7.28
C LEU A 47 -1.13 1.86 8.49
N CYS A 48 -1.45 1.34 9.66
CA CYS A 48 -0.71 1.70 10.86
C CYS A 48 0.64 1.00 10.84
N GLY A 49 1.50 1.28 11.80
CA GLY A 49 2.81 0.64 11.80
C GLY A 49 2.70 -0.87 11.70
N ASP A 50 1.93 -1.46 12.60
CA ASP A 50 1.73 -2.90 12.64
C ASP A 50 1.25 -3.47 11.31
N CYS A 51 0.43 -2.69 10.61
CA CYS A 51 -0.11 -3.11 9.32
C CYS A 51 0.80 -2.70 8.18
N SER A 52 1.88 -1.99 8.50
CA SER A 52 2.85 -1.57 7.50
C SER A 52 4.25 -1.90 7.98
N ARG A 53 4.36 -2.95 8.80
CA ARG A 53 5.66 -3.39 9.32
C ARG A 53 6.38 -4.27 8.31
N HIS A 54 5.65 -4.82 7.35
CA HIS A 54 6.25 -5.68 6.35
C HIS A 54 6.96 -4.88 5.27
N ARG A 55 7.81 -5.55 4.53
CA ARG A 55 8.55 -4.91 3.44
C ARG A 55 8.62 -5.84 2.23
N ALA A 56 8.38 -5.29 1.06
CA ALA A 56 8.42 -6.08 -0.17
C ALA A 56 8.62 -5.20 -1.39
N ALA A 57 9.20 -5.78 -2.44
CA ALA A 57 9.41 -5.05 -3.69
C ALA A 57 8.19 -5.20 -4.57
N ILE A 58 7.92 -4.22 -5.41
CA ILE A 58 6.77 -4.27 -6.30
C ILE A 58 7.19 -4.02 -7.74
N PRO A 59 7.83 -5.04 -8.36
CA PRO A 59 8.32 -4.94 -9.74
C PRO A 59 7.22 -4.70 -10.78
N MET A 60 5.97 -4.80 -10.36
CA MET A 60 4.86 -4.54 -11.27
C MET A 60 4.47 -3.08 -11.16
N ARG A 61 4.54 -2.59 -9.93
CA ARG A 61 4.19 -1.22 -9.61
C ARG A 61 5.40 -0.28 -9.75
N GLY A 62 6.35 -0.69 -10.59
CA GLY A 62 7.54 0.12 -10.82
C GLY A 62 8.47 0.15 -9.63
N ILE A 63 8.38 -0.85 -8.76
CA ILE A 63 9.25 -0.91 -7.59
C ILE A 63 10.13 -2.16 -7.64
N THR A 64 11.41 -1.97 -7.96
CA THR A 64 12.34 -3.09 -8.06
C THR A 64 13.05 -3.36 -6.73
N GLU A 65 13.07 -2.35 -5.87
CA GLU A 65 13.70 -2.50 -4.56
C GLU A 65 12.62 -2.73 -3.52
N PRO A 66 12.85 -3.63 -2.56
CA PRO A 66 11.85 -3.92 -1.53
C PRO A 66 11.36 -2.66 -0.82
N GLU A 67 10.06 -2.44 -0.87
CA GLU A 67 9.45 -1.28 -0.25
C GLU A 67 8.34 -1.68 0.73
N ARG A 68 7.90 -0.72 1.54
CA ARG A 68 6.87 -0.96 2.54
C ARG A 68 5.49 -1.14 1.91
N VAL A 69 4.75 -2.09 2.48
CA VAL A 69 3.38 -2.40 2.04
C VAL A 69 2.55 -2.84 3.23
N CYS A 70 1.28 -3.15 2.97
CA CYS A 70 0.39 -3.62 4.01
C CYS A 70 0.39 -5.15 4.03
N ASP A 71 -0.58 -5.74 4.68
CA ASP A 71 -0.64 -7.20 4.76
C ASP A 71 -1.24 -7.83 3.50
N ALA A 72 -2.32 -7.26 2.99
CA ALA A 72 -2.98 -7.79 1.80
C ALA A 72 -2.11 -7.63 0.55
N CYS A 73 -1.54 -6.45 0.37
CA CYS A 73 -0.70 -6.17 -0.78
C CYS A 73 0.54 -7.05 -0.75
N TYR A 74 1.11 -7.23 0.44
CA TYR A 74 2.28 -8.07 0.58
C TYR A 74 1.96 -9.46 0.05
N LEU A 75 0.75 -9.92 0.35
CA LEU A 75 0.29 -11.24 -0.08
C LEU A 75 -0.01 -11.30 -1.57
N ALA A 76 -0.84 -10.39 -2.06
CA ALA A 76 -1.21 -10.37 -3.48
C ALA A 76 0.02 -10.43 -4.35
N LEU A 77 1.01 -9.60 -4.04
CA LEU A 77 2.26 -9.62 -4.78
C LEU A 77 2.94 -10.95 -4.52
N ARG A 78 2.89 -11.35 -3.26
CA ARG A 78 3.48 -12.60 -2.79
C ARG A 78 2.91 -13.79 -3.56
N SER A 79 1.75 -13.59 -4.18
CA SER A 79 1.13 -14.67 -4.95
C SER A 79 1.33 -14.47 -6.44
N SER A 80 1.38 -15.59 -7.17
CA SER A 80 1.56 -15.54 -8.62
C SER A 80 0.58 -16.48 -9.32
N ASN A 81 0.37 -16.27 -10.61
CA ASN A 81 -0.55 -17.11 -11.37
C ASN A 81 0.16 -18.33 -11.94
N MET A 82 -0.48 -19.48 -11.79
CA MET A 82 0.07 -20.74 -12.29
C MET A 82 0.29 -20.68 -13.80
N ALA A 83 -0.61 -19.99 -14.48
CA ALA A 83 -0.53 -19.85 -15.94
C ALA A 83 0.74 -19.12 -16.36
N GLY A 84 1.30 -19.49 -17.49
CA GLY A 84 2.50 -18.86 -17.98
C GLY A 84 2.45 -18.57 -19.47
N GLY A 1 2.66 23.10 -15.22
CA GLY A 1 1.65 22.09 -15.64
C GLY A 1 1.38 21.06 -14.56
N PRO A 2 1.27 19.78 -14.92
CA PRO A 2 1.01 18.71 -13.95
C PRO A 2 2.10 18.62 -12.88
N LEU A 3 1.70 18.32 -11.66
CA LEU A 3 2.65 18.21 -10.55
C LEU A 3 3.35 16.85 -10.58
N GLY A 4 4.64 16.86 -10.23
CA GLY A 4 5.41 15.63 -10.23
C GLY A 4 5.95 15.28 -11.60
N SER A 5 5.89 16.23 -12.52
CA SER A 5 6.38 16.02 -13.88
C SER A 5 7.86 15.68 -13.88
N MET A 6 8.60 16.29 -12.97
CA MET A 6 10.05 16.04 -12.87
C MET A 6 10.43 15.66 -11.44
N GLY A 7 11.50 14.88 -11.32
CA GLY A 7 11.97 14.46 -10.02
C GLY A 7 11.31 13.18 -9.54
N GLU A 8 11.84 12.63 -8.45
CA GLU A 8 11.30 11.39 -7.89
C GLU A 8 10.25 11.67 -6.82
N LYS A 9 9.77 12.92 -6.77
CA LYS A 9 8.74 13.29 -5.81
C LYS A 9 7.42 12.66 -6.20
N GLN A 10 7.43 11.99 -7.36
CA GLN A 10 6.25 11.31 -7.87
C GLN A 10 5.83 10.16 -6.96
N SER A 11 4.52 9.95 -6.83
CA SER A 11 3.99 8.88 -6.00
C SER A 11 3.14 7.93 -6.83
N LYS A 12 3.12 6.67 -6.43
CA LYS A 12 2.34 5.66 -7.15
C LYS A 12 1.20 5.14 -6.29
N GLY A 13 0.07 4.84 -6.92
CA GLY A 13 -1.08 4.34 -6.21
C GLY A 13 -1.93 5.45 -5.62
N TYR A 14 -3.22 5.17 -5.45
CA TYR A 14 -4.14 6.17 -4.89
C TYR A 14 -3.99 6.26 -3.38
N TRP A 15 -3.68 7.45 -2.88
CA TRP A 15 -3.52 7.67 -1.45
C TRP A 15 -4.83 8.16 -0.82
N GLN A 16 -5.36 7.39 0.12
CA GLN A 16 -6.59 7.76 0.82
C GLN A 16 -6.28 8.72 1.96
N GLU A 17 -7.04 9.80 2.02
CA GLU A 17 -6.84 10.84 3.04
C GLU A 17 -7.00 10.33 4.47
N ASP A 18 -6.34 11.02 5.39
CA ASP A 18 -6.37 10.69 6.80
C ASP A 18 -7.81 10.62 7.32
N GLU A 19 -8.61 11.62 6.97
CA GLU A 19 -9.99 11.70 7.41
C GLU A 19 -10.87 10.59 6.84
N ASP A 20 -10.67 10.28 5.57
CA ASP A 20 -11.45 9.23 4.92
C ASP A 20 -11.18 7.87 5.54
N ALA A 21 -9.94 7.66 5.98
CA ALA A 21 -9.53 6.40 6.59
C ALA A 21 -9.15 6.58 8.05
N PRO A 22 -10.16 6.75 8.93
CA PRO A 22 -9.94 6.93 10.37
C PRO A 22 -9.44 5.67 11.08
N ALA A 23 -9.52 4.55 10.37
CA ALA A 23 -9.07 3.27 10.91
C ALA A 23 -8.29 2.50 9.87
N CYS A 24 -7.49 1.53 10.32
CA CYS A 24 -6.67 0.73 9.42
C CYS A 24 -7.51 -0.10 8.47
N ASN A 25 -7.19 0.01 7.19
CA ASN A 25 -7.87 -0.73 6.13
C ASN A 25 -7.57 -2.22 6.22
N GLY A 26 -6.43 -2.57 6.81
CA GLY A 26 -6.03 -3.96 6.88
C GLY A 26 -6.60 -4.72 8.07
N CYS A 27 -6.33 -4.25 9.29
CA CYS A 27 -6.81 -4.94 10.48
C CYS A 27 -7.98 -4.22 11.15
N GLY A 28 -8.40 -3.10 10.59
CA GLY A 28 -9.52 -2.37 11.15
C GLY A 28 -9.17 -1.61 12.41
N CYS A 29 -7.90 -1.62 12.80
CA CYS A 29 -7.49 -0.90 14.01
C CYS A 29 -7.58 0.60 13.76
N VAL A 30 -7.96 1.34 14.79
CA VAL A 30 -8.12 2.78 14.65
C VAL A 30 -6.81 3.53 14.86
N PHE A 31 -6.64 4.61 14.12
CA PHE A 31 -5.44 5.44 14.22
C PHE A 31 -5.58 6.43 15.36
N THR A 32 -4.54 6.51 16.17
CA THR A 32 -4.51 7.41 17.32
C THR A 32 -3.29 8.33 17.26
N THR A 33 -3.28 9.34 18.12
CA THR A 33 -2.18 10.29 18.16
C THR A 33 -0.83 9.58 18.20
N THR A 34 -0.72 8.54 19.02
CA THR A 34 0.53 7.78 19.12
C THR A 34 0.83 7.05 17.81
N VAL A 35 -0.21 6.55 17.16
CA VAL A 35 -0.03 5.81 15.91
C VAL A 35 0.01 6.74 14.71
N ARG A 36 1.17 6.81 14.09
CA ARG A 36 1.37 7.63 12.91
C ARG A 36 0.68 6.99 11.72
N ARG A 37 0.15 7.82 10.83
CA ARG A 37 -0.56 7.35 9.65
C ARG A 37 0.42 7.11 8.51
N HIS A 38 0.18 6.06 7.73
CA HIS A 38 1.05 5.73 6.60
C HIS A 38 0.24 5.15 5.44
N HIS A 39 0.91 4.97 4.30
CA HIS A 39 0.26 4.44 3.11
C HIS A 39 1.05 3.29 2.50
N CYS A 40 0.34 2.35 1.88
CA CYS A 40 0.97 1.23 1.21
C CYS A 40 1.20 1.60 -0.25
N ARG A 41 2.38 1.26 -0.76
CA ARG A 41 2.75 1.59 -2.13
C ARG A 41 2.00 0.76 -3.18
N ASN A 42 1.23 -0.21 -2.72
CA ASN A 42 0.47 -1.07 -3.61
C ASN A 42 -0.99 -0.66 -3.69
N CYS A 43 -1.73 -0.89 -2.60
CA CYS A 43 -3.15 -0.56 -2.57
C CYS A 43 -3.36 0.95 -2.39
N GLY A 44 -2.37 1.62 -1.81
CA GLY A 44 -2.47 3.05 -1.62
C GLY A 44 -3.43 3.42 -0.51
N TYR A 45 -3.71 2.48 0.37
CA TYR A 45 -4.61 2.71 1.48
C TYR A 45 -3.83 3.03 2.75
N VAL A 46 -4.51 3.62 3.72
CA VAL A 46 -3.86 3.99 4.97
C VAL A 46 -3.66 2.77 5.86
N LEU A 47 -2.42 2.60 6.33
CA LEU A 47 -2.08 1.48 7.20
C LEU A 47 -1.29 1.97 8.41
N CYS A 48 -1.57 1.39 9.56
CA CYS A 48 -0.84 1.75 10.77
C CYS A 48 0.50 1.04 10.77
N GLY A 49 1.30 1.24 11.80
CA GLY A 49 2.60 0.58 11.84
C GLY A 49 2.48 -0.93 11.73
N ASP A 50 1.67 -1.50 12.61
CA ASP A 50 1.46 -2.96 12.64
C ASP A 50 1.00 -3.52 11.31
N CYS A 51 0.17 -2.75 10.59
CA CYS A 51 -0.34 -3.17 9.30
C CYS A 51 0.59 -2.77 8.17
N SER A 52 1.67 -2.07 8.51
CA SER A 52 2.65 -1.64 7.54
C SER A 52 4.05 -1.98 8.02
N ARG A 53 4.15 -3.01 8.87
CA ARG A 53 5.43 -3.45 9.39
C ARG A 53 6.17 -4.32 8.38
N HIS A 54 5.44 -4.86 7.40
CA HIS A 54 6.05 -5.70 6.39
C HIS A 54 6.75 -4.88 5.32
N ARG A 55 7.62 -5.54 4.56
CA ARG A 55 8.35 -4.89 3.49
C ARG A 55 8.44 -5.81 2.29
N ALA A 56 8.20 -5.26 1.11
CA ALA A 56 8.26 -6.04 -0.12
C ALA A 56 8.49 -5.17 -1.34
N ALA A 57 9.08 -5.74 -2.38
CA ALA A 57 9.33 -5.02 -3.62
C ALA A 57 8.11 -5.18 -4.52
N ILE A 58 7.85 -4.18 -5.36
CA ILE A 58 6.71 -4.22 -6.25
C ILE A 58 7.14 -3.98 -7.70
N PRO A 59 7.63 -5.04 -8.36
CA PRO A 59 8.12 -4.96 -9.75
C PRO A 59 7.02 -4.66 -10.78
N MET A 60 5.77 -4.73 -10.36
CA MET A 60 4.67 -4.42 -11.28
C MET A 60 4.41 -2.92 -11.25
N ARG A 61 4.52 -2.35 -10.06
CA ARG A 61 4.31 -0.92 -9.85
C ARG A 61 5.57 -0.14 -10.19
N GLY A 62 6.60 -0.87 -10.62
CA GLY A 62 7.85 -0.24 -10.98
C GLY A 62 8.84 -0.21 -9.82
N ILE A 63 8.47 -0.89 -8.73
CA ILE A 63 9.32 -0.94 -7.54
C ILE A 63 10.14 -2.23 -7.55
N THR A 64 11.41 -2.13 -7.95
CA THR A 64 12.29 -3.30 -8.02
C THR A 64 12.97 -3.56 -6.68
N GLU A 65 12.98 -2.57 -5.81
CA GLU A 65 13.58 -2.71 -4.49
C GLU A 65 12.49 -2.90 -3.45
N PRO A 66 12.73 -3.73 -2.43
CA PRO A 66 11.73 -3.98 -1.39
C PRO A 66 11.28 -2.69 -0.72
N GLU A 67 9.98 -2.45 -0.76
CA GLU A 67 9.40 -1.25 -0.16
C GLU A 67 8.30 -1.61 0.83
N ARG A 68 7.88 -0.63 1.62
CA ARG A 68 6.83 -0.84 2.62
C ARG A 68 5.46 -1.04 1.98
N VAL A 69 4.73 -2.02 2.53
CA VAL A 69 3.39 -2.35 2.08
C VAL A 69 2.54 -2.82 3.24
N CYS A 70 1.29 -3.15 2.98
CA CYS A 70 0.39 -3.65 4.01
C CYS A 70 0.42 -5.17 3.99
N ASP A 71 -0.59 -5.80 4.57
CA ASP A 71 -0.63 -7.26 4.61
C ASP A 71 -1.22 -7.87 3.34
N ALA A 72 -2.31 -7.30 2.84
CA ALA A 72 -2.95 -7.83 1.63
C ALA A 72 -2.06 -7.66 0.40
N CYS A 73 -1.47 -6.48 0.25
CA CYS A 73 -0.59 -6.19 -0.87
C CYS A 73 0.64 -7.08 -0.83
N TYR A 74 1.18 -7.28 0.36
CA TYR A 74 2.35 -8.14 0.53
C TYR A 74 2.03 -9.53 0.01
N LEU A 75 0.82 -10.00 0.31
CA LEU A 75 0.36 -11.32 -0.12
C LEU A 75 0.15 -11.41 -1.64
N ALA A 76 -0.61 -10.45 -2.19
CA ALA A 76 -0.90 -10.45 -3.61
C ALA A 76 0.38 -10.43 -4.45
N LEU A 77 1.34 -9.61 -4.03
CA LEU A 77 2.61 -9.52 -4.75
C LEU A 77 3.40 -10.82 -4.63
N ARG A 78 3.29 -11.47 -3.49
CA ARG A 78 3.99 -12.73 -3.26
C ARG A 78 3.42 -13.86 -4.11
N SER A 79 2.35 -13.58 -4.83
CA SER A 79 1.72 -14.58 -5.69
C SER A 79 2.73 -15.11 -6.70
N SER A 80 3.78 -14.34 -6.95
CA SER A 80 4.81 -14.72 -7.90
C SER A 80 6.13 -15.01 -7.18
N ASN A 81 6.93 -15.90 -7.75
CA ASN A 81 8.21 -16.27 -7.16
C ASN A 81 9.15 -15.07 -7.12
N MET A 82 10.05 -15.06 -6.14
CA MET A 82 11.01 -13.98 -5.99
C MET A 82 12.22 -14.18 -6.89
N ALA A 83 12.73 -13.09 -7.45
CA ALA A 83 13.89 -13.15 -8.33
C ALA A 83 15.14 -13.56 -7.56
N GLY A 84 15.04 -13.58 -6.23
CA GLY A 84 16.17 -13.95 -5.40
C GLY A 84 16.19 -13.18 -4.09
N GLY A 1 -2.63 10.51 -24.18
CA GLY A 1 -3.78 9.89 -24.88
C GLY A 1 -4.84 9.35 -23.93
N PRO A 2 -5.14 8.03 -23.94
CA PRO A 2 -6.16 7.46 -23.05
C PRO A 2 -5.77 7.60 -21.58
N LEU A 3 -4.53 7.23 -21.29
CA LEU A 3 -3.98 7.29 -19.95
C LEU A 3 -2.54 6.83 -20.00
N GLY A 4 -2.35 5.63 -20.57
CA GLY A 4 -1.03 5.05 -20.71
C GLY A 4 -0.15 5.24 -19.49
N SER A 5 1.04 5.80 -19.70
CA SER A 5 1.96 6.04 -18.60
C SER A 5 1.51 7.27 -17.83
N MET A 6 0.95 8.25 -18.56
CA MET A 6 0.46 9.49 -17.94
C MET A 6 -0.46 9.19 -16.76
N GLY A 7 -1.09 8.01 -16.79
CA GLY A 7 -1.98 7.61 -15.72
C GLY A 7 -1.30 7.59 -14.36
N GLU A 8 0.03 7.49 -14.34
CA GLU A 8 0.81 7.44 -13.09
C GLU A 8 0.41 8.53 -12.11
N LYS A 9 -0.27 9.59 -12.57
CA LYS A 9 -0.75 10.62 -11.65
C LYS A 9 -1.62 9.91 -10.58
N GLN A 10 -2.16 8.74 -10.96
CA GLN A 10 -2.91 7.88 -10.09
C GLN A 10 -1.94 7.26 -9.08
N SER A 11 -1.37 8.09 -8.18
CA SER A 11 -0.40 7.65 -7.16
C SER A 11 -0.44 6.14 -6.91
N LYS A 12 0.59 5.41 -7.39
CA LYS A 12 0.66 3.95 -7.25
C LYS A 12 0.13 3.52 -5.90
N GLY A 13 -1.15 3.20 -5.89
CA GLY A 13 -1.84 2.89 -4.68
C GLY A 13 -2.49 4.17 -4.19
N TYR A 14 -3.70 4.44 -4.67
CA TYR A 14 -4.42 5.66 -4.29
C TYR A 14 -4.34 5.94 -2.80
N TRP A 15 -3.87 7.12 -2.45
CA TRP A 15 -3.74 7.52 -1.06
C TRP A 15 -5.09 7.92 -0.48
N GLN A 16 -5.48 7.27 0.61
CA GLN A 16 -6.75 7.57 1.26
C GLN A 16 -6.54 8.65 2.32
N GLU A 17 -7.28 9.76 2.18
CA GLU A 17 -7.17 10.88 3.11
C GLU A 17 -7.28 10.43 4.57
N ASP A 18 -6.80 11.29 5.48
CA ASP A 18 -6.82 11.00 6.91
C ASP A 18 -8.24 10.73 7.39
N GLU A 19 -9.12 11.69 7.16
CA GLU A 19 -10.51 11.59 7.59
C GLU A 19 -11.20 10.40 6.92
N ASP A 20 -10.96 10.25 5.62
CA ASP A 20 -11.57 9.16 4.86
C ASP A 20 -11.16 7.80 5.41
N ALA A 21 -9.98 7.74 6.02
CA ALA A 21 -9.48 6.49 6.58
C ALA A 21 -9.20 6.63 8.08
N PRO A 22 -10.25 6.62 8.93
CA PRO A 22 -10.08 6.74 10.38
C PRO A 22 -9.59 5.44 11.02
N ALA A 23 -9.75 4.33 10.30
CA ALA A 23 -9.32 3.03 10.81
C ALA A 23 -8.51 2.29 9.75
N CYS A 24 -7.57 1.47 10.20
CA CYS A 24 -6.70 0.70 9.32
C CYS A 24 -7.51 -0.15 8.34
N ASN A 25 -7.26 0.03 7.05
CA ASN A 25 -7.97 -0.72 6.01
C ASN A 25 -7.67 -2.22 6.08
N GLY A 26 -6.55 -2.58 6.71
CA GLY A 26 -6.17 -3.98 6.81
C GLY A 26 -6.80 -4.70 7.99
N CYS A 27 -6.40 -4.33 9.19
CA CYS A 27 -6.92 -4.98 10.40
C CYS A 27 -8.18 -4.29 10.91
N GLY A 28 -8.32 -3.00 10.63
CA GLY A 28 -9.49 -2.27 11.09
C GLY A 28 -9.26 -1.57 12.42
N CYS A 29 -8.00 -1.32 12.76
CA CYS A 29 -7.68 -0.65 14.02
C CYS A 29 -7.80 0.85 13.87
N VAL A 30 -8.26 1.51 14.93
CA VAL A 30 -8.43 2.97 14.91
C VAL A 30 -7.09 3.67 15.08
N PHE A 31 -6.95 4.79 14.38
CA PHE A 31 -5.72 5.58 14.43
C PHE A 31 -5.78 6.62 15.55
N THR A 32 -4.73 6.66 16.38
CA THR A 32 -4.67 7.60 17.48
C THR A 32 -3.46 8.51 17.34
N THR A 33 -3.34 9.49 18.24
CA THR A 33 -2.22 10.43 18.22
C THR A 33 -0.88 9.70 18.25
N THR A 34 -0.85 8.54 18.90
CA THR A 34 0.36 7.75 19.00
C THR A 34 0.68 7.04 17.67
N VAL A 35 -0.34 6.45 17.06
CA VAL A 35 -0.16 5.77 15.79
C VAL A 35 -0.18 6.75 14.62
N ARG A 36 0.99 6.97 14.03
CA ARG A 36 1.13 7.87 12.89
C ARG A 36 0.56 7.21 11.64
N ARG A 37 0.29 8.00 10.61
CA ARG A 37 -0.29 7.47 9.37
C ARG A 37 0.77 6.99 8.39
N HIS A 38 0.37 6.01 7.55
CA HIS A 38 1.26 5.44 6.54
C HIS A 38 0.43 4.80 5.43
N HIS A 39 0.88 4.98 4.18
CA HIS A 39 0.17 4.42 3.03
C HIS A 39 0.91 3.24 2.44
N CYS A 40 0.18 2.36 1.77
CA CYS A 40 0.77 1.19 1.13
C CYS A 40 1.08 1.53 -0.34
N ARG A 41 2.31 1.24 -0.76
CA ARG A 41 2.75 1.55 -2.13
C ARG A 41 1.94 0.81 -3.19
N ASN A 42 1.24 -0.24 -2.79
CA ASN A 42 0.45 -1.04 -3.72
C ASN A 42 -1.01 -0.56 -3.78
N CYS A 43 -1.74 -0.76 -2.68
CA CYS A 43 -3.15 -0.35 -2.62
C CYS A 43 -3.28 1.15 -2.35
N GLY A 44 -2.46 1.66 -1.44
CA GLY A 44 -2.52 3.08 -1.12
C GLY A 44 -3.34 3.38 0.12
N TYR A 45 -4.12 2.40 0.57
CA TYR A 45 -4.96 2.58 1.74
C TYR A 45 -4.10 2.97 2.93
N VAL A 46 -4.72 3.49 3.97
CA VAL A 46 -3.99 3.89 5.15
C VAL A 46 -3.72 2.69 6.05
N LEU A 47 -2.47 2.56 6.49
CA LEU A 47 -2.07 1.46 7.35
C LEU A 47 -1.24 1.96 8.52
N CYS A 48 -1.44 1.35 9.68
CA CYS A 48 -0.70 1.72 10.88
C CYS A 48 0.66 1.03 10.89
N GLY A 49 1.38 1.16 12.00
CA GLY A 49 2.70 0.55 12.10
C GLY A 49 2.67 -0.96 11.93
N ASP A 50 1.90 -1.65 12.77
CA ASP A 50 1.78 -3.10 12.72
C ASP A 50 1.42 -3.58 11.32
N CYS A 51 0.36 -3.00 10.77
CA CYS A 51 -0.10 -3.37 9.43
C CYS A 51 0.90 -2.98 8.35
N SER A 52 1.74 -1.99 8.63
CA SER A 52 2.73 -1.55 7.67
C SER A 52 4.14 -1.82 8.19
N ARG A 53 4.33 -3.02 8.71
CA ARG A 53 5.63 -3.44 9.26
C ARG A 53 6.40 -4.28 8.23
N HIS A 54 5.66 -4.91 7.31
CA HIS A 54 6.26 -5.76 6.28
C HIS A 54 6.96 -4.94 5.19
N ARG A 55 7.71 -5.65 4.35
CA ARG A 55 8.43 -5.03 3.24
C ARG A 55 8.46 -5.99 2.05
N ALA A 56 8.27 -5.47 0.84
CA ALA A 56 8.28 -6.28 -0.35
C ALA A 56 8.45 -5.44 -1.61
N ALA A 57 9.28 -5.91 -2.53
CA ALA A 57 9.53 -5.20 -3.78
C ALA A 57 8.29 -5.27 -4.68
N ILE A 58 8.08 -4.24 -5.48
CA ILE A 58 6.92 -4.21 -6.37
C ILE A 58 7.35 -3.94 -7.82
N PRO A 59 7.90 -4.96 -8.52
CA PRO A 59 8.34 -4.82 -9.91
C PRO A 59 7.20 -4.46 -10.85
N MET A 60 5.98 -4.85 -10.47
CA MET A 60 4.81 -4.55 -11.29
C MET A 60 4.46 -3.07 -11.23
N ARG A 61 4.75 -2.43 -10.10
CA ARG A 61 4.46 -1.02 -9.92
C ARG A 61 5.72 -0.16 -10.11
N GLY A 62 6.72 -0.69 -10.81
CA GLY A 62 7.95 0.06 -11.04
C GLY A 62 8.85 0.14 -9.82
N ILE A 63 8.73 -0.83 -8.92
CA ILE A 63 9.53 -0.86 -7.70
C ILE A 63 10.31 -2.17 -7.62
N THR A 64 11.51 -2.17 -8.21
CA THR A 64 12.36 -3.36 -8.20
C THR A 64 13.04 -3.59 -6.85
N GLU A 65 13.04 -2.58 -5.99
CA GLU A 65 13.67 -2.70 -4.68
C GLU A 65 12.62 -2.93 -3.59
N PRO A 66 12.97 -3.68 -2.53
CA PRO A 66 12.03 -3.96 -1.43
C PRO A 66 11.48 -2.69 -0.81
N GLU A 67 10.15 -2.54 -0.85
CA GLU A 67 9.50 -1.35 -0.29
C GLU A 67 8.43 -1.75 0.72
N ARG A 68 8.01 -0.77 1.52
CA ARG A 68 7.01 -1.00 2.55
C ARG A 68 5.59 -1.14 1.97
N VAL A 69 4.86 -2.12 2.49
CA VAL A 69 3.49 -2.39 2.06
C VAL A 69 2.68 -2.85 3.27
N CYS A 70 1.45 -3.27 3.02
CA CYS A 70 0.58 -3.74 4.09
C CYS A 70 0.57 -5.27 4.13
N ASP A 71 -0.47 -5.86 4.69
CA ASP A 71 -0.57 -7.30 4.77
C ASP A 71 -1.12 -7.89 3.47
N ALA A 72 -2.24 -7.34 3.02
CA ALA A 72 -2.87 -7.81 1.78
C ALA A 72 -1.90 -7.72 0.61
N CYS A 73 -1.53 -6.49 0.26
CA CYS A 73 -0.61 -6.23 -0.85
C CYS A 73 0.66 -7.10 -0.75
N TYR A 74 1.18 -7.27 0.47
CA TYR A 74 2.35 -8.10 0.66
C TYR A 74 2.04 -9.53 0.19
N LEU A 75 0.79 -9.92 0.39
CA LEU A 75 0.32 -11.23 -0.04
C LEU A 75 -0.02 -11.19 -1.52
N ALA A 76 -0.68 -10.11 -1.94
CA ALA A 76 -1.06 -9.91 -3.33
C ALA A 76 0.14 -10.05 -4.25
N LEU A 77 1.22 -9.35 -3.92
CA LEU A 77 2.44 -9.44 -4.70
C LEU A 77 2.99 -10.86 -4.58
N ARG A 78 2.85 -11.44 -3.39
CA ARG A 78 3.24 -12.82 -3.15
C ARG A 78 2.42 -13.72 -4.06
N SER A 79 1.19 -13.28 -4.35
CA SER A 79 0.27 -14.01 -5.21
C SER A 79 0.86 -14.16 -6.61
N SER A 80 1.89 -13.37 -6.95
CA SER A 80 2.55 -13.45 -8.25
C SER A 80 3.28 -14.79 -8.34
N ASN A 81 2.49 -15.86 -8.43
CA ASN A 81 2.98 -17.24 -8.48
C ASN A 81 4.32 -17.39 -9.21
N MET A 82 5.15 -18.29 -8.69
CA MET A 82 6.48 -18.54 -9.25
C MET A 82 6.38 -18.96 -10.72
N ALA A 83 7.22 -18.34 -11.56
CA ALA A 83 7.24 -18.65 -12.99
C ALA A 83 8.29 -19.69 -13.31
N GLY A 84 8.62 -20.55 -12.35
CA GLY A 84 9.61 -21.58 -12.57
C GLY A 84 9.97 -22.31 -11.30
#